data_7JM6
#
_entry.id   7JM6
#
_cell.length_a   1.00
_cell.length_b   1.00
_cell.length_c   1.00
_cell.angle_alpha   90.00
_cell.angle_beta   90.00
_cell.angle_gamma   90.00
#
_symmetry.space_group_name_H-M   'P 1'
#
loop_
_entity.id
_entity.type
_entity.pdbx_description
1 polymer 'Chloride channel protein'
2 non-polymer "ADENOSINE-5'-TRIPHOSPHATE"
3 non-polymer 'MAGNESIUM ION'
4 non-polymer 'CHLORIDE ION'
5 non-polymer '(2R)-3-{[(R)-hydroxy{[(1S,2R,3S,4S,5R,6R)-2,3,4,6-tetrahydroxy-5-(phosphonooxy)cyclohexyl]oxy}phosphoryl]oxy}propane-1,2-diyl dinonanoate'
6 water water
#
_entity_poly.entity_id   1
_entity_poly.type   'polypeptide(L)'
_entity_poly.pdbx_seq_one_letter_code
;MANVAKKVSWSGRDPRDDEDERAGETTPLLNGTGPGSAGGARQFTPSSFLRPGQLSNVDLNEDIRELETELPRPYPNEIP
HNEKLLSLKYESLDYDNSENQLFLEEERRINHAAFRTVEIKRWVICAMIGILTGLVACFIDIVVENLAGLKYRVVKDNID
KFTEKGGLSFSLLLWATLNASVVMVGSVIVAFIEPVAAGSGIPQIKCYLNGVKIPHVVRLKTLVIKVCGVILSVVGGLAV
GKEGPMIHSGAVIAAGISQGRSTSLKRDFKIFEYFRRDTEKRDFVSAGAAAGVSAAFGAPVGGVLFSLEEGASFWNQFLT
WRIFFASMISTFTLNSVLSVYHGNAWDLSSPGLINFGRFDSEKMGYTIQEIPIFIFMGVVGGILGALFNALNYWLTMFRI
RYIHRPCLQVIEAMLVAAVTAAVGFVMIYCSRDCQPIQGSSVAYPLQLFCADGEYNSMATAFFNTPEKSVVNLFHDPPGS
YNPMTLGMFTLMYFFLACWTYGLTVSAGVFIPSLLIGAAWGRLFGISLSYLSKGSIWADPGKYALMGAAAQLGGIVRMTL
SLTVIMMEATGNVTYGFPIMLVLMTAKIVGDYFVEGLYDMHIQLQSVPFLHWEAPVTSHSLTAREVMSTPVTCLRRIERV
GTVVDILSDTSSNHNGFPVVESNPNTTQVAGLRGLILRSQLIVLLKHKVFVERANLNLVQRRLKLKDFRDAYPRFPPIQS
IHVSQDERECMIDLSEFMNPSPYTVPREASLPRVFKLFRALGLRHLVVVNNHNEVVGMVTRKDLARYRLGKEGLEELSLA
QT
;
_entity_poly.pdbx_strand_id   A,B
#
# COMPACT_ATOMS: atom_id res chain seq x y z
N LEU A 86 12.47 2.86 -25.20
CA LEU A 86 12.20 3.81 -26.28
C LEU A 86 13.50 4.39 -26.83
N SER A 87 14.41 4.73 -25.92
CA SER A 87 15.72 5.27 -26.28
C SER A 87 16.80 4.55 -25.49
N LEU A 88 17.95 4.37 -26.13
CA LEU A 88 19.07 3.65 -25.52
C LEU A 88 19.90 4.52 -24.59
N LYS A 89 19.62 5.83 -24.52
CA LYS A 89 20.34 6.69 -23.60
C LYS A 89 20.12 6.28 -22.15
N TYR A 90 19.03 5.57 -21.87
CA TYR A 90 18.62 5.26 -20.51
C TYR A 90 18.86 3.77 -20.23
N GLU A 91 19.62 3.49 -19.17
CA GLU A 91 19.82 2.13 -18.69
C GLU A 91 18.78 1.82 -17.62
N SER A 92 18.98 0.72 -16.90
CA SER A 92 18.03 0.27 -15.89
C SER A 92 18.77 -0.13 -14.62
N LEU A 93 18.05 -0.07 -13.50
CA LEU A 93 18.60 -0.47 -12.22
C LEU A 93 18.71 -1.99 -12.14
N ASP A 94 19.68 -2.46 -11.36
CA ASP A 94 19.84 -3.88 -11.09
C ASP A 94 19.19 -4.22 -9.74
N TYR A 95 17.86 -4.09 -9.73
CA TYR A 95 17.12 -4.25 -8.48
C TYR A 95 17.13 -5.69 -8.00
N ASP A 96 16.95 -6.64 -8.91
CA ASP A 96 16.96 -8.05 -8.54
C ASP A 96 18.40 -8.48 -8.29
N ASN A 97 18.73 -8.76 -7.04
CA ASN A 97 20.09 -9.07 -6.67
C ASN A 97 20.48 -10.45 -7.19
N SER A 98 21.75 -10.58 -7.59
CA SER A 98 22.29 -11.85 -8.06
C SER A 98 22.79 -12.63 -6.86
N GLU A 99 22.07 -13.70 -6.50
CA GLU A 99 22.47 -14.56 -5.38
C GLU A 99 23.54 -15.54 -5.84
N ASN A 100 24.70 -14.97 -6.17
CA ASN A 100 25.84 -15.76 -6.59
C ASN A 100 26.57 -16.33 -5.38
N GLN A 101 27.63 -17.10 -5.63
CA GLN A 101 28.33 -17.77 -4.54
C GLN A 101 28.95 -16.76 -3.59
N LEU A 102 29.51 -15.67 -4.12
CA LEU A 102 30.11 -14.65 -3.28
C LEU A 102 29.08 -14.03 -2.34
N PHE A 103 27.88 -13.76 -2.86
CA PHE A 103 26.83 -13.18 -2.03
C PHE A 103 26.44 -14.12 -0.90
N LEU A 104 26.32 -15.41 -1.20
CA LEU A 104 25.96 -16.37 -0.17
C LEU A 104 27.05 -16.50 0.87
N GLU A 105 28.32 -16.44 0.45
CA GLU A 105 29.42 -16.40 1.42
C GLU A 105 29.30 -15.20 2.34
N GLU A 106 29.04 -14.03 1.77
CA GLU A 106 28.91 -12.82 2.58
C GLU A 106 27.74 -12.95 3.55
N GLU A 107 26.63 -13.53 3.10
CA GLU A 107 25.48 -13.69 3.98
C GLU A 107 25.78 -14.67 5.12
N ARG A 108 26.52 -15.74 4.82
CA ARG A 108 26.92 -16.66 5.88
C ARG A 108 27.77 -15.95 6.92
N ARG A 109 28.74 -15.15 6.49
CA ARG A 109 29.57 -14.42 7.44
C ARG A 109 28.73 -13.41 8.23
N ILE A 110 27.80 -12.72 7.57
CA ILE A 110 26.94 -11.77 8.25
C ILE A 110 26.12 -12.46 9.34
N ASN A 111 25.55 -13.62 9.02
CA ASN A 111 24.81 -14.36 10.03
C ASN A 111 25.70 -14.79 11.18
N HIS A 112 26.93 -15.21 10.86
CA HIS A 112 27.86 -15.58 11.91
C HIS A 112 28.30 -14.39 12.76
N ALA A 113 28.07 -13.16 12.26
CA ALA A 113 28.47 -11.96 12.97
C ALA A 113 27.95 -11.91 14.41
N ALA A 114 26.88 -12.64 14.70
CA ALA A 114 26.23 -12.78 16.00
C ALA A 114 25.30 -11.61 16.30
N PHE A 115 25.10 -10.67 15.38
CA PHE A 115 24.12 -9.62 15.57
C PHE A 115 23.79 -9.00 14.22
N ARG A 116 22.50 -8.84 13.94
CA ARG A 116 22.04 -8.31 12.65
C ARG A 116 21.88 -6.81 12.79
N THR A 117 22.98 -6.08 12.60
CA THR A 117 22.97 -4.62 12.65
C THR A 117 22.51 -4.00 11.34
N VAL A 118 22.35 -4.80 10.28
CA VAL A 118 22.02 -4.25 8.97
C VAL A 118 20.66 -3.57 9.01
N GLU A 119 19.66 -4.23 9.63
CA GLU A 119 18.33 -3.64 9.72
C GLU A 119 18.36 -2.37 10.56
N ILE A 120 19.11 -2.39 11.66
CA ILE A 120 19.24 -1.19 12.49
C ILE A 120 19.85 -0.06 11.69
N LYS A 121 20.82 -0.38 10.83
CA LYS A 121 21.43 0.65 9.99
C LYS A 121 20.45 1.19 8.97
N ARG A 122 19.60 0.33 8.41
CA ARG A 122 18.55 0.81 7.53
C ARG A 122 17.64 1.80 8.26
N TRP A 123 17.29 1.47 9.50
CA TRP A 123 16.44 2.36 10.29
C TRP A 123 17.11 3.70 10.55
N VAL A 124 18.39 3.67 10.91
CA VAL A 124 19.12 4.90 11.16
C VAL A 124 19.19 5.75 9.89
N ILE A 125 19.40 5.10 8.75
CA ILE A 125 19.46 5.83 7.48
C ILE A 125 18.10 6.46 7.17
N CYS A 126 17.02 5.73 7.41
CA CYS A 126 15.70 6.31 7.15
C CYS A 126 15.44 7.51 8.04
N ALA A 127 15.85 7.43 9.31
CA ALA A 127 15.68 8.58 10.21
C ALA A 127 16.48 9.78 9.70
N MET A 128 17.73 9.55 9.29
CA MET A 128 18.53 10.67 8.78
C MET A 128 17.90 11.25 7.51
N ILE A 129 17.37 10.40 6.64
CA ILE A 129 16.71 10.89 5.43
C ILE A 129 15.56 11.80 5.81
N GLY A 130 14.71 11.37 6.74
CA GLY A 130 13.58 12.20 7.12
C GLY A 130 14.01 13.53 7.70
N ILE A 131 14.99 13.50 8.61
CA ILE A 131 15.44 14.73 9.24
C ILE A 131 16.01 15.68 8.20
N LEU A 132 16.84 15.17 7.29
CA LEU A 132 17.49 16.04 6.31
C LEU A 132 16.48 16.62 5.32
N THR A 133 15.50 15.82 4.91
CA THR A 133 14.47 16.34 4.01
C THR A 133 13.68 17.45 4.69
N GLY A 134 13.29 17.24 5.95
CA GLY A 134 12.61 18.28 6.68
C GLY A 134 13.44 19.54 6.79
N LEU A 135 14.75 19.39 7.04
CA LEU A 135 15.62 20.55 7.16
C LEU A 135 15.75 21.28 5.83
N VAL A 136 15.77 20.55 4.71
CA VAL A 136 15.79 21.19 3.40
C VAL A 136 14.53 22.03 3.21
N ALA A 137 13.37 21.47 3.59
CA ALA A 137 12.14 22.22 3.48
C ALA A 137 12.18 23.48 4.33
N CYS A 138 12.69 23.36 5.56
CA CYS A 138 12.81 24.53 6.43
C CYS A 138 13.71 25.59 5.80
N PHE A 139 14.86 25.16 5.25
CA PHE A 139 15.77 26.10 4.61
C PHE A 139 15.06 26.86 3.50
N ILE A 140 14.37 26.14 2.61
CA ILE A 140 13.71 26.80 1.50
C ILE A 140 12.66 27.78 2.01
N ASP A 141 11.83 27.34 2.96
CA ASP A 141 10.77 28.22 3.47
C ASP A 141 11.34 29.49 4.06
N ILE A 142 12.33 29.35 4.95
CA ILE A 142 12.88 30.52 5.63
C ILE A 142 13.55 31.46 4.65
N VAL A 143 14.37 30.92 3.75
CA VAL A 143 15.09 31.76 2.81
C VAL A 143 14.13 32.47 1.88
N VAL A 144 13.11 31.77 1.39
CA VAL A 144 12.12 32.40 0.52
C VAL A 144 11.41 33.52 1.25
N GLU A 145 10.99 33.28 2.49
CA GLU A 145 10.29 34.32 3.23
C GLU A 145 11.17 35.55 3.40
N ASN A 146 12.43 35.35 3.80
CA ASN A 146 13.31 36.49 4.02
C ASN A 146 13.57 37.26 2.73
N LEU A 147 13.83 36.55 1.63
CA LEU A 147 14.15 37.24 0.38
C LEU A 147 12.92 37.94 -0.19
N ALA A 148 11.74 37.34 -0.04
CA ALA A 148 10.52 38.01 -0.45
C ALA A 148 10.30 39.27 0.35
N GLY A 149 10.55 39.21 1.66
CA GLY A 149 10.47 40.41 2.47
C GLY A 149 11.44 41.47 2.01
N LEU A 150 12.66 41.06 1.64
CA LEU A 150 13.64 42.03 1.14
C LEU A 150 13.16 42.68 -0.15
N LYS A 151 12.61 41.88 -1.08
CA LYS A 151 12.11 42.45 -2.32
C LYS A 151 10.99 43.44 -2.04
N TYR A 152 10.06 43.05 -1.18
CA TYR A 152 8.94 43.94 -0.84
C TYR A 152 9.44 45.23 -0.22
N ARG A 153 10.40 45.14 0.70
CA ARG A 153 10.94 46.34 1.34
C ARG A 153 11.65 47.23 0.34
N VAL A 154 12.49 46.63 -0.52
CA VAL A 154 13.24 47.43 -1.48
C VAL A 154 12.30 48.17 -2.41
N VAL A 155 11.29 47.47 -2.93
CA VAL A 155 10.37 48.12 -3.87
C VAL A 155 9.52 49.14 -3.14
N LYS A 156 9.10 48.84 -1.91
CA LYS A 156 8.29 49.81 -1.17
C LYS A 156 9.07 51.11 -0.94
N ASP A 157 10.36 50.99 -0.63
CA ASP A 157 11.17 52.19 -0.47
C ASP A 157 11.42 52.90 -1.80
N ASN A 158 11.61 52.12 -2.87
CA ASN A 158 12.07 52.69 -4.13
C ASN A 158 10.94 53.28 -4.97
N ILE A 159 9.69 52.86 -4.73
CA ILE A 159 8.60 53.28 -5.62
C ILE A 159 8.39 54.78 -5.51
N ASP A 160 8.45 55.33 -4.31
CA ASP A 160 8.27 56.79 -4.18
C ASP A 160 9.29 57.52 -5.03
N LYS A 161 10.57 57.20 -4.83
CA LYS A 161 11.64 57.91 -5.54
C LYS A 161 11.51 57.76 -7.04
N PHE A 162 11.25 56.54 -7.52
CA PHE A 162 11.24 56.32 -8.97
C PHE A 162 9.96 56.87 -9.61
N THR A 163 8.82 56.71 -8.94
CA THR A 163 7.56 57.19 -9.51
C THR A 163 7.48 58.71 -9.50
N GLU A 164 8.19 59.36 -8.57
CA GLU A 164 8.12 60.81 -8.52
C GLU A 164 8.56 61.44 -9.83
N LYS A 165 9.65 60.94 -10.42
CA LYS A 165 10.20 61.51 -11.64
C LYS A 165 9.89 60.67 -12.88
N GLY A 166 10.18 59.38 -12.84
CA GLY A 166 9.98 58.55 -14.02
C GLY A 166 8.51 58.35 -14.35
N GLY A 167 7.68 58.13 -13.35
CA GLY A 167 6.27 57.84 -13.54
C GLY A 167 5.96 56.39 -13.23
N LEU A 168 4.68 56.06 -13.38
CA LEU A 168 4.23 54.69 -13.09
C LEU A 168 4.88 53.68 -14.03
N SER A 169 5.00 54.02 -15.30
CA SER A 169 5.60 53.10 -16.27
C SER A 169 7.05 52.81 -15.94
N PHE A 170 7.78 53.84 -15.47
CA PHE A 170 9.18 53.64 -15.10
C PHE A 170 9.30 52.63 -13.97
N SER A 171 8.45 52.75 -12.95
CA SER A 171 8.46 51.78 -11.85
C SER A 171 8.05 50.40 -12.34
N LEU A 172 7.08 50.34 -13.25
CA LEU A 172 6.71 49.06 -13.85
C LEU A 172 7.93 48.38 -14.47
N LEU A 173 8.67 49.12 -15.29
CA LEU A 173 9.86 48.55 -15.92
C LEU A 173 10.90 48.13 -14.89
N LEU A 174 11.12 48.96 -13.87
CA LEU A 174 12.12 48.65 -12.86
C LEU A 174 11.79 47.35 -12.13
N TRP A 175 10.54 47.21 -11.68
CA TRP A 175 10.15 46.01 -10.95
C TRP A 175 10.19 44.78 -11.86
N ALA A 176 9.75 44.94 -13.11
CA ALA A 176 9.83 43.82 -14.04
C ALA A 176 11.26 43.37 -14.24
N THR A 177 12.19 44.32 -14.32
CA THR A 177 13.60 43.98 -14.48
C THR A 177 14.15 43.31 -13.23
N LEU A 178 13.70 43.73 -12.04
CA LEU A 178 14.11 43.06 -10.81
C LEU A 178 13.72 41.58 -10.84
N ASN A 179 12.44 41.32 -11.12
CA ASN A 179 11.98 39.94 -11.22
C ASN A 179 12.75 39.18 -12.30
N ALA A 180 12.95 39.82 -13.45
CA ALA A 180 13.68 39.19 -14.54
C ALA A 180 15.10 38.85 -14.14
N SER A 181 15.73 39.69 -13.32
CA SER A 181 17.11 39.43 -12.91
C SER A 181 17.19 38.21 -11.99
N VAL A 182 16.29 38.13 -11.02
CA VAL A 182 16.30 36.94 -10.15
C VAL A 182 16.06 35.69 -10.98
N VAL A 183 15.05 35.73 -11.85
CA VAL A 183 14.75 34.58 -12.70
C VAL A 183 15.92 34.29 -13.64
N MET A 184 16.66 35.33 -14.02
CA MET A 184 17.80 35.16 -14.91
C MET A 184 18.90 34.36 -14.24
N VAL A 185 19.20 34.71 -12.98
CA VAL A 185 20.21 33.94 -12.25
C VAL A 185 19.76 32.48 -12.11
N GLY A 186 18.50 32.26 -11.75
CA GLY A 186 18.01 30.89 -11.62
C GLY A 186 18.11 30.11 -12.91
N SER A 187 17.64 30.69 -14.00
CA SER A 187 17.68 30.01 -15.29
C SER A 187 19.10 29.78 -15.77
N VAL A 188 20.02 30.70 -15.48
CA VAL A 188 21.42 30.48 -15.82
C VAL A 188 21.93 29.24 -15.10
N ILE A 189 21.73 29.17 -13.78
CA ILE A 189 22.30 28.04 -13.06
C ILE A 189 21.67 26.74 -13.54
N VAL A 190 20.41 26.76 -13.97
CA VAL A 190 19.79 25.53 -14.44
C VAL A 190 20.32 25.14 -15.82
N ALA A 191 20.33 26.08 -16.77
CA ALA A 191 20.66 25.73 -18.15
C ALA A 191 22.15 25.48 -18.34
N PHE A 192 22.98 26.32 -17.73
CA PHE A 192 24.41 26.37 -17.99
C PHE A 192 25.23 25.48 -17.06
N ILE A 193 24.65 24.98 -15.98
CA ILE A 193 25.35 24.12 -15.04
C ILE A 193 24.75 22.72 -14.99
N GLU A 194 23.43 22.62 -14.85
CA GLU A 194 22.76 21.33 -14.69
C GLU A 194 21.36 21.41 -15.26
N PRO A 195 21.19 21.10 -16.55
CA PRO A 195 19.84 21.15 -17.13
C PRO A 195 18.85 20.17 -16.50
N VAL A 196 19.33 19.09 -15.88
CA VAL A 196 18.43 18.15 -15.25
C VAL A 196 17.64 18.81 -14.13
N ALA A 197 18.21 19.85 -13.52
CA ALA A 197 17.55 20.52 -12.40
C ALA A 197 16.26 21.19 -12.82
N ALA A 198 16.03 21.37 -14.12
CA ALA A 198 14.81 22.01 -14.58
C ALA A 198 13.59 21.19 -14.18
N GLY A 199 12.54 21.87 -13.74
CA GLY A 199 11.29 21.23 -13.39
C GLY A 199 11.22 20.81 -11.94
N SER A 200 10.16 20.06 -11.64
CA SER A 200 9.93 19.61 -10.28
C SER A 200 10.88 18.47 -9.90
N GLY A 201 11.24 17.64 -10.86
CA GLY A 201 11.94 16.41 -10.58
C GLY A 201 11.04 15.21 -10.43
N ILE A 202 9.73 15.43 -10.32
CA ILE A 202 8.81 14.31 -10.11
C ILE A 202 8.83 13.33 -11.28
N PRO A 203 8.80 13.76 -12.54
CA PRO A 203 8.90 12.78 -13.62
C PRO A 203 10.15 11.91 -13.53
N GLN A 204 11.27 12.54 -13.19
CA GLN A 204 12.53 11.81 -13.07
C GLN A 204 12.49 10.80 -11.92
N ILE A 205 11.92 11.19 -10.78
CA ILE A 205 11.82 10.27 -9.66
C ILE A 205 10.85 9.15 -9.98
N LYS A 206 9.76 9.45 -10.70
CA LYS A 206 8.85 8.40 -11.14
C LYS A 206 9.56 7.40 -12.04
N CYS A 207 10.39 7.90 -12.95
CA CYS A 207 11.16 6.99 -13.81
C CYS A 207 12.16 6.18 -13.00
N TYR A 208 12.82 6.80 -12.02
CA TYR A 208 13.79 6.09 -11.20
C TYR A 208 13.12 4.97 -10.41
N LEU A 209 11.98 5.26 -9.79
CA LEU A 209 11.25 4.24 -9.06
C LEU A 209 10.66 3.19 -10.00
N ASN A 210 10.34 3.59 -11.23
CA ASN A 210 9.92 2.63 -12.24
C ASN A 210 11.04 1.67 -12.58
N GLY A 211 12.29 2.16 -12.54
CA GLY A 211 13.45 1.30 -12.74
C GLY A 211 14.39 1.79 -13.81
N VAL A 212 14.18 3.01 -14.30
CA VAL A 212 15.00 3.59 -15.37
C VAL A 212 15.90 4.65 -14.76
N LYS A 213 17.14 4.70 -15.23
CA LYS A 213 18.16 5.58 -14.67
C LYS A 213 18.38 6.76 -15.63
N ILE A 214 17.80 7.90 -15.28
CA ILE A 214 18.04 9.13 -16.02
C ILE A 214 19.39 9.68 -15.56
N PRO A 215 20.18 10.28 -16.44
CA PRO A 215 21.63 10.40 -16.16
C PRO A 215 22.00 11.01 -14.81
N HIS A 216 21.59 12.24 -14.54
CA HIS A 216 22.12 13.00 -13.41
C HIS A 216 21.03 13.32 -12.38
N VAL A 217 20.05 12.43 -12.23
CA VAL A 217 18.91 12.74 -11.35
C VAL A 217 19.37 12.82 -9.89
N VAL A 218 20.21 11.89 -9.46
CA VAL A 218 20.67 11.88 -8.08
C VAL A 218 22.13 12.31 -8.04
N ARG A 219 22.39 13.60 -7.91
CA ARG A 219 23.76 14.11 -7.82
C ARG A 219 23.73 15.28 -6.85
N LEU A 220 24.82 15.58 -6.18
CA LEU A 220 24.95 16.71 -5.26
C LEU A 220 24.75 18.03 -6.00
N LYS A 221 25.37 18.16 -7.17
CA LYS A 221 25.20 19.37 -7.97
C LYS A 221 23.75 19.58 -8.34
N THR A 222 23.04 18.52 -8.72
CA THR A 222 21.64 18.65 -9.09
C THR A 222 20.80 19.12 -7.92
N LEU A 223 21.02 18.57 -6.73
CA LEU A 223 20.26 19.00 -5.56
C LEU A 223 20.53 20.47 -5.24
N VAL A 224 21.81 20.85 -5.25
CA VAL A 224 22.16 22.24 -4.93
C VAL A 224 21.47 23.18 -5.92
N ILE A 225 21.58 22.87 -7.21
CA ILE A 225 20.99 23.72 -8.22
C ILE A 225 19.47 23.76 -8.07
N LYS A 226 18.87 22.62 -7.75
CA LYS A 226 17.41 22.57 -7.62
C LYS A 226 16.94 23.48 -6.50
N VAL A 227 17.57 23.39 -5.33
CA VAL A 227 17.14 24.21 -4.20
C VAL A 227 17.36 25.69 -4.49
N CYS A 228 18.56 26.04 -4.97
CA CYS A 228 18.82 27.44 -5.28
C CYS A 228 17.85 27.96 -6.33
N GLY A 229 17.59 27.17 -7.36
CA GLY A 229 16.72 27.61 -8.43
C GLY A 229 15.28 27.77 -8.01
N VAL A 230 14.79 26.87 -7.14
CA VAL A 230 13.42 27.03 -6.67
C VAL A 230 13.29 28.28 -5.82
N ILE A 231 14.30 28.54 -4.97
CA ILE A 231 14.29 29.79 -4.20
C ILE A 231 14.24 30.98 -5.13
N LEU A 232 15.09 30.99 -6.16
CA LEU A 232 15.19 32.14 -7.04
C LEU A 232 13.93 32.31 -7.88
N SER A 233 13.31 31.20 -8.29
CA SER A 233 12.08 31.27 -9.07
C SER A 233 10.94 31.83 -8.24
N VAL A 234 10.79 31.35 -7.01
CA VAL A 234 9.71 31.86 -6.17
C VAL A 234 9.94 33.32 -5.84
N VAL A 235 11.18 33.69 -5.51
CA VAL A 235 11.48 35.09 -5.24
C VAL A 235 11.33 35.94 -6.49
N GLY A 236 11.47 35.34 -7.67
CA GLY A 236 11.34 36.05 -8.93
C GLY A 236 9.93 36.20 -9.44
N GLY A 237 8.93 35.75 -8.69
CA GLY A 237 7.54 35.96 -9.07
C GLY A 237 7.11 35.22 -10.32
N LEU A 238 7.53 33.96 -10.46
CA LEU A 238 6.98 33.12 -11.50
C LEU A 238 5.78 32.34 -10.96
N ALA A 239 4.91 31.91 -11.87
CA ALA A 239 3.73 31.12 -11.52
C ALA A 239 4.18 29.69 -11.21
N VAL A 240 4.87 29.55 -10.09
CA VAL A 240 5.50 28.29 -9.71
C VAL A 240 5.25 28.02 -8.24
N GLY A 241 5.55 26.78 -7.84
CA GLY A 241 5.45 26.38 -6.46
C GLY A 241 6.72 25.69 -6.02
N LYS A 242 6.92 25.66 -4.70
CA LYS A 242 8.11 25.08 -4.10
C LYS A 242 7.90 23.66 -3.60
N GLU A 243 6.71 23.09 -3.79
CA GLU A 243 6.44 21.75 -3.24
C GLU A 243 7.13 20.66 -4.05
N GLY A 244 7.07 20.75 -5.39
CA GLY A 244 7.54 19.69 -6.24
C GLY A 244 9.00 19.32 -6.07
N PRO A 245 9.92 20.29 -6.00
CA PRO A 245 11.34 19.95 -5.84
C PRO A 245 11.65 19.17 -4.58
N MET A 246 10.76 19.17 -3.60
CA MET A 246 11.03 18.48 -2.34
C MET A 246 11.16 16.98 -2.56
N ILE A 247 10.32 16.41 -3.43
CA ILE A 247 10.40 14.98 -3.71
C ILE A 247 11.77 14.62 -4.28
N HIS A 248 12.23 15.40 -5.26
CA HIS A 248 13.53 15.16 -5.87
C HIS A 248 14.65 15.32 -4.85
N SER A 249 14.56 16.36 -4.01
CA SER A 249 15.60 16.60 -3.02
C SER A 249 15.68 15.44 -2.03
N GLY A 250 14.53 14.96 -1.56
CA GLY A 250 14.53 13.80 -0.69
C GLY A 250 15.12 12.58 -1.35
N ALA A 251 14.79 12.36 -2.62
CA ALA A 251 15.35 11.22 -3.33
C ALA A 251 16.87 11.31 -3.41
N VAL A 252 17.39 12.50 -3.73
CA VAL A 252 18.84 12.67 -3.83
C VAL A 252 19.51 12.46 -2.48
N ILE A 253 18.93 13.01 -1.42
CA ILE A 253 19.50 12.81 -0.09
C ILE A 253 19.52 11.33 0.26
N ALA A 254 18.43 10.62 -0.03
CA ALA A 254 18.36 9.19 0.28
C ALA A 254 19.43 8.42 -0.48
N ALA A 255 19.60 8.72 -1.76
CA ALA A 255 20.65 8.06 -2.53
C ALA A 255 22.03 8.37 -1.95
N GLY A 256 22.24 9.62 -1.54
CA GLY A 256 23.57 10.02 -1.10
C GLY A 256 23.97 9.43 0.23
N ILE A 257 23.22 9.75 1.30
CA ILE A 257 23.69 9.41 2.63
C ILE A 257 23.72 7.90 2.83
N SER A 258 22.94 7.14 2.05
CA SER A 258 22.91 5.70 2.20
C SER A 258 24.24 5.08 1.81
N GLN A 259 24.95 5.70 0.87
CA GLN A 259 26.20 5.13 0.37
C GLN A 259 27.31 5.22 1.40
N GLY A 260 27.32 6.29 2.20
CA GLY A 260 28.41 6.53 3.11
C GLY A 260 29.62 7.18 2.48
N ARG A 261 29.52 7.58 1.22
CA ARG A 261 30.64 8.23 0.51
C ARG A 261 30.10 9.18 -0.55
N SER A 262 30.86 10.22 -0.87
CA SER A 262 30.47 11.21 -1.85
C SER A 262 31.39 11.08 -3.07
N THR A 263 30.82 10.65 -4.19
CA THR A 263 31.58 10.58 -5.43
C THR A 263 31.98 11.95 -5.92
N SER A 264 31.08 12.94 -5.81
CA SER A 264 31.38 14.27 -6.31
C SER A 264 32.52 14.91 -5.53
N LEU A 265 32.50 14.79 -4.21
CA LEU A 265 33.54 15.35 -3.36
C LEU A 265 34.72 14.41 -3.18
N LYS A 266 34.64 13.19 -3.72
CA LYS A 266 35.74 12.22 -3.64
C LYS A 266 36.16 12.00 -2.19
N ARG A 267 35.17 11.87 -1.31
CA ARG A 267 35.40 11.59 0.11
C ARG A 267 34.64 10.33 0.48
N ASP A 268 35.32 9.40 1.13
CA ASP A 268 34.74 8.13 1.53
C ASP A 268 34.71 8.05 3.05
N PHE A 269 33.51 8.02 3.61
CA PHE A 269 33.33 7.73 5.02
C PHE A 269 33.04 6.24 5.15
N LYS A 270 33.90 5.54 5.90
CA LYS A 270 33.91 4.07 5.89
C LYS A 270 32.70 3.56 6.67
N ILE A 271 31.53 3.73 6.04
CA ILE A 271 30.26 3.33 6.63
C ILE A 271 29.31 2.93 5.50
N PHE A 272 28.29 2.14 5.87
CA PHE A 272 27.21 1.78 4.95
C PHE A 272 27.74 1.20 3.65
N GLU A 273 28.73 0.32 3.76
CA GLU A 273 29.28 -0.34 2.58
C GLU A 273 28.36 -1.43 2.06
N TYR A 274 27.59 -2.06 2.96
CA TYR A 274 26.68 -3.13 2.55
C TYR A 274 25.55 -2.62 1.66
N PHE A 275 25.26 -1.32 1.68
CA PHE A 275 24.14 -0.76 0.95
C PHE A 275 24.55 -0.15 -0.39
N ARG A 276 25.75 -0.46 -0.88
CA ARG A 276 26.20 0.03 -2.18
C ARG A 276 25.74 -0.92 -3.29
N ARG A 277 24.42 -1.05 -3.39
CA ARG A 277 23.80 -1.85 -4.43
C ARG A 277 22.45 -1.21 -4.79
N ASP A 278 22.00 -1.48 -6.00
CA ASP A 278 20.84 -0.76 -6.53
C ASP A 278 19.56 -1.10 -5.79
N THR A 279 19.43 -2.31 -5.27
CA THR A 279 18.24 -2.69 -4.51
C THR A 279 18.06 -1.77 -3.30
N GLU A 280 19.10 -1.68 -2.48
CA GLU A 280 19.04 -0.84 -1.29
C GLU A 280 18.86 0.62 -1.66
N LYS A 281 19.52 1.06 -2.73
CA LYS A 281 19.42 2.45 -3.16
C LYS A 281 18.00 2.79 -3.58
N ARG A 282 17.33 1.87 -4.27
CA ARG A 282 15.95 2.11 -4.77
C ARG A 282 15.00 2.08 -3.59
N ASP A 283 15.25 1.27 -2.55
CA ASP A 283 14.44 1.31 -1.33
C ASP A 283 14.60 2.65 -0.62
N PHE A 284 15.84 3.11 -0.46
CA PHE A 284 16.09 4.37 0.23
C PHE A 284 15.50 5.53 -0.55
N VAL A 285 15.55 5.48 -1.88
CA VAL A 285 14.98 6.56 -2.69
C VAL A 285 13.47 6.59 -2.56
N SER A 286 12.83 5.42 -2.45
CA SER A 286 11.41 5.39 -2.17
C SER A 286 11.12 6.08 -0.85
N ALA A 287 11.90 5.77 0.19
CA ALA A 287 11.73 6.43 1.47
C ALA A 287 11.89 7.94 1.34
N GLY A 288 12.90 8.37 0.58
CA GLY A 288 13.15 9.80 0.44
C GLY A 288 12.04 10.52 -0.30
N ALA A 289 11.50 9.90 -1.36
CA ALA A 289 10.39 10.50 -2.07
C ALA A 289 9.16 10.63 -1.17
N ALA A 290 8.88 9.59 -0.38
CA ALA A 290 7.78 9.68 0.56
C ALA A 290 8.00 10.81 1.57
N ALA A 291 9.24 10.93 2.07
CA ALA A 291 9.56 12.00 3.00
C ALA A 291 9.37 13.36 2.36
N GLY A 292 9.76 13.50 1.09
CA GLY A 292 9.56 14.76 0.40
C GLY A 292 8.10 15.12 0.28
N VAL A 293 7.27 14.15 -0.11
CA VAL A 293 5.82 14.41 -0.17
C VAL A 293 5.30 14.83 1.19
N SER A 294 5.72 14.13 2.25
CA SER A 294 5.23 14.41 3.59
C SER A 294 5.62 15.82 4.03
N ALA A 295 6.87 16.22 3.77
CA ALA A 295 7.30 17.56 4.15
C ALA A 295 6.61 18.62 3.29
N ALA A 296 6.29 18.28 2.04
CA ALA A 296 5.65 19.25 1.16
C ALA A 296 4.22 19.53 1.58
N PHE A 297 3.43 18.47 1.84
CA PHE A 297 2.02 18.64 2.11
C PHE A 297 1.63 18.23 3.53
N GLY A 298 2.58 17.85 4.37
CA GLY A 298 2.23 17.34 5.69
C GLY A 298 1.39 16.08 5.60
N ALA A 299 1.70 15.20 4.66
CA ALA A 299 0.90 14.02 4.35
C ALA A 299 1.80 12.78 4.37
N PRO A 300 2.02 12.20 5.55
CA PRO A 300 2.89 11.00 5.61
C PRO A 300 2.33 9.80 4.86
N VAL A 301 1.09 9.41 5.16
CA VAL A 301 0.49 8.24 4.52
C VAL A 301 0.38 8.47 3.02
N GLY A 302 0.07 9.69 2.61
CA GLY A 302 0.03 10.00 1.19
C GLY A 302 1.37 9.80 0.52
N GLY A 303 2.45 10.18 1.19
CA GLY A 303 3.77 9.93 0.62
C GLY A 303 4.09 8.46 0.52
N VAL A 304 3.74 7.70 1.55
CA VAL A 304 3.95 6.25 1.50
C VAL A 304 3.21 5.67 0.31
N LEU A 305 1.97 6.09 0.10
CA LEU A 305 1.17 5.57 -1.00
C LEU A 305 1.73 6.01 -2.35
N PHE A 306 2.27 7.23 -2.42
CA PHE A 306 2.91 7.68 -3.65
C PHE A 306 4.08 6.78 -4.00
N SER A 307 4.93 6.49 -3.02
CA SER A 307 6.07 5.60 -3.27
C SER A 307 5.60 4.22 -3.67
N LEU A 308 4.58 3.69 -3.00
CA LEU A 308 4.06 2.37 -3.36
C LEU A 308 3.54 2.35 -4.79
N GLU A 309 2.79 3.38 -5.18
CA GLU A 309 2.30 3.46 -6.55
C GLU A 309 3.45 3.47 -7.54
N GLU A 310 4.44 4.32 -7.32
CA GLU A 310 5.53 4.42 -8.28
C GLU A 310 6.32 3.12 -8.39
N GLY A 311 6.61 2.48 -7.25
CA GLY A 311 7.35 1.23 -7.30
C GLY A 311 6.60 0.11 -7.98
N ALA A 312 5.33 -0.07 -7.64
CA ALA A 312 4.51 -1.13 -8.21
C ALA A 312 5.22 -2.48 -8.12
N SER A 313 5.60 -2.85 -6.92
CA SER A 313 6.38 -4.05 -6.67
C SER A 313 5.66 -4.97 -5.70
N PHE A 314 6.28 -6.11 -5.43
CA PHE A 314 5.79 -7.02 -4.41
C PHE A 314 5.75 -6.31 -3.06
N TRP A 315 4.77 -6.69 -2.24
CA TRP A 315 4.60 -6.05 -0.95
C TRP A 315 5.70 -6.47 0.02
N ASN A 316 6.37 -5.48 0.60
CA ASN A 316 7.36 -5.70 1.66
C ASN A 316 6.92 -4.88 2.87
N GLN A 317 6.47 -5.59 3.91
CA GLN A 317 5.98 -4.91 5.12
C GLN A 317 7.09 -4.08 5.75
N PHE A 318 8.29 -4.63 5.81
CA PHE A 318 9.43 -3.96 6.44
C PHE A 318 9.76 -2.65 5.74
N LEU A 319 9.84 -2.68 4.40
CA LEU A 319 10.18 -1.48 3.65
C LEU A 319 9.09 -0.43 3.77
N THR A 320 7.83 -0.84 3.71
CA THR A 320 6.74 0.11 3.84
C THR A 320 6.76 0.76 5.22
N TRP A 321 7.04 -0.03 6.25
CA TRP A 321 7.11 0.51 7.61
C TRP A 321 8.26 1.50 7.75
N ARG A 322 9.40 1.20 7.12
CA ARG A 322 10.51 2.14 7.14
C ARG A 322 10.17 3.43 6.40
N ILE A 323 9.48 3.32 5.26
CA ILE A 323 9.08 4.51 4.51
C ILE A 323 8.13 5.36 5.35
N PHE A 324 7.19 4.72 6.04
CA PHE A 324 6.29 5.43 6.94
C PHE A 324 7.07 6.15 8.03
N PHE A 325 8.07 5.47 8.61
CA PHE A 325 8.92 6.06 9.63
C PHE A 325 9.61 7.31 9.11
N ALA A 326 10.18 7.22 7.91
CA ALA A 326 10.87 8.36 7.31
C ALA A 326 9.91 9.54 7.07
N SER A 327 8.72 9.24 6.52
CA SER A 327 7.76 10.32 6.25
C SER A 327 7.33 11.01 7.53
N MET A 328 7.04 10.23 8.57
CA MET A 328 6.64 10.81 9.84
C MET A 328 7.73 11.71 10.40
N ILE A 329 8.99 11.25 10.36
CA ILE A 329 10.06 12.08 10.90
C ILE A 329 10.25 13.33 10.05
N SER A 330 10.05 13.23 8.73
CA SER A 330 10.18 14.41 7.89
C SER A 330 9.19 15.48 8.30
N THR A 331 7.91 15.11 8.40
CA THR A 331 6.90 16.11 8.78
C THR A 331 7.15 16.62 10.20
N PHE A 332 7.53 15.73 11.11
CA PHE A 332 7.78 16.15 12.48
C PHE A 332 8.93 17.16 12.55
N THR A 333 10.03 16.87 11.86
CA THR A 333 11.16 17.78 11.88
C THR A 333 10.80 19.13 11.29
N LEU A 334 10.14 19.13 10.14
CA LEU A 334 9.73 20.40 9.53
C LEU A 334 8.88 21.20 10.51
N ASN A 335 7.85 20.57 11.08
CA ASN A 335 6.95 21.29 11.96
C ASN A 335 7.67 21.83 13.19
N SER A 336 8.51 21.00 13.81
CA SER A 336 9.20 21.43 15.03
C SER A 336 10.14 22.59 14.77
N VAL A 337 10.97 22.47 13.73
CA VAL A 337 11.92 23.53 13.44
C VAL A 337 11.20 24.83 13.08
N LEU A 338 10.14 24.73 12.26
CA LEU A 338 9.41 25.94 11.90
C LEU A 338 8.75 26.57 13.12
N SER A 339 8.20 25.75 14.01
CA SER A 339 7.58 26.29 15.21
C SER A 339 8.60 27.02 16.06
N VAL A 340 9.80 26.46 16.21
CA VAL A 340 10.84 27.14 16.98
C VAL A 340 11.25 28.44 16.29
N TYR A 341 11.22 28.44 14.95
CA TYR A 341 11.63 29.64 14.21
C TYR A 341 10.54 30.70 14.24
N HIS A 342 9.37 30.39 13.65
CA HIS A 342 8.34 31.40 13.52
C HIS A 342 7.75 31.78 14.87
N GLY A 343 7.39 30.78 15.68
CA GLY A 343 7.07 31.00 17.08
C GLY A 343 8.28 30.76 17.97
N ASN A 344 8.09 31.04 19.25
CA ASN A 344 9.11 30.79 20.26
C ASN A 344 8.83 29.52 21.07
N ALA A 345 7.94 28.66 20.59
CA ALA A 345 7.58 27.43 21.27
C ALA A 345 7.54 26.28 20.27
N TRP A 346 7.63 25.07 20.78
CA TRP A 346 7.67 23.87 19.96
C TRP A 346 6.30 23.37 19.54
N ASP A 347 5.22 24.07 19.92
CA ASP A 347 3.88 23.63 19.57
C ASP A 347 3.75 23.44 18.07
N LEU A 348 3.18 22.31 17.67
CA LEU A 348 3.19 21.90 16.27
C LEU A 348 2.02 22.54 15.55
N SER A 349 2.33 23.42 14.60
CA SER A 349 1.31 24.09 13.80
C SER A 349 1.67 24.25 12.33
N SER A 350 2.80 23.70 11.88
CA SER A 350 3.26 23.84 10.50
C SER A 350 3.62 22.47 9.94
N PRO A 351 2.62 21.61 9.69
CA PRO A 351 2.91 20.27 9.18
C PRO A 351 3.69 20.25 7.87
N GLY A 352 3.39 21.15 6.94
CA GLY A 352 3.99 21.10 5.62
C GLY A 352 4.29 22.49 5.08
N LEU A 353 4.93 22.50 3.92
CA LEU A 353 5.26 23.76 3.26
C LEU A 353 4.00 24.53 2.89
N ILE A 354 3.00 23.85 2.35
CA ILE A 354 1.67 24.39 2.12
C ILE A 354 0.72 23.81 3.16
N ASN A 355 -0.07 24.66 3.77
CA ASN A 355 -1.08 24.23 4.75
C ASN A 355 -2.41 24.86 4.38
N PHE A 356 -3.38 24.01 4.03
CA PHE A 356 -4.67 24.52 3.58
C PHE A 356 -5.38 25.29 4.70
N GLY A 357 -5.43 24.72 5.89
CA GLY A 357 -6.12 25.28 7.02
C GLY A 357 -7.00 24.24 7.68
N ARG A 358 -7.96 24.71 8.46
CA ARG A 358 -8.91 23.85 9.17
C ARG A 358 -10.28 23.99 8.51
N PHE A 359 -10.89 22.87 8.16
CA PHE A 359 -12.17 22.85 7.47
C PHE A 359 -13.29 22.27 8.33
N ASP A 360 -13.06 22.15 9.64
CA ASP A 360 -14.04 21.55 10.55
C ASP A 360 -15.07 22.60 10.96
N SER A 361 -16.05 22.80 10.08
CA SER A 361 -17.12 23.77 10.32
C SER A 361 -18.39 23.26 9.66
N GLU A 362 -19.52 23.79 10.14
CA GLU A 362 -20.82 23.37 9.61
C GLU A 362 -20.96 23.75 8.15
N LYS A 363 -20.53 24.95 7.77
CA LYS A 363 -20.67 25.39 6.39
C LYS A 363 -19.96 24.44 5.44
N MET A 364 -18.86 23.83 5.89
CA MET A 364 -18.09 22.89 5.07
C MET A 364 -18.53 21.46 5.40
N GLY A 365 -19.78 21.17 5.05
CA GLY A 365 -20.37 19.85 5.25
C GLY A 365 -21.28 19.55 4.07
N TYR A 366 -21.02 18.43 3.40
CA TYR A 366 -21.67 18.11 2.12
C TYR A 366 -22.83 17.16 2.32
N THR A 367 -23.85 17.30 1.49
CA THR A 367 -24.98 16.37 1.56
C THR A 367 -24.99 15.44 0.35
N ILE A 368 -25.79 14.37 0.44
CA ILE A 368 -25.90 13.45 -0.69
C ILE A 368 -26.37 14.20 -1.92
N GLN A 369 -27.30 15.14 -1.76
CA GLN A 369 -27.77 15.89 -2.91
C GLN A 369 -26.63 16.59 -3.64
N GLU A 370 -25.57 16.94 -2.91
CA GLU A 370 -24.42 17.63 -3.47
C GLU A 370 -23.42 16.69 -4.15
N ILE A 371 -23.52 15.37 -3.92
CA ILE A 371 -22.58 14.44 -4.55
C ILE A 371 -22.59 14.57 -6.06
N PRO A 372 -23.74 14.58 -6.74
CA PRO A 372 -23.70 14.79 -8.20
C PRO A 372 -22.99 16.07 -8.60
N ILE A 373 -23.23 17.16 -7.88
CA ILE A 373 -22.63 18.44 -8.24
C ILE A 373 -21.11 18.31 -8.28
N PHE A 374 -20.53 17.76 -7.21
CA PHE A 374 -19.09 17.54 -7.19
C PHE A 374 -18.65 16.79 -8.44
N ILE A 375 -19.36 15.72 -8.80
CA ILE A 375 -18.97 14.94 -9.96
C ILE A 375 -18.89 15.83 -11.19
N PHE A 376 -19.88 16.70 -11.38
CA PHE A 376 -19.86 17.59 -12.54
C PHE A 376 -18.59 18.42 -12.56
N MET A 377 -18.19 18.97 -11.42
CA MET A 377 -16.97 19.77 -11.40
C MET A 377 -15.78 18.93 -11.83
N GLY A 378 -15.73 17.67 -11.41
CA GLY A 378 -14.69 16.79 -11.90
C GLY A 378 -14.59 16.82 -13.41
N VAL A 379 -15.74 16.69 -14.09
CA VAL A 379 -15.76 16.76 -15.54
C VAL A 379 -15.09 18.05 -16.00
N VAL A 380 -15.50 19.18 -15.41
CA VAL A 380 -14.88 20.45 -15.78
C VAL A 380 -13.38 20.37 -15.57
N GLY A 381 -12.95 19.92 -14.38
CA GLY A 381 -11.52 19.83 -14.13
C GLY A 381 -10.84 18.87 -15.08
N GLY A 382 -11.55 17.85 -15.54
CA GLY A 382 -10.99 16.95 -16.53
C GLY A 382 -10.79 17.63 -17.87
N ILE A 383 -11.73 18.49 -18.26
CA ILE A 383 -11.62 19.14 -19.55
C ILE A 383 -10.55 20.23 -19.51
N LEU A 384 -10.69 21.17 -18.57
CA LEU A 384 -9.71 22.25 -18.47
C LEU A 384 -8.30 21.68 -18.35
N GLY A 385 -8.11 20.70 -17.47
CA GLY A 385 -6.80 20.09 -17.36
C GLY A 385 -6.26 19.63 -18.70
N ALA A 386 -7.10 18.93 -19.48
CA ALA A 386 -6.66 18.54 -20.82
C ALA A 386 -6.22 19.75 -21.62
N LEU A 387 -7.04 20.79 -21.66
CA LEU A 387 -6.67 21.99 -22.40
C LEU A 387 -5.33 22.52 -21.93
N PHE A 388 -5.07 22.43 -20.62
CA PHE A 388 -3.74 22.75 -20.12
C PHE A 388 -2.69 21.88 -20.79
N ASN A 389 -2.76 20.57 -20.57
CA ASN A 389 -1.73 19.67 -21.06
C ASN A 389 -1.51 19.85 -22.55
N ALA A 390 -2.58 19.77 -23.34
CA ALA A 390 -2.45 19.90 -24.78
C ALA A 390 -1.65 21.14 -25.13
N LEU A 391 -2.04 22.29 -24.57
CA LEU A 391 -1.32 23.52 -24.89
C LEU A 391 0.17 23.36 -24.62
N ASN A 392 0.52 22.92 -23.41
CA ASN A 392 1.91 22.72 -23.08
C ASN A 392 2.61 21.87 -24.12
N TYR A 393 1.97 20.77 -24.53
CA TYR A 393 2.59 19.91 -25.53
C TYR A 393 3.08 20.75 -26.70
N TRP A 394 2.17 21.53 -27.30
CA TRP A 394 2.57 22.35 -28.43
C TRP A 394 3.70 23.28 -28.04
N LEU A 395 3.55 23.99 -26.92
CA LEU A 395 4.63 24.84 -26.44
C LEU A 395 5.93 24.05 -26.34
N THR A 396 5.89 22.88 -25.71
CA THR A 396 7.10 22.08 -25.58
C THR A 396 7.76 21.88 -26.94
N MET A 397 6.98 21.53 -27.96
CA MET A 397 7.56 21.31 -29.27
C MET A 397 8.29 22.55 -29.75
N PHE A 398 7.64 23.71 -29.67
CA PHE A 398 8.31 24.94 -30.06
C PHE A 398 9.65 25.05 -29.35
N ARG A 399 9.67 24.79 -28.04
CA ARG A 399 10.90 24.92 -27.28
C ARG A 399 11.94 23.92 -27.75
N ILE A 400 11.53 22.72 -28.14
CA ILE A 400 12.47 21.75 -28.68
C ILE A 400 13.01 22.23 -30.03
N ARG A 401 12.18 22.93 -30.80
CA ARG A 401 12.57 23.30 -32.15
C ARG A 401 13.44 24.55 -32.16
N TYR A 402 13.08 25.56 -31.37
CA TYR A 402 13.63 26.89 -31.51
C TYR A 402 14.27 27.45 -30.26
N ILE A 403 13.97 26.91 -29.08
CA ILE A 403 14.54 27.41 -27.84
C ILE A 403 15.39 26.29 -27.24
N HIS A 404 16.01 25.49 -28.12
CA HIS A 404 17.00 24.51 -27.67
C HIS A 404 18.22 25.15 -27.01
N ARG A 405 18.62 26.34 -27.43
CA ARG A 405 19.89 26.86 -26.92
C ARG A 405 19.75 27.32 -25.47
N PRO A 406 20.78 27.13 -24.65
CA PRO A 406 20.72 27.63 -23.26
C PRO A 406 20.51 29.14 -23.17
N CYS A 407 21.19 29.91 -24.01
CA CYS A 407 21.03 31.36 -23.96
C CYS A 407 19.61 31.76 -24.28
N LEU A 408 19.04 31.17 -25.34
CA LEU A 408 17.64 31.45 -25.66
C LEU A 408 16.72 31.00 -24.54
N GLN A 409 17.08 29.92 -23.83
CA GLN A 409 16.26 29.46 -22.71
C GLN A 409 16.26 30.49 -21.59
N VAL A 410 17.44 31.03 -21.26
CA VAL A 410 17.50 32.08 -20.24
C VAL A 410 16.69 33.29 -20.67
N ILE A 411 16.81 33.68 -21.94
CA ILE A 411 16.06 34.83 -22.43
C ILE A 411 14.57 34.58 -22.35
N GLU A 412 14.12 33.37 -22.68
CA GLU A 412 12.71 33.05 -22.62
C GLU A 412 12.19 33.09 -21.19
N ALA A 413 12.98 32.57 -20.24
CA ALA A 413 12.58 32.64 -18.85
C ALA A 413 12.46 34.09 -18.40
N MET A 414 13.40 34.94 -18.79
CA MET A 414 13.33 36.35 -18.45
C MET A 414 12.08 36.99 -19.05
N LEU A 415 11.78 36.66 -20.30
CA LEU A 415 10.60 37.23 -20.97
C LEU A 415 9.32 36.81 -20.27
N VAL A 416 9.23 35.53 -19.89
CA VAL A 416 8.05 35.05 -19.17
C VAL A 416 7.91 35.77 -17.85
N ALA A 417 9.01 35.94 -17.12
CA ALA A 417 8.94 36.66 -15.85
C ALA A 417 8.48 38.09 -16.05
N ALA A 418 8.99 38.77 -17.07
CA ALA A 418 8.60 40.15 -17.32
C ALA A 418 7.13 40.25 -17.67
N VAL A 419 6.63 39.34 -18.51
CA VAL A 419 5.21 39.36 -18.87
C VAL A 419 4.35 39.06 -17.66
N THR A 420 4.78 38.14 -16.80
CA THR A 420 4.05 37.86 -15.57
C THR A 420 3.97 39.11 -14.70
N ALA A 421 5.09 39.82 -14.55
CA ALA A 421 5.09 41.04 -13.77
C ALA A 421 4.15 42.08 -14.36
N ALA A 422 4.19 42.25 -15.68
CA ALA A 422 3.33 43.23 -16.33
C ALA A 422 1.85 42.88 -16.15
N VAL A 423 1.51 41.60 -16.28
CA VAL A 423 0.14 41.16 -16.04
C VAL A 423 -0.26 41.50 -14.61
N GLY A 424 0.64 41.25 -13.66
CA GLY A 424 0.36 41.61 -12.28
C GLY A 424 0.10 43.10 -12.10
N PHE A 425 0.92 43.95 -12.72
CA PHE A 425 0.71 45.39 -12.56
C PHE A 425 -0.62 45.82 -13.16
N VAL A 426 -0.91 45.36 -14.37
CA VAL A 426 -2.18 45.71 -15.03
C VAL A 426 -3.34 45.27 -14.14
N MET A 427 -3.28 44.03 -13.66
CA MET A 427 -4.19 43.51 -12.63
C MET A 427 -4.39 44.50 -11.50
N ILE A 428 -3.30 44.85 -10.81
CA ILE A 428 -3.40 45.58 -9.54
C ILE A 428 -3.99 46.96 -9.76
N TYR A 429 -3.60 47.62 -10.85
CA TYR A 429 -4.08 48.98 -11.07
C TYR A 429 -5.47 49.00 -11.69
N CYS A 430 -5.88 47.91 -12.35
CA CYS A 430 -7.24 47.84 -12.86
C CYS A 430 -8.23 47.54 -11.75
N SER A 431 -7.84 46.68 -10.80
CA SER A 431 -8.78 46.26 -9.77
C SER A 431 -9.26 47.44 -8.93
N ARG A 432 -8.35 48.32 -8.54
CA ARG A 432 -8.71 49.48 -7.72
C ARG A 432 -9.20 50.62 -8.60
N ALA A 461 -2.59 39.52 -5.64
CA ALA A 461 -2.22 38.14 -5.34
C ALA A 461 -0.94 37.73 -6.05
N PHE A 462 -0.62 38.44 -7.14
CA PHE A 462 0.64 38.19 -7.82
C PHE A 462 1.83 38.49 -6.93
N PHE A 463 1.76 39.58 -6.17
CA PHE A 463 2.82 39.88 -5.22
C PHE A 463 2.82 38.87 -4.07
N ASN A 464 1.64 38.40 -3.69
CA ASN A 464 1.50 37.46 -2.58
C ASN A 464 1.88 36.04 -3.02
N THR A 465 2.09 35.18 -2.03
CA THR A 465 2.43 33.79 -2.32
C THR A 465 1.21 33.05 -2.85
N PRO A 466 1.40 32.09 -3.76
CA PRO A 466 0.25 31.31 -4.23
C PRO A 466 -0.46 30.55 -3.13
N GLU A 467 0.29 30.03 -2.15
CA GLU A 467 -0.31 29.22 -1.10
C GLU A 467 -1.27 30.05 -0.25
N LYS A 468 -0.88 31.28 0.10
CA LYS A 468 -1.77 32.14 0.86
C LYS A 468 -3.03 32.46 0.07
N SER A 469 -2.89 32.68 -1.23
CA SER A 469 -4.07 32.92 -2.06
C SER A 469 -4.99 31.71 -2.06
N VAL A 470 -4.42 30.51 -2.16
CA VAL A 470 -5.23 29.29 -2.13
C VAL A 470 -5.97 29.19 -0.80
N VAL A 471 -5.27 29.45 0.30
CA VAL A 471 -5.89 29.37 1.62
C VAL A 471 -7.03 30.37 1.75
N ASN A 472 -6.80 31.61 1.32
CA ASN A 472 -7.83 32.63 1.40
C ASN A 472 -9.03 32.26 0.54
N LEU A 473 -8.79 31.72 -0.65
CA LEU A 473 -9.89 31.26 -1.50
C LEU A 473 -10.68 30.16 -0.79
N PHE A 474 -9.98 29.29 -0.07
CA PHE A 474 -10.68 28.20 0.62
C PHE A 474 -11.53 28.72 1.77
N HIS A 475 -11.01 29.66 2.56
CA HIS A 475 -11.58 29.94 3.87
C HIS A 475 -12.22 31.31 4.03
N ASP A 476 -12.02 32.24 3.09
CA ASP A 476 -12.57 33.57 3.26
C ASP A 476 -14.09 33.55 3.22
N PRO A 477 -14.73 34.56 3.81
CA PRO A 477 -16.21 34.55 3.90
C PRO A 477 -16.85 34.67 2.53
N PRO A 478 -18.17 34.43 2.44
CA PRO A 478 -18.81 34.29 1.13
C PRO A 478 -18.67 35.50 0.22
N GLY A 479 -18.77 36.71 0.75
CA GLY A 479 -18.78 37.91 -0.07
C GLY A 479 -17.42 38.51 -0.34
N SER A 480 -16.36 37.71 -0.28
CA SER A 480 -15.01 38.26 -0.29
C SER A 480 -14.59 38.72 -1.69
N TYR A 481 -14.94 37.96 -2.72
CA TYR A 481 -14.39 38.17 -4.06
C TYR A 481 -15.48 38.59 -5.05
N ASN A 482 -15.15 39.57 -5.89
CA ASN A 482 -16.02 39.90 -7.01
C ASN A 482 -15.83 38.88 -8.12
N PRO A 483 -16.91 38.31 -8.67
CA PRO A 483 -16.73 37.24 -9.67
C PRO A 483 -15.88 37.63 -10.87
N MET A 484 -16.09 38.84 -11.39
CA MET A 484 -15.41 39.34 -12.61
C MET A 484 -13.90 39.23 -12.45
N THR A 485 -13.30 39.82 -11.41
CA THR A 485 -11.87 39.85 -11.19
C THR A 485 -11.32 38.45 -10.92
N LEU A 486 -12.08 37.65 -10.17
CA LEU A 486 -11.66 36.27 -9.91
C LEU A 486 -11.56 35.47 -11.19
N GLY A 487 -12.52 35.64 -12.10
CA GLY A 487 -12.43 34.94 -13.38
C GLY A 487 -11.28 35.43 -14.24
N MET A 488 -11.05 36.75 -14.25
CA MET A 488 -9.90 37.28 -14.97
C MET A 488 -8.61 36.67 -14.46
N PHE A 489 -8.45 36.61 -13.13
CA PHE A 489 -7.29 35.98 -12.55
C PHE A 489 -7.20 34.52 -12.95
N THR A 490 -8.33 33.81 -12.92
CA THR A 490 -8.31 32.40 -13.29
C THR A 490 -7.76 32.21 -14.70
N LEU A 491 -8.30 32.96 -15.66
CA LEU A 491 -7.87 32.82 -17.05
C LEU A 491 -6.40 33.19 -17.21
N MET A 492 -6.00 34.36 -16.69
CA MET A 492 -4.63 34.81 -16.86
C MET A 492 -3.64 33.85 -16.20
N TYR A 493 -3.94 33.40 -14.98
CA TYR A 493 -3.04 32.48 -14.29
C TYR A 493 -2.99 31.13 -14.98
N PHE A 494 -4.12 30.68 -15.54
CA PHE A 494 -4.11 29.45 -16.32
C PHE A 494 -3.09 29.56 -17.45
N PHE A 495 -3.19 30.63 -18.24
CA PHE A 495 -2.30 30.74 -19.40
C PHE A 495 -0.86 31.02 -18.98
N LEU A 496 -0.66 31.70 -17.86
CA LEU A 496 0.70 31.95 -17.39
C LEU A 496 1.37 30.69 -16.86
N ALA A 497 0.63 29.89 -16.08
CA ALA A 497 1.16 28.64 -15.57
C ALA A 497 1.45 27.67 -16.71
N CYS A 498 0.58 27.63 -17.72
CA CYS A 498 0.87 26.79 -18.88
C CYS A 498 2.16 27.22 -19.57
N TRP A 499 2.41 28.51 -19.66
CA TRP A 499 3.58 29.06 -20.31
C TRP A 499 4.83 29.03 -19.43
N THR A 500 4.72 28.55 -18.19
CA THR A 500 5.82 28.53 -17.25
C THR A 500 6.31 27.14 -16.89
N TYR A 501 5.50 26.10 -17.10
CA TYR A 501 5.85 24.77 -16.59
C TYR A 501 7.14 24.25 -17.23
N GLY A 502 7.28 24.40 -18.54
CA GLY A 502 8.40 23.83 -19.25
C GLY A 502 9.65 24.68 -19.30
N LEU A 503 9.67 25.81 -18.60
CA LEU A 503 10.84 26.67 -18.62
C LEU A 503 12.02 25.99 -17.94
N THR A 504 13.21 26.45 -18.30
CA THR A 504 14.45 25.95 -17.69
C THR A 504 14.65 26.58 -16.32
N VAL A 505 13.69 26.33 -15.45
CA VAL A 505 13.69 26.86 -14.10
C VAL A 505 13.17 25.77 -13.17
N SER A 506 13.72 25.71 -11.96
CA SER A 506 13.28 24.73 -10.99
C SER A 506 11.95 25.17 -10.41
N ALA A 507 10.90 24.40 -10.67
CA ALA A 507 9.56 24.81 -10.31
C ALA A 507 8.64 23.60 -10.29
N GLY A 508 7.46 23.79 -9.68
CA GLY A 508 6.46 22.76 -9.64
C GLY A 508 5.13 23.29 -10.16
N VAL A 509 4.20 22.36 -10.40
CA VAL A 509 2.90 22.68 -10.98
C VAL A 509 1.76 22.35 -10.05
N PHE A 510 2.03 21.80 -8.86
CA PHE A 510 0.97 21.45 -7.94
C PHE A 510 0.21 22.68 -7.45
N ILE A 511 0.92 23.62 -6.84
CA ILE A 511 0.28 24.80 -6.24
C ILE A 511 -0.39 25.65 -7.32
N PRO A 512 0.23 25.87 -8.48
CA PRO A 512 -0.49 26.57 -9.55
C PRO A 512 -1.79 25.91 -9.93
N SER A 513 -1.79 24.58 -10.08
CA SER A 513 -3.00 23.85 -10.41
C SER A 513 -4.05 24.01 -9.33
N LEU A 514 -3.64 23.91 -8.07
CA LEU A 514 -4.58 24.07 -6.96
C LEU A 514 -5.16 25.47 -6.96
N LEU A 515 -4.35 26.48 -7.26
CA LEU A 515 -4.84 27.85 -7.29
C LEU A 515 -5.86 28.05 -8.40
N ILE A 516 -5.57 27.54 -9.60
CA ILE A 516 -6.52 27.66 -10.70
C ILE A 516 -7.84 26.98 -10.33
N GLY A 517 -7.75 25.75 -9.83
CA GLY A 517 -8.95 25.02 -9.45
C GLY A 517 -9.73 25.72 -8.36
N ALA A 518 -9.03 26.25 -7.36
CA ALA A 518 -9.71 26.96 -6.28
C ALA A 518 -10.44 28.18 -6.82
N ALA A 519 -9.81 28.91 -7.74
CA ALA A 519 -10.45 30.10 -8.29
C ALA A 519 -11.74 29.75 -9.01
N TRP A 520 -11.69 28.80 -9.96
CA TRP A 520 -12.93 28.54 -10.70
C TRP A 520 -13.92 27.75 -9.85
N GLY A 521 -13.45 27.04 -8.83
CA GLY A 521 -14.39 26.41 -7.90
C GLY A 521 -15.13 27.43 -7.05
N ARG A 522 -14.43 28.51 -6.65
CA ARG A 522 -15.06 29.60 -5.85
C ARG A 522 -16.00 30.37 -6.75
N LEU A 523 -15.75 30.46 -8.06
CA LEU A 523 -16.72 31.03 -8.98
C LEU A 523 -17.96 30.15 -9.08
N PHE A 524 -17.76 28.83 -9.18
CA PHE A 524 -18.89 27.91 -9.20
C PHE A 524 -19.71 28.02 -7.92
N GLY A 525 -19.05 28.15 -6.78
CA GLY A 525 -19.77 28.29 -5.52
C GLY A 525 -20.56 29.59 -5.45
N ILE A 526 -19.99 30.68 -5.94
CA ILE A 526 -20.71 31.95 -5.99
C ILE A 526 -21.97 31.82 -6.84
N SER A 527 -21.83 31.19 -8.01
CA SER A 527 -22.98 31.00 -8.88
C SER A 527 -24.04 30.13 -8.20
N LEU A 528 -23.62 29.07 -7.51
CA LEU A 528 -24.56 28.22 -6.79
C LEU A 528 -25.28 29.01 -5.71
N SER A 529 -24.54 29.83 -4.96
CA SER A 529 -25.15 30.62 -3.90
C SER A 529 -26.19 31.57 -4.46
N TYR A 530 -25.88 32.21 -5.60
CA TYR A 530 -26.88 33.07 -6.23
C TYR A 530 -28.10 32.25 -6.65
N LEU A 531 -27.88 31.10 -7.29
CA LEU A 531 -28.98 30.31 -7.83
C LEU A 531 -29.81 29.67 -6.73
N SER A 532 -29.21 29.36 -5.59
CA SER A 532 -29.91 28.71 -4.48
C SER A 532 -30.24 29.68 -3.36
N LYS A 533 -30.16 30.98 -3.60
CA LYS A 533 -30.53 32.01 -2.63
C LYS A 533 -29.75 31.86 -1.33
N GLY A 534 -28.43 31.92 -1.45
CA GLY A 534 -27.56 31.98 -0.29
C GLY A 534 -27.74 30.83 0.68
N SER A 535 -27.82 29.62 0.16
CA SER A 535 -28.01 28.45 1.01
C SER A 535 -26.72 28.12 1.76
N ILE A 536 -26.87 27.49 2.93
CA ILE A 536 -25.70 27.06 3.70
C ILE A 536 -24.93 25.99 2.94
N TRP A 537 -25.64 25.12 2.23
CA TRP A 537 -24.97 24.06 1.48
C TRP A 537 -24.15 24.63 0.33
N ALA A 538 -24.55 25.80 -0.18
CA ALA A 538 -23.83 26.46 -1.26
C ALA A 538 -22.80 27.44 -0.67
N ASP A 539 -21.72 26.87 -0.12
CA ASP A 539 -20.64 27.65 0.45
C ASP A 539 -19.46 27.69 -0.51
N PRO A 540 -18.98 28.88 -0.89
CA PRO A 540 -17.93 28.92 -1.93
C PRO A 540 -16.64 28.21 -1.58
N GLY A 541 -16.24 28.17 -0.30
CA GLY A 541 -14.95 27.60 0.03
C GLY A 541 -14.88 26.09 -0.18
N LYS A 542 -15.95 25.39 0.19
CA LYS A 542 -16.01 23.95 -0.04
C LYS A 542 -15.86 23.63 -1.53
N TYR A 543 -16.59 24.36 -2.37
CA TYR A 543 -16.48 24.17 -3.81
C TYR A 543 -15.10 24.58 -4.32
N ALA A 544 -14.46 25.54 -3.66
CA ALA A 544 -13.10 25.91 -4.04
C ALA A 544 -12.14 24.75 -3.80
N LEU A 545 -12.27 24.08 -2.65
CA LEU A 545 -11.45 22.89 -2.40
C LEU A 545 -11.71 21.81 -3.43
N MET A 546 -12.99 21.56 -3.73
CA MET A 546 -13.30 20.54 -4.72
C MET A 546 -12.72 20.89 -6.08
N GLY A 547 -12.80 22.17 -6.47
CA GLY A 547 -12.26 22.57 -7.75
C GLY A 547 -10.75 22.48 -7.80
N ALA A 548 -10.08 22.79 -6.69
CA ALA A 548 -8.64 22.59 -6.62
C ALA A 548 -8.30 21.13 -6.88
N ALA A 549 -8.99 20.22 -6.19
CA ALA A 549 -8.75 18.80 -6.40
C ALA A 549 -8.99 18.41 -7.85
N ALA A 550 -10.09 18.88 -8.43
CA ALA A 550 -10.44 18.49 -9.79
C ALA A 550 -9.42 19.00 -10.80
N GLN A 551 -8.99 20.25 -10.66
CA GLN A 551 -8.03 20.80 -11.61
C GLN A 551 -6.68 20.10 -11.49
N LEU A 552 -6.24 19.83 -10.26
CA LEU A 552 -4.99 19.09 -10.09
C LEU A 552 -5.09 17.69 -10.68
N GLY A 553 -6.23 17.05 -10.51
CA GLY A 553 -6.42 15.72 -11.10
C GLY A 553 -6.41 15.76 -12.61
N GLY A 554 -7.05 16.77 -13.19
CA GLY A 554 -7.05 16.89 -14.65
C GLY A 554 -5.67 17.14 -15.21
N ILE A 555 -4.91 18.06 -14.60
CA ILE A 555 -3.56 18.32 -15.08
C ILE A 555 -2.66 17.12 -14.80
N VAL A 556 -2.71 16.60 -13.58
CA VAL A 556 -1.93 15.43 -13.18
C VAL A 556 -2.89 14.35 -12.74
N ARG A 557 -2.74 13.16 -13.31
CA ARG A 557 -3.71 12.07 -13.10
C ARG A 557 -3.29 11.19 -11.93
N MET A 558 -3.30 11.77 -10.74
CA MET A 558 -3.00 11.06 -9.51
C MET A 558 -4.29 10.75 -8.77
N THR A 559 -4.41 9.49 -8.31
CA THR A 559 -5.70 9.02 -7.80
C THR A 559 -5.71 8.70 -6.30
N LEU A 560 -4.88 7.76 -5.86
CA LEU A 560 -4.89 7.35 -4.45
C LEU A 560 -4.05 8.28 -3.61
N SER A 561 -2.78 8.46 -3.99
CA SER A 561 -1.88 9.28 -3.19
C SER A 561 -2.41 10.70 -3.08
N LEU A 562 -2.95 11.23 -4.18
CA LEU A 562 -3.49 12.59 -4.13
C LEU A 562 -4.71 12.67 -3.24
N THR A 563 -5.58 11.65 -3.27
CA THR A 563 -6.75 11.65 -2.40
C THR A 563 -6.32 11.66 -0.94
N VAL A 564 -5.36 10.81 -0.57
CA VAL A 564 -4.92 10.75 0.81
C VAL A 564 -4.21 12.04 1.21
N ILE A 565 -3.43 12.61 0.29
CA ILE A 565 -2.74 13.86 0.57
C ILE A 565 -3.73 14.98 0.81
N MET A 566 -4.77 15.06 -0.03
CA MET A 566 -5.79 16.08 0.15
C MET A 566 -6.54 15.89 1.45
N MET A 567 -6.84 14.64 1.81
CA MET A 567 -7.52 14.39 3.07
C MET A 567 -6.66 14.85 4.24
N GLU A 568 -5.36 14.54 4.21
CA GLU A 568 -4.49 14.89 5.33
C GLU A 568 -4.26 16.40 5.42
N ALA A 569 -3.99 17.04 4.28
CA ALA A 569 -3.81 18.49 4.28
C ALA A 569 -5.07 19.20 4.72
N THR A 570 -6.22 18.73 4.24
CA THR A 570 -7.50 19.28 4.69
C THR A 570 -7.72 19.01 6.16
N GLY A 571 -7.26 17.87 6.65
CA GLY A 571 -7.44 17.48 8.03
C GLY A 571 -8.71 16.71 8.32
N ASN A 572 -9.58 16.53 7.33
CA ASN A 572 -10.86 15.84 7.50
C ASN A 572 -10.83 14.54 6.70
N VAL A 573 -11.30 13.47 7.31
CA VAL A 573 -11.38 12.19 6.62
C VAL A 573 -12.68 12.08 5.84
N THR A 574 -13.72 12.80 6.27
CA THR A 574 -15.02 12.69 5.61
C THR A 574 -15.01 13.31 4.22
N TYR A 575 -14.19 14.34 4.01
CA TYR A 575 -14.12 14.98 2.70
C TYR A 575 -13.43 14.11 1.66
N GLY A 576 -12.84 12.99 2.08
CA GLY A 576 -12.16 12.13 1.13
C GLY A 576 -13.10 11.54 0.09
N PHE A 577 -14.28 11.11 0.52
CA PHE A 577 -15.21 10.46 -0.42
C PHE A 577 -15.59 11.39 -1.57
N PRO A 578 -15.96 12.65 -1.34
CA PRO A 578 -16.15 13.56 -2.47
C PRO A 578 -14.87 13.83 -3.25
N ILE A 579 -13.78 14.11 -2.55
CA ILE A 579 -12.51 14.38 -3.22
C ILE A 579 -12.15 13.21 -4.11
N MET A 580 -12.46 12.00 -3.68
CA MET A 580 -12.26 10.83 -4.52
C MET A 580 -13.08 10.95 -5.81
N LEU A 581 -14.38 11.20 -5.70
CA LEU A 581 -15.25 11.14 -6.85
C LEU A 581 -14.84 12.16 -7.92
N VAL A 582 -14.49 13.38 -7.51
CA VAL A 582 -13.99 14.34 -8.47
C VAL A 582 -12.70 13.84 -9.09
N LEU A 583 -11.76 13.39 -8.27
CA LEU A 583 -10.47 12.94 -8.79
C LEU A 583 -10.65 11.78 -9.75
N MET A 584 -11.58 10.87 -9.45
CA MET A 584 -11.98 9.86 -10.41
C MET A 584 -12.38 10.50 -11.73
N THR A 585 -13.43 11.33 -11.69
CA THR A 585 -13.99 11.85 -12.92
C THR A 585 -12.96 12.65 -13.72
N ALA A 586 -12.21 13.52 -13.04
CA ALA A 586 -11.18 14.29 -13.72
C ALA A 586 -10.26 13.40 -14.52
N LYS A 587 -9.86 12.27 -13.95
CA LYS A 587 -9.03 11.33 -14.70
C LYS A 587 -9.80 10.76 -15.88
N ILE A 588 -10.99 10.22 -15.63
CA ILE A 588 -11.71 9.49 -16.67
C ILE A 588 -11.99 10.39 -17.85
N VAL A 589 -12.44 11.60 -17.58
CA VAL A 589 -12.64 12.57 -18.67
C VAL A 589 -11.30 12.97 -19.26
N GLY A 590 -10.32 13.27 -18.41
CA GLY A 590 -9.04 13.75 -18.92
C GLY A 590 -8.37 12.73 -19.83
N ASP A 591 -8.32 11.47 -19.40
CA ASP A 591 -7.70 10.44 -20.22
C ASP A 591 -8.40 10.31 -21.56
N TYR A 592 -9.66 10.77 -21.66
CA TYR A 592 -10.35 10.70 -22.94
C TYR A 592 -9.70 11.60 -23.97
N PHE A 593 -9.19 12.75 -23.55
CA PHE A 593 -8.65 13.73 -24.48
C PHE A 593 -7.13 13.60 -24.66
N VAL A 594 -6.36 13.70 -23.58
CA VAL A 594 -4.90 13.71 -23.65
C VAL A 594 -4.35 12.95 -22.44
N GLU A 595 -3.04 12.69 -22.46
CA GLU A 595 -2.42 12.03 -21.33
C GLU A 595 -1.95 13.05 -20.29
N GLY A 596 -1.54 12.54 -19.14
CA GLY A 596 -1.11 13.39 -18.06
C GLY A 596 0.17 14.13 -18.36
N LEU A 597 0.40 15.19 -17.57
CA LEU A 597 1.55 16.06 -17.81
C LEU A 597 2.87 15.31 -17.64
N TYR A 598 3.04 14.65 -16.50
CA TYR A 598 4.29 13.92 -16.26
C TYR A 598 4.46 12.80 -17.28
N ASP A 599 3.39 12.04 -17.54
CA ASP A 599 3.48 11.05 -18.60
C ASP A 599 3.87 11.72 -19.90
N MET A 600 3.16 12.77 -20.31
CA MET A 600 3.44 13.43 -21.58
C MET A 600 4.91 13.77 -21.72
N HIS A 601 5.50 14.33 -20.67
CA HIS A 601 6.91 14.70 -20.75
C HIS A 601 7.80 13.46 -20.78
N ILE A 602 7.36 12.37 -20.13
CA ILE A 602 8.14 11.13 -20.20
C ILE A 602 8.13 10.58 -21.63
N GLN A 603 6.97 10.56 -22.28
CA GLN A 603 6.97 10.16 -23.69
C GLN A 603 7.88 11.06 -24.51
N LEU A 604 7.80 12.38 -24.31
CA LEU A 604 8.60 13.28 -25.12
C LEU A 604 10.09 13.05 -24.91
N GLN A 605 10.49 12.70 -23.68
CA GLN A 605 11.89 12.39 -23.42
C GLN A 605 12.27 11.01 -23.95
N SER A 606 11.28 10.22 -24.36
CA SER A 606 11.52 8.90 -24.95
C SER A 606 12.11 7.94 -23.94
N VAL A 607 11.78 8.09 -22.67
CA VAL A 607 12.25 7.15 -21.65
C VAL A 607 11.46 5.85 -21.76
N PRO A 608 12.11 4.68 -21.65
CA PRO A 608 11.33 3.44 -21.62
C PRO A 608 10.60 3.27 -20.31
N PHE A 609 9.29 3.50 -20.31
CA PHE A 609 8.50 3.56 -19.09
C PHE A 609 7.46 2.45 -19.11
N LEU A 610 7.43 1.65 -18.05
CA LEU A 610 6.46 0.58 -17.91
C LEU A 610 5.27 1.08 -17.11
N HIS A 611 4.07 0.88 -17.64
CA HIS A 611 2.85 1.28 -16.97
C HIS A 611 2.46 0.19 -15.95
N TRP A 612 1.32 0.41 -15.28
CA TRP A 612 0.92 -0.51 -14.23
C TRP A 612 0.62 -1.90 -14.79
N GLU A 613 -0.04 -1.96 -15.94
CA GLU A 613 -0.36 -3.22 -16.58
C GLU A 613 -0.19 -3.07 -18.08
N ALA A 614 -0.15 -4.21 -18.76
CA ALA A 614 0.02 -4.24 -20.20
C ALA A 614 -1.24 -3.78 -20.89
N PRO A 615 -1.16 -3.44 -22.18
CA PRO A 615 -2.37 -3.08 -22.92
C PRO A 615 -3.42 -4.18 -22.82
N VAL A 616 -4.68 -3.77 -22.73
CA VAL A 616 -5.75 -4.71 -22.39
C VAL A 616 -5.82 -5.83 -23.42
N THR A 617 -5.69 -5.51 -24.70
CA THR A 617 -5.69 -6.51 -25.76
C THR A 617 -4.29 -7.07 -25.97
N SER A 618 -3.78 -7.75 -24.94
CA SER A 618 -2.44 -8.30 -24.96
C SER A 618 -2.39 -9.79 -24.64
N HIS A 619 -3.49 -10.40 -24.21
CA HIS A 619 -3.51 -11.84 -24.08
C HIS A 619 -3.27 -12.52 -25.42
N SER A 620 -3.59 -11.84 -26.51
CA SER A 620 -3.28 -12.36 -27.83
C SER A 620 -1.77 -12.50 -28.02
N LEU A 621 -1.00 -11.53 -27.55
CA LEU A 621 0.44 -11.56 -27.68
C LEU A 621 1.07 -12.51 -26.69
N THR A 622 2.20 -13.08 -27.08
CA THR A 622 2.96 -14.03 -26.27
C THR A 622 4.41 -13.64 -26.27
N ALA A 623 5.18 -14.25 -25.36
CA ALA A 623 6.59 -13.90 -25.21
C ALA A 623 7.34 -14.05 -26.52
N ARG A 624 6.93 -14.98 -27.38
CA ARG A 624 7.56 -15.22 -28.70
C ARG A 624 7.57 -13.92 -29.50
N GLU A 625 6.50 -13.12 -29.47
CA GLU A 625 6.48 -11.83 -30.14
C GLU A 625 7.34 -10.81 -29.41
N VAL A 626 7.25 -10.78 -28.08
CA VAL A 626 7.93 -9.76 -27.30
C VAL A 626 9.43 -9.99 -27.27
N MET A 627 9.87 -11.25 -27.22
CA MET A 627 11.27 -11.55 -26.98
C MET A 627 12.14 -11.15 -28.18
N SER A 628 13.41 -10.91 -27.90
CA SER A 628 14.38 -10.50 -28.91
C SER A 628 15.26 -11.69 -29.28
N THR A 629 15.39 -11.94 -30.58
CA THR A 629 16.21 -13.01 -31.10
C THR A 629 17.04 -12.50 -32.28
N PRO A 630 18.21 -13.09 -32.53
CA PRO A 630 18.89 -14.12 -31.74
C PRO A 630 19.53 -13.56 -30.49
N VAL A 631 19.89 -14.42 -29.54
CA VAL A 631 20.43 -14.01 -28.25
C VAL A 631 21.93 -14.25 -28.20
N THR A 632 22.66 -13.28 -27.66
CA THR A 632 24.10 -13.39 -27.47
C THR A 632 24.37 -13.98 -26.10
N CYS A 633 24.86 -15.22 -26.06
CA CYS A 633 25.08 -15.94 -24.82
C CYS A 633 26.55 -16.28 -24.66
N LEU A 634 26.93 -16.57 -23.42
CA LEU A 634 28.30 -16.90 -23.06
C LEU A 634 28.35 -18.31 -22.47
N ARG A 635 29.30 -19.11 -22.92
CA ARG A 635 29.52 -20.41 -22.31
C ARG A 635 30.05 -20.23 -20.89
N ARG A 636 29.74 -21.22 -20.04
CA ARG A 636 30.15 -21.12 -18.64
C ARG A 636 31.65 -20.93 -18.53
N ILE A 637 32.42 -21.73 -19.27
CA ILE A 637 33.85 -21.54 -19.41
C ILE A 637 34.07 -20.96 -20.80
N GLU A 638 34.46 -19.69 -20.85
CA GLU A 638 34.49 -18.94 -22.10
C GLU A 638 35.87 -18.34 -22.33
N ARG A 639 36.30 -18.35 -23.59
CA ARG A 639 37.55 -17.71 -23.94
C ARG A 639 37.51 -16.23 -23.60
N VAL A 640 38.62 -15.72 -23.07
CA VAL A 640 38.69 -14.31 -22.72
C VAL A 640 38.50 -13.45 -23.96
N GLY A 641 39.07 -13.88 -25.09
CA GLY A 641 38.89 -13.14 -26.32
C GLY A 641 37.42 -13.03 -26.72
N THR A 642 36.65 -14.10 -26.51
CA THR A 642 35.24 -14.07 -26.86
C THR A 642 34.48 -13.05 -26.02
N VAL A 643 34.75 -13.04 -24.71
CA VAL A 643 34.09 -12.07 -23.83
C VAL A 643 34.48 -10.65 -24.23
N VAL A 644 35.78 -10.44 -24.49
CA VAL A 644 36.25 -9.11 -24.86
C VAL A 644 35.61 -8.66 -26.16
N ASP A 645 35.45 -9.58 -27.11
CA ASP A 645 34.82 -9.23 -28.38
C ASP A 645 33.34 -8.91 -28.20
N ILE A 646 32.64 -9.71 -27.39
CA ILE A 646 31.22 -9.47 -27.18
C ILE A 646 31.00 -8.12 -26.52
N LEU A 647 31.82 -7.78 -25.53
CA LEU A 647 31.64 -6.52 -24.82
C LEU A 647 32.14 -5.34 -25.65
N SER A 648 33.16 -5.57 -26.48
CA SER A 648 33.75 -4.48 -27.26
C SER A 648 32.90 -4.09 -28.45
N ASP A 649 31.94 -4.92 -28.85
CA ASP A 649 31.10 -4.61 -29.99
C ASP A 649 30.38 -3.29 -29.78
N THR A 650 30.48 -2.41 -30.77
CA THR A 650 29.79 -1.13 -30.75
C THR A 650 28.46 -1.17 -31.49
N SER A 651 28.13 -2.28 -32.15
CA SER A 651 26.82 -2.42 -32.76
C SER A 651 25.72 -2.45 -31.70
N SER A 652 25.99 -3.12 -30.59
CA SER A 652 25.02 -3.24 -29.49
C SER A 652 25.75 -3.01 -28.18
N ASN A 653 24.99 -2.66 -27.14
CA ASN A 653 25.52 -2.40 -25.82
C ASN A 653 24.71 -3.18 -24.79
N HIS A 654 24.51 -4.47 -25.06
CA HIS A 654 23.79 -5.33 -24.12
C HIS A 654 24.54 -5.39 -22.79
N ASN A 655 23.79 -5.30 -21.70
CA ASN A 655 24.35 -5.35 -20.36
C ASN A 655 23.99 -6.62 -19.61
N GLY A 656 23.33 -7.57 -20.25
CA GLY A 656 23.00 -8.82 -19.63
C GLY A 656 23.11 -9.97 -20.60
N PHE A 657 23.81 -11.04 -20.22
CA PHE A 657 24.10 -12.14 -21.11
C PHE A 657 23.72 -13.45 -20.44
N PRO A 658 22.85 -14.25 -21.05
CA PRO A 658 22.61 -15.60 -20.52
C PRO A 658 23.85 -16.46 -20.64
N VAL A 659 24.02 -17.35 -19.66
CA VAL A 659 25.16 -18.25 -19.58
C VAL A 659 24.64 -19.66 -19.83
N VAL A 660 25.13 -20.27 -20.91
CA VAL A 660 24.62 -21.53 -21.42
C VAL A 660 25.62 -22.64 -21.12
N GLU A 661 25.19 -23.87 -21.37
CA GLU A 661 26.04 -25.03 -21.18
C GLU A 661 27.29 -24.93 -22.04
N SER A 662 28.43 -25.30 -21.44
CA SER A 662 29.70 -25.34 -22.16
C SER A 662 30.18 -26.77 -22.41
N ASN A 663 29.82 -27.71 -21.56
CA ASN A 663 30.25 -29.08 -21.73
C ASN A 663 29.61 -29.68 -22.98
N PRO A 664 30.35 -30.48 -23.75
CA PRO A 664 29.74 -31.12 -24.94
C PRO A 664 28.79 -32.25 -24.58
N ASN A 665 28.81 -32.74 -23.34
CA ASN A 665 28.05 -33.93 -23.00
C ASN A 665 26.54 -33.70 -23.14
N THR A 666 26.05 -32.56 -22.67
CA THR A 666 24.61 -32.34 -22.62
C THR A 666 24.01 -32.25 -24.02
N THR A 667 22.77 -32.71 -24.14
CA THR A 667 22.06 -32.63 -25.41
C THR A 667 21.68 -31.19 -25.74
N GLN A 668 21.41 -30.39 -24.71
CA GLN A 668 20.95 -29.03 -24.92
C GLN A 668 21.94 -28.24 -25.78
N VAL A 669 21.42 -27.54 -26.78
CA VAL A 669 22.26 -26.67 -27.59
C VAL A 669 22.63 -25.41 -26.81
N ALA A 670 21.66 -24.83 -26.10
CA ALA A 670 21.88 -23.59 -25.37
C ALA A 670 21.23 -23.65 -23.99
N GLY A 671 21.45 -24.76 -23.28
CA GLY A 671 20.84 -24.94 -21.98
C GLY A 671 21.17 -23.83 -21.01
N LEU A 672 20.15 -23.25 -20.40
CA LEU A 672 20.33 -22.09 -19.53
C LEU A 672 20.94 -22.54 -18.22
N ARG A 673 22.12 -22.00 -17.90
CA ARG A 673 22.77 -22.22 -16.61
C ARG A 673 22.78 -20.99 -15.73
N GLY A 674 22.78 -19.79 -16.30
CA GLY A 674 22.78 -18.60 -15.48
C GLY A 674 22.58 -17.35 -16.29
N LEU A 675 22.84 -16.21 -15.65
CA LEU A 675 22.89 -14.92 -16.31
C LEU A 675 24.00 -14.11 -15.66
N ILE A 676 24.80 -13.44 -16.49
CA ILE A 676 25.88 -12.60 -16.00
C ILE A 676 25.69 -11.21 -16.60
N LEU A 677 26.36 -10.23 -16.03
CA LEU A 677 26.22 -8.84 -16.43
C LEU A 677 27.54 -8.30 -16.98
N ARG A 678 27.42 -7.25 -17.79
CA ARG A 678 28.60 -6.61 -18.34
C ARG A 678 29.51 -6.08 -17.23
N SER A 679 28.92 -5.53 -16.17
CA SER A 679 29.71 -4.99 -15.07
C SER A 679 30.55 -6.08 -14.40
N GLN A 680 29.93 -7.22 -14.12
CA GLN A 680 30.64 -8.32 -13.47
C GLN A 680 31.77 -8.84 -14.35
N LEU A 681 31.49 -9.00 -15.65
CA LEU A 681 32.54 -9.43 -16.57
C LEU A 681 33.68 -8.42 -16.61
N ILE A 682 33.36 -7.13 -16.58
CA ILE A 682 34.38 -6.10 -16.60
C ILE A 682 35.25 -6.20 -15.36
N VAL A 683 34.64 -6.38 -14.20
CA VAL A 683 35.42 -6.54 -12.97
C VAL A 683 36.33 -7.75 -13.08
N LEU A 684 35.80 -8.88 -13.55
CA LEU A 684 36.60 -10.09 -13.64
C LEU A 684 37.77 -9.91 -14.60
N LEU A 685 37.53 -9.28 -15.75
CA LEU A 685 38.59 -9.04 -16.71
C LEU A 685 39.64 -8.09 -16.12
N LYS A 686 39.19 -7.06 -15.40
CA LYS A 686 40.12 -6.13 -14.78
C LYS A 686 41.04 -6.84 -13.81
N HIS A 687 40.47 -7.69 -12.96
CA HIS A 687 41.27 -8.42 -11.99
C HIS A 687 41.92 -9.68 -12.56
N LYS A 688 41.74 -9.93 -13.85
CA LYS A 688 42.35 -11.06 -14.53
C LYS A 688 42.08 -12.36 -13.78
N VAL A 689 40.81 -12.59 -13.49
CA VAL A 689 40.37 -13.81 -12.83
C VAL A 689 40.17 -14.89 -13.89
N PHE A 690 41.23 -15.60 -14.22
CA PHE A 690 41.20 -16.62 -15.26
C PHE A 690 41.56 -17.98 -14.66
N VAL A 691 41.00 -19.04 -15.24
CA VAL A 691 41.34 -20.39 -14.79
C VAL A 691 42.82 -20.65 -15.01
N GLU A 692 43.37 -20.14 -16.10
CA GLU A 692 44.79 -20.30 -16.38
C GLU A 692 45.61 -19.28 -15.61
N ARG A 701 44.75 -14.28 -4.92
CA ARG A 701 43.66 -13.52 -4.31
C ARG A 701 42.34 -13.80 -5.02
N ARG A 702 41.36 -14.25 -4.25
CA ARG A 702 40.03 -14.56 -4.77
C ARG A 702 39.10 -13.39 -4.50
N LEU A 703 38.27 -13.07 -5.49
CA LEU A 703 37.41 -11.89 -5.39
C LEU A 703 36.40 -12.04 -4.26
N LYS A 704 36.01 -10.90 -3.71
CA LYS A 704 34.96 -10.80 -2.71
C LYS A 704 33.88 -9.88 -3.25
N LEU A 705 32.66 -10.02 -2.70
CA LEU A 705 31.55 -9.23 -3.19
C LEU A 705 31.83 -7.74 -3.08
N LYS A 706 32.72 -7.34 -2.17
CA LYS A 706 33.11 -5.95 -2.06
C LYS A 706 33.82 -5.47 -3.32
N ASP A 707 34.68 -6.31 -3.89
CA ASP A 707 35.44 -5.92 -5.07
C ASP A 707 34.53 -5.43 -6.19
N PHE A 708 33.36 -6.05 -6.33
CA PHE A 708 32.38 -5.56 -7.30
C PHE A 708 31.76 -4.26 -6.83
N ARG A 709 31.55 -4.12 -5.53
CA ARG A 709 30.90 -2.92 -5.00
C ARG A 709 31.84 -1.72 -5.08
N ASP A 710 33.15 -1.95 -5.17
CA ASP A 710 34.08 -0.84 -5.32
C ASP A 710 33.85 -0.09 -6.62
N ALA A 711 33.64 -0.81 -7.72
CA ALA A 711 33.37 -0.16 -8.99
C ALA A 711 32.06 0.62 -8.95
N TYR A 712 31.05 0.07 -8.30
CA TYR A 712 29.77 0.73 -8.21
C TYR A 712 29.94 2.14 -7.63
N PRO A 713 29.20 3.14 -8.15
CA PRO A 713 28.16 3.06 -9.18
C PRO A 713 28.69 2.97 -10.61
N ARG A 714 29.85 3.61 -10.86
CA ARG A 714 30.43 3.79 -12.21
C ARG A 714 31.45 2.71 -12.54
N PHE A 715 31.18 1.86 -13.52
CA PHE A 715 31.95 0.74 -14.02
C PHE A 715 32.81 1.16 -15.21
N PRO A 716 34.09 0.79 -15.22
CA PRO A 716 34.93 1.22 -16.34
C PRO A 716 34.46 0.60 -17.64
N PRO A 717 34.67 1.29 -18.76
CA PRO A 717 34.26 0.72 -20.05
C PRO A 717 35.17 -0.42 -20.47
N ILE A 718 34.64 -1.26 -21.36
CA ILE A 718 35.43 -2.36 -21.89
C ILE A 718 36.69 -1.84 -22.57
N GLN A 719 36.61 -0.66 -23.16
CA GLN A 719 37.78 -0.08 -23.82
C GLN A 719 38.94 0.10 -22.84
N SER A 720 38.62 0.38 -21.57
CA SER A 720 39.66 0.63 -20.58
C SER A 720 40.47 -0.63 -20.29
N ILE A 721 39.79 -1.78 -20.19
CA ILE A 721 40.49 -3.01 -19.87
C ILE A 721 41.46 -3.36 -20.98
N HIS A 722 42.65 -3.82 -20.59
CA HIS A 722 43.64 -4.30 -21.53
C HIS A 722 43.77 -5.80 -21.36
N VAL A 723 43.72 -6.51 -22.48
CA VAL A 723 43.81 -7.97 -22.51
C VAL A 723 44.84 -8.31 -23.57
N SER A 724 45.95 -8.92 -23.16
CA SER A 724 47.01 -9.26 -24.09
C SER A 724 46.63 -10.50 -24.89
N GLN A 725 47.24 -10.63 -26.08
CA GLN A 725 46.91 -11.75 -26.94
C GLN A 725 47.12 -13.08 -26.22
N ASP A 726 48.14 -13.16 -25.38
CA ASP A 726 48.30 -14.35 -24.55
C ASP A 726 47.12 -14.51 -23.60
N GLU A 727 46.66 -13.42 -23.01
CA GLU A 727 45.52 -13.50 -22.11
C GLU A 727 44.24 -13.80 -22.88
N ARG A 728 44.15 -13.33 -24.13
CA ARG A 728 42.95 -13.58 -24.93
C ARG A 728 42.72 -15.07 -25.15
N GLU A 729 43.75 -15.88 -25.03
CA GLU A 729 43.64 -17.32 -25.23
C GLU A 729 43.26 -18.05 -23.95
N CYS A 730 43.18 -17.35 -22.82
CA CYS A 730 42.82 -17.97 -21.56
C CYS A 730 41.30 -18.16 -21.49
N MET A 731 40.83 -18.65 -20.34
CA MET A 731 39.42 -18.93 -20.12
C MET A 731 38.96 -18.30 -18.82
N ILE A 732 37.65 -18.03 -18.77
CA ILE A 732 36.98 -17.49 -17.60
C ILE A 732 35.88 -18.45 -17.23
N ASP A 733 35.83 -18.85 -15.96
CA ASP A 733 34.75 -19.68 -15.43
C ASP A 733 33.76 -18.76 -14.74
N LEU A 734 32.55 -18.68 -15.27
CA LEU A 734 31.54 -17.74 -14.79
C LEU A 734 30.60 -18.36 -13.76
N SER A 735 30.85 -19.60 -13.34
CA SER A 735 29.92 -20.27 -12.43
C SER A 735 29.89 -19.58 -11.07
N GLU A 736 31.06 -19.20 -10.55
CA GLU A 736 31.11 -18.61 -9.21
C GLU A 736 30.48 -17.22 -9.19
N PHE A 737 30.36 -16.58 -10.34
CA PHE A 737 29.93 -15.19 -10.41
C PHE A 737 28.58 -15.01 -11.10
N MET A 738 28.16 -15.97 -11.92
CA MET A 738 26.88 -15.83 -12.60
C MET A 738 25.74 -15.96 -11.62
N ASN A 739 24.58 -15.42 -11.99
CA ASN A 739 23.37 -15.66 -11.23
C ASN A 739 22.89 -17.07 -11.52
N PRO A 740 23.03 -18.00 -10.57
CA PRO A 740 22.76 -19.40 -10.89
C PRO A 740 21.32 -19.66 -11.30
N SER A 741 20.41 -18.77 -10.92
CA SER A 741 18.97 -18.99 -11.07
C SER A 741 18.32 -17.76 -11.70
N PRO A 742 18.35 -17.66 -13.02
CA PRO A 742 17.67 -16.53 -13.67
C PRO A 742 16.18 -16.76 -13.76
N TYR A 743 15.42 -15.68 -13.61
CA TYR A 743 13.98 -15.75 -13.84
C TYR A 743 13.71 -16.06 -15.30
N THR A 744 12.74 -16.94 -15.53
CA THR A 744 12.50 -17.49 -16.86
C THR A 744 11.00 -17.61 -17.10
N VAL A 745 10.62 -17.51 -18.37
CA VAL A 745 9.22 -17.72 -18.77
C VAL A 745 9.19 -18.62 -19.99
N PRO A 746 8.11 -19.38 -20.14
CA PRO A 746 7.94 -20.16 -21.37
C PRO A 746 7.71 -19.28 -22.58
N ARG A 747 8.09 -19.81 -23.74
CA ARG A 747 7.89 -19.09 -24.99
C ARG A 747 6.39 -18.87 -25.26
N GLU A 748 5.56 -19.83 -24.85
CA GLU A 748 4.11 -19.75 -25.03
C GLU A 748 3.44 -19.22 -23.76
N ALA A 749 3.79 -17.99 -23.40
CA ALA A 749 3.26 -17.33 -22.21
C ALA A 749 2.64 -16.00 -22.60
N SER A 750 1.49 -15.70 -22.00
CA SER A 750 0.76 -14.48 -22.34
C SER A 750 1.55 -13.24 -21.92
N LEU A 751 1.46 -12.20 -22.74
CA LEU A 751 2.16 -10.96 -22.44
C LEU A 751 1.79 -10.40 -21.07
N PRO A 752 0.52 -10.40 -20.65
CA PRO A 752 0.22 -9.90 -19.30
C PRO A 752 1.03 -10.57 -18.21
N ARG A 753 1.26 -11.88 -18.30
CA ARG A 753 2.04 -12.57 -17.29
C ARG A 753 3.50 -12.13 -17.29
N VAL A 754 4.10 -12.05 -18.47
CA VAL A 754 5.48 -11.56 -18.57
C VAL A 754 5.58 -10.17 -17.97
N PHE A 755 4.63 -9.30 -18.31
CA PHE A 755 4.63 -7.95 -17.79
C PHE A 755 4.50 -7.92 -16.27
N LYS A 756 3.59 -8.74 -15.74
CA LYS A 756 3.36 -8.77 -14.30
C LYS A 756 4.61 -9.23 -13.56
N LEU A 757 5.22 -10.32 -14.02
CA LEU A 757 6.44 -10.81 -13.38
C LEU A 757 7.56 -9.81 -13.51
N PHE A 758 7.69 -9.17 -14.68
CA PHE A 758 8.77 -8.21 -14.89
C PHE A 758 8.64 -7.01 -13.97
N ARG A 759 7.42 -6.48 -13.85
CA ARG A 759 7.22 -5.27 -13.05
C ARG A 759 7.28 -5.57 -11.56
N ALA A 760 6.67 -6.68 -11.13
CA ALA A 760 6.59 -6.96 -9.69
C ALA A 760 7.96 -7.17 -9.08
N LEU A 761 8.83 -7.93 -9.74
CA LEU A 761 10.13 -8.29 -9.21
C LEU A 761 11.23 -7.31 -9.58
N GLY A 762 10.91 -6.26 -10.34
CA GLY A 762 11.92 -5.30 -10.75
C GLY A 762 13.02 -5.91 -11.59
N LEU A 763 12.66 -6.81 -12.52
CA LEU A 763 13.66 -7.49 -13.31
C LEU A 763 14.22 -6.56 -14.38
N ARG A 764 15.51 -6.73 -14.68
CA ARG A 764 16.17 -6.07 -15.79
C ARG A 764 16.25 -6.96 -17.02
N HIS A 765 16.38 -8.26 -16.82
CA HIS A 765 16.45 -9.23 -17.90
C HIS A 765 15.54 -10.40 -17.59
N LEU A 766 14.83 -10.87 -18.61
CA LEU A 766 14.02 -12.08 -18.51
C LEU A 766 14.38 -12.98 -19.69
N VAL A 767 14.59 -14.26 -19.41
CA VAL A 767 15.02 -15.22 -20.42
C VAL A 767 13.83 -16.08 -20.84
N VAL A 768 13.58 -16.14 -22.14
CA VAL A 768 12.55 -16.98 -22.72
C VAL A 768 13.21 -18.24 -23.27
N VAL A 769 12.72 -19.40 -22.83
CA VAL A 769 13.39 -20.68 -23.07
C VAL A 769 12.41 -21.64 -23.74
N ASN A 770 12.98 -22.73 -24.27
CA ASN A 770 12.22 -23.80 -24.89
C ASN A 770 11.69 -24.75 -23.82
N ASN A 771 10.94 -25.77 -24.25
CA ASN A 771 10.54 -26.82 -23.33
C ASN A 771 11.73 -27.52 -22.71
N HIS A 772 12.85 -27.59 -23.43
CA HIS A 772 14.07 -28.23 -22.95
C HIS A 772 14.98 -27.28 -22.20
N ASN A 773 14.49 -26.08 -21.87
CA ASN A 773 15.27 -25.08 -21.13
C ASN A 773 16.47 -24.62 -21.95
N GLU A 774 16.24 -24.39 -23.23
CA GLU A 774 17.23 -23.82 -24.13
C GLU A 774 16.86 -22.38 -24.43
N VAL A 775 17.81 -21.48 -24.28
CA VAL A 775 17.54 -20.06 -24.44
C VAL A 775 17.05 -19.79 -25.87
N VAL A 776 15.91 -19.12 -25.98
CA VAL A 776 15.37 -18.75 -27.29
C VAL A 776 15.19 -17.25 -27.43
N GLY A 777 15.07 -16.50 -26.33
CA GLY A 777 14.89 -15.07 -26.46
C GLY A 777 15.16 -14.33 -25.16
N MET A 778 15.20 -13.01 -25.28
CA MET A 778 15.42 -12.12 -24.15
C MET A 778 14.34 -11.04 -24.15
N VAL A 779 13.68 -10.87 -23.02
CA VAL A 779 12.70 -9.82 -22.81
C VAL A 779 13.27 -8.81 -21.83
N THR A 780 13.28 -7.55 -22.22
CA THR A 780 13.77 -6.46 -21.39
C THR A 780 12.68 -5.40 -21.26
N ARG A 781 13.04 -4.29 -20.60
CA ARG A 781 12.12 -3.15 -20.39
C ARG A 781 11.61 -2.60 -21.71
N LYS A 782 12.47 -2.40 -22.73
CA LYS A 782 12.03 -1.83 -24.00
C LYS A 782 11.13 -2.80 -24.76
N ASP A 783 11.30 -4.09 -24.52
CA ASP A 783 10.44 -5.08 -25.17
C ASP A 783 9.00 -4.95 -24.71
N LEU A 784 8.80 -4.64 -23.42
CA LEU A 784 7.45 -4.57 -22.89
C LEU A 784 6.87 -3.16 -23.02
N ALA A 785 7.73 -2.15 -23.10
CA ALA A 785 7.25 -0.79 -23.21
C ALA A 785 6.79 -0.46 -24.63
N ARG A 786 7.21 -1.24 -25.62
CA ARG A 786 6.91 -0.91 -27.01
C ARG A 786 5.40 -0.94 -27.27
N TYR A 787 4.70 -1.91 -26.70
CA TYR A 787 3.29 -2.09 -26.99
C TYR A 787 2.45 -1.07 -26.23
N ARG A 788 1.64 -0.32 -26.96
CA ARG A 788 0.81 0.73 -26.37
C ARG A 788 -0.19 1.25 -27.39
N LEU B 86 0.39 -27.18 7.78
CA LEU B 86 0.47 -27.77 9.11
C LEU B 86 -0.54 -28.91 9.26
N SER B 87 -1.75 -28.68 8.76
CA SER B 87 -2.81 -29.68 8.79
C SER B 87 -3.46 -29.77 7.41
N LEU B 88 -3.88 -30.98 7.05
CA LEU B 88 -4.48 -31.24 5.76
C LEU B 88 -5.96 -30.88 5.70
N LYS B 89 -6.56 -30.51 6.83
CA LYS B 89 -7.96 -30.09 6.82
C LYS B 89 -8.18 -28.86 5.96
N TYR B 90 -7.13 -28.07 5.75
CA TYR B 90 -7.24 -26.78 5.08
C TYR B 90 -6.65 -26.87 3.69
N GLU B 91 -7.45 -26.50 2.69
CA GLU B 91 -6.98 -26.39 1.32
C GLU B 91 -6.54 -24.96 1.04
N SER B 92 -6.33 -24.62 -0.23
CA SER B 92 -5.84 -23.31 -0.63
C SER B 92 -6.65 -22.77 -1.80
N LEU B 93 -6.64 -21.45 -1.92
CA LEU B 93 -7.33 -20.79 -3.03
C LEU B 93 -6.55 -20.97 -4.32
N ASP B 94 -7.27 -20.97 -5.44
CA ASP B 94 -6.65 -21.02 -6.76
C ASP B 94 -6.57 -19.60 -7.33
N TYR B 95 -5.74 -18.79 -6.66
CA TYR B 95 -5.67 -17.37 -7.00
C TYR B 95 -5.02 -17.16 -8.37
N ASP B 96 -3.96 -17.89 -8.67
CA ASP B 96 -3.28 -17.76 -9.96
C ASP B 96 -4.14 -18.47 -11.01
N ASN B 97 -4.71 -17.69 -11.91
CA ASN B 97 -5.62 -18.24 -12.90
C ASN B 97 -4.86 -19.04 -13.95
N SER B 98 -5.48 -20.12 -14.41
CA SER B 98 -4.91 -20.95 -15.45
C SER B 98 -5.30 -20.39 -16.81
N GLU B 99 -4.33 -19.80 -17.51
CA GLU B 99 -4.56 -19.23 -18.84
C GLU B 99 -4.53 -20.35 -19.88
N ASN B 100 -5.52 -21.23 -19.78
CA ASN B 100 -5.65 -22.33 -20.71
C ASN B 100 -6.33 -21.85 -22.00
N GLN B 101 -6.50 -22.77 -22.95
CA GLN B 101 -7.05 -22.39 -24.24
C GLN B 101 -8.48 -21.87 -24.10
N LEU B 102 -9.28 -22.50 -23.25
CA LEU B 102 -10.65 -22.07 -23.05
C LEU B 102 -10.70 -20.64 -22.52
N PHE B 103 -9.82 -20.32 -21.56
CA PHE B 103 -9.79 -18.97 -21.01
C PHE B 103 -9.44 -17.95 -22.08
N LEU B 104 -8.47 -18.27 -22.94
CA LEU B 104 -8.09 -17.34 -23.99
C LEU B 104 -9.21 -17.16 -25.00
N GLU B 105 -9.94 -18.24 -25.31
CA GLU B 105 -11.12 -18.11 -26.16
C GLU B 105 -12.14 -17.17 -25.54
N GLU B 106 -12.42 -17.34 -24.26
CA GLU B 106 -13.38 -16.47 -23.58
C GLU B 106 -12.92 -15.02 -23.61
N GLU B 107 -11.61 -14.79 -23.40
CA GLU B 107 -11.10 -13.43 -23.43
C GLU B 107 -11.21 -12.81 -24.82
N ARG B 108 -10.95 -13.61 -25.86
CA ARG B 108 -11.14 -13.10 -27.22
C ARG B 108 -12.58 -12.68 -27.45
N ARG B 109 -13.53 -13.52 -27.04
CA ARG B 109 -14.94 -13.15 -27.20
C ARG B 109 -15.29 -11.91 -26.39
N ILE B 110 -14.77 -11.81 -25.16
CA ILE B 110 -15.04 -10.65 -24.33
C ILE B 110 -14.54 -9.38 -24.99
N ASN B 111 -13.32 -9.43 -25.54
CA ASN B 111 -12.79 -8.27 -26.25
C ASN B 111 -13.64 -7.94 -27.47
N HIS B 112 -14.11 -8.95 -28.19
CA HIS B 112 -14.97 -8.71 -29.34
C HIS B 112 -16.32 -8.14 -28.92
N ALA B 113 -16.68 -8.27 -27.64
CA ALA B 113 -17.97 -7.80 -27.15
C ALA B 113 -18.25 -6.34 -27.50
N ALA B 114 -17.20 -5.56 -27.76
CA ALA B 114 -17.22 -4.16 -28.15
C ALA B 114 -17.40 -3.22 -26.96
N PHE B 115 -17.43 -3.75 -25.72
CA PHE B 115 -17.45 -2.89 -24.54
C PHE B 115 -17.03 -3.71 -23.34
N ARG B 116 -16.12 -3.15 -22.54
CA ARG B 116 -15.57 -3.85 -21.37
C ARG B 116 -16.40 -3.47 -20.16
N THR B 117 -17.52 -4.18 -19.97
CA THR B 117 -18.38 -3.96 -18.82
C THR B 117 -17.88 -4.68 -17.57
N VAL B 118 -16.86 -5.52 -17.69
CA VAL B 118 -16.39 -6.31 -16.55
C VAL B 118 -15.88 -5.40 -15.45
N GLU B 119 -15.07 -4.40 -15.81
CA GLU B 119 -14.55 -3.47 -14.81
C GLU B 119 -15.67 -2.66 -14.17
N ILE B 120 -16.64 -2.23 -14.97
CA ILE B 120 -17.78 -1.50 -14.43
C ILE B 120 -18.53 -2.38 -13.44
N LYS B 121 -18.66 -3.67 -13.75
CA LYS B 121 -19.32 -4.59 -12.84
C LYS B 121 -18.53 -4.75 -11.54
N ARG B 122 -17.20 -4.81 -11.64
CA ARG B 122 -16.39 -4.83 -10.42
C ARG B 122 -16.66 -3.60 -9.56
N TRP B 123 -16.76 -2.44 -10.21
CA TRP B 123 -17.02 -1.20 -9.47
C TRP B 123 -18.38 -1.24 -8.80
N VAL B 124 -19.41 -1.71 -9.52
CA VAL B 124 -20.74 -1.80 -8.94
C VAL B 124 -20.75 -2.75 -7.76
N ILE B 125 -20.03 -3.87 -7.88
CA ILE B 125 -19.97 -4.82 -6.78
C ILE B 125 -19.28 -4.21 -5.57
N CYS B 126 -18.20 -3.46 -5.79
CA CYS B 126 -17.52 -2.83 -4.66
C CYS B 126 -18.44 -1.82 -3.97
N ALA B 127 -19.19 -1.05 -4.76
CA ALA B 127 -20.14 -0.10 -4.16
C ALA B 127 -21.18 -0.84 -3.32
N MET B 128 -21.73 -1.93 -3.84
CA MET B 128 -22.73 -2.69 -3.08
C MET B 128 -22.11 -3.26 -1.81
N ILE B 129 -20.87 -3.75 -1.89
CA ILE B 129 -20.19 -4.26 -0.70
C ILE B 129 -20.11 -3.18 0.36
N GLY B 130 -19.65 -1.99 -0.02
CA GLY B 130 -19.53 -0.91 0.95
C GLY B 130 -20.85 -0.57 1.59
N ILE B 131 -21.89 -0.42 0.76
CA ILE B 131 -23.20 -0.04 1.28
C ILE B 131 -23.72 -1.09 2.24
N LEU B 132 -23.60 -2.36 1.88
CA LEU B 132 -24.15 -3.42 2.71
C LEU B 132 -23.38 -3.57 4.02
N THR B 133 -22.06 -3.41 3.98
CA THR B 133 -21.28 -3.46 5.21
C THR B 133 -21.67 -2.31 6.15
N GLY B 134 -21.81 -1.10 5.60
CA GLY B 134 -22.27 0.00 6.42
C GLY B 134 -23.65 -0.26 7.02
N LEU B 135 -24.55 -0.84 6.23
CA LEU B 135 -25.88 -1.14 6.74
C LEU B 135 -25.84 -2.18 7.84
N VAL B 136 -24.96 -3.17 7.72
CA VAL B 136 -24.79 -4.16 8.78
C VAL B 136 -24.34 -3.47 10.07
N ALA B 137 -23.37 -2.55 9.95
CA ALA B 137 -22.91 -1.82 11.13
C ALA B 137 -24.05 -1.02 11.75
N CYS B 138 -24.85 -0.36 10.91
CA CYS B 138 -26.00 0.40 11.42
C CYS B 138 -26.98 -0.51 12.15
N PHE B 139 -27.28 -1.67 11.57
CA PHE B 139 -28.19 -2.61 12.21
C PHE B 139 -27.69 -3.01 13.58
N ILE B 140 -26.41 -3.38 13.67
CA ILE B 140 -25.88 -3.80 14.96
C ILE B 140 -25.95 -2.67 15.96
N ASP B 141 -25.52 -1.46 15.56
CA ASP B 141 -25.52 -0.34 16.49
C ASP B 141 -26.92 -0.05 17.01
N ILE B 142 -27.89 0.06 16.11
CA ILE B 142 -29.24 0.43 16.52
C ILE B 142 -29.85 -0.66 17.41
N VAL B 143 -29.71 -1.93 17.01
CA VAL B 143 -30.31 -3.01 17.78
C VAL B 143 -29.67 -3.10 19.15
N VAL B 144 -28.35 -2.97 19.23
CA VAL B 144 -27.68 -3.01 20.52
C VAL B 144 -28.16 -1.88 21.41
N GLU B 145 -28.24 -0.66 20.87
CA GLU B 145 -28.70 0.47 21.67
C GLU B 145 -30.10 0.21 22.21
N ASN B 146 -31.02 -0.23 21.35
CA ASN B 146 -32.39 -0.44 21.79
C ASN B 146 -32.48 -1.54 22.84
N LEU B 147 -31.78 -2.65 22.63
CA LEU B 147 -31.87 -3.76 23.59
C LEU B 147 -31.19 -3.41 24.91
N ALA B 148 -30.10 -2.67 24.87
CA ALA B 148 -29.47 -2.20 26.10
C ALA B 148 -30.40 -1.27 26.86
N GLY B 149 -31.10 -0.39 26.14
CA GLY B 149 -32.09 0.45 26.78
C GLY B 149 -33.20 -0.38 27.42
N LEU B 150 -33.63 -1.44 26.74
CA LEU B 150 -34.66 -2.30 27.31
C LEU B 150 -34.17 -2.97 28.58
N LYS B 151 -32.94 -3.49 28.57
CA LYS B 151 -32.41 -4.12 29.77
C LYS B 151 -32.34 -3.12 30.92
N TYR B 152 -31.83 -1.92 30.63
CA TYR B 152 -31.72 -0.90 31.66
C TYR B 152 -33.10 -0.54 32.22
N ARG B 153 -34.09 -0.39 31.35
CA ARG B 153 -35.44 -0.05 31.81
C ARG B 153 -36.04 -1.17 32.64
N VAL B 154 -35.90 -2.41 32.19
CA VAL B 154 -36.48 -3.54 32.90
C VAL B 154 -35.87 -3.65 34.29
N VAL B 155 -34.55 -3.55 34.39
CA VAL B 155 -33.91 -3.67 35.69
C VAL B 155 -34.23 -2.47 36.56
N LYS B 156 -34.28 -1.28 35.98
CA LYS B 156 -34.62 -0.09 36.77
C LYS B 156 -36.00 -0.22 37.38
N ASP B 157 -36.96 -0.75 36.61
CA ASP B 157 -38.30 -0.96 37.15
C ASP B 157 -38.32 -2.09 38.19
N ASN B 158 -37.54 -3.15 37.95
CA ASN B 158 -37.67 -4.36 38.75
C ASN B 158 -36.88 -4.30 40.05
N ILE B 159 -35.86 -3.42 40.14
CA ILE B 159 -35.00 -3.43 41.31
C ILE B 159 -35.78 -3.05 42.56
N ASP B 160 -36.66 -2.05 42.46
CA ASP B 160 -37.44 -1.69 43.64
C ASP B 160 -38.23 -2.88 44.15
N LYS B 161 -39.00 -3.53 43.28
CA LYS B 161 -39.87 -4.63 43.69
C LYS B 161 -39.04 -5.77 44.26
N PHE B 162 -37.94 -6.14 43.61
CA PHE B 162 -37.19 -7.31 44.06
C PHE B 162 -36.37 -7.01 45.31
N THR B 163 -35.77 -5.82 45.40
CA THR B 163 -34.94 -5.48 46.54
C THR B 163 -35.79 -5.25 47.78
N GLU B 164 -37.06 -4.86 47.61
CA GLU B 164 -37.90 -4.60 48.78
C GLU B 164 -38.02 -5.84 49.66
N LYS B 165 -38.22 -7.01 49.04
CA LYS B 165 -38.42 -8.25 49.80
C LYS B 165 -37.19 -9.15 49.78
N GLY B 166 -36.64 -9.45 48.60
CA GLY B 166 -35.52 -10.36 48.53
C GLY B 166 -34.25 -9.78 49.14
N GLY B 167 -33.97 -8.51 48.89
CA GLY B 167 -32.75 -7.87 49.33
C GLY B 167 -31.82 -7.60 48.16
N LEU B 168 -30.67 -7.01 48.50
CA LEU B 168 -29.68 -6.67 47.49
C LEU B 168 -29.13 -7.91 46.81
N SER B 169 -28.87 -8.97 47.57
CA SER B 169 -28.33 -10.20 46.99
C SER B 169 -29.30 -10.82 46.01
N PHE B 170 -30.59 -10.76 46.32
CA PHE B 170 -31.61 -11.31 45.41
C PHE B 170 -31.57 -10.60 44.07
N SER B 171 -31.49 -9.27 44.09
CA SER B 171 -31.38 -8.50 42.85
C SER B 171 -30.09 -8.82 42.12
N LEU B 172 -29.00 -8.98 42.87
CA LEU B 172 -27.73 -9.40 42.27
C LEU B 172 -27.91 -10.68 41.48
N LEU B 173 -28.51 -11.69 42.10
CA LEU B 173 -28.73 -12.96 41.41
C LEU B 173 -29.62 -12.78 40.20
N LEU B 174 -30.70 -12.00 40.33
CA LEU B 174 -31.63 -11.83 39.22
C LEU B 174 -30.94 -11.21 38.02
N TRP B 175 -30.19 -10.12 38.23
CA TRP B 175 -29.52 -9.45 37.14
C TRP B 175 -28.44 -10.34 36.52
N ALA B 176 -27.71 -11.06 37.37
CA ALA B 176 -26.70 -11.98 36.84
C ALA B 176 -27.34 -13.03 35.95
N THR B 177 -28.51 -13.54 36.36
CA THR B 177 -29.21 -14.53 35.55
C THR B 177 -29.72 -13.94 34.25
N LEU B 178 -30.14 -12.68 34.27
CA LEU B 178 -30.56 -12.01 33.04
C LEU B 178 -29.40 -11.98 32.04
N ASN B 179 -28.25 -11.48 32.49
CA ASN B 179 -27.08 -11.45 31.63
C ASN B 179 -26.70 -12.84 31.16
N ALA B 180 -26.74 -13.81 32.07
CA ALA B 180 -26.40 -15.18 31.73
C ALA B 180 -27.36 -15.74 30.68
N SER B 181 -28.63 -15.36 30.73
CA SER B 181 -29.59 -15.87 29.76
C SER B 181 -29.31 -15.33 28.37
N VAL B 182 -29.06 -14.02 28.26
CA VAL B 182 -28.73 -13.48 26.94
C VAL B 182 -27.47 -14.15 26.40
N VAL B 183 -26.43 -14.24 27.23
CA VAL B 183 -25.19 -14.88 26.80
C VAL B 183 -25.44 -16.34 26.48
N MET B 184 -26.39 -16.98 27.16
CA MET B 184 -26.70 -18.38 26.92
C MET B 184 -27.27 -18.57 25.53
N VAL B 185 -28.21 -17.70 25.14
CA VAL B 185 -28.75 -17.80 23.78
C VAL B 185 -27.65 -17.60 22.75
N GLY B 186 -26.80 -16.60 22.97
CA GLY B 186 -25.72 -16.36 22.01
C GLY B 186 -24.77 -17.54 21.90
N SER B 187 -24.33 -18.07 23.04
CA SER B 187 -23.41 -19.20 23.02
C SER B 187 -24.05 -20.45 22.44
N VAL B 188 -25.35 -20.65 22.67
CA VAL B 188 -26.04 -21.77 22.04
C VAL B 188 -25.97 -21.64 20.53
N ILE B 189 -26.34 -20.48 20.00
CA ILE B 189 -26.36 -20.36 18.53
C ILE B 189 -24.96 -20.53 17.97
N VAL B 190 -23.93 -20.13 18.71
CA VAL B 190 -22.57 -20.29 18.19
C VAL B 190 -22.13 -21.75 18.24
N ALA B 191 -22.29 -22.39 19.39
CA ALA B 191 -21.73 -23.73 19.57
C ALA B 191 -22.53 -24.79 18.81
N PHE B 192 -23.85 -24.70 18.87
CA PHE B 192 -24.76 -25.74 18.41
C PHE B 192 -25.18 -25.59 16.97
N ILE B 193 -24.94 -24.44 16.34
CA ILE B 193 -25.32 -24.20 14.96
C ILE B 193 -24.09 -23.97 14.08
N GLU B 194 -23.19 -23.09 14.50
CA GLU B 194 -22.03 -22.73 13.68
C GLU B 194 -20.88 -22.34 14.59
N PRO B 195 -20.04 -23.30 14.96
CA PRO B 195 -18.89 -22.97 15.82
C PRO B 195 -17.90 -22.00 15.18
N VAL B 196 -17.86 -21.90 13.85
CA VAL B 196 -16.93 -20.97 13.21
C VAL B 196 -17.27 -19.54 13.59
N ALA B 197 -18.53 -19.26 13.92
CA ALA B 197 -18.94 -17.91 14.26
C ALA B 197 -18.27 -17.40 15.53
N ALA B 198 -17.67 -18.28 16.32
CA ALA B 198 -17.01 -17.85 17.54
C ALA B 198 -15.86 -16.92 17.23
N GLY B 199 -15.72 -15.87 18.04
CA GLY B 199 -14.64 -14.93 17.90
C GLY B 199 -14.95 -13.77 16.97
N SER B 200 -13.91 -13.00 16.70
CA SER B 200 -14.06 -11.83 15.85
C SER B 200 -14.20 -12.21 14.38
N GLY B 201 -13.55 -13.29 13.97
CA GLY B 201 -13.42 -13.61 12.57
C GLY B 201 -12.15 -13.11 11.93
N ILE B 202 -11.42 -12.22 12.61
CA ILE B 202 -10.22 -11.63 12.02
C ILE B 202 -9.17 -12.69 11.73
N PRO B 203 -8.86 -13.63 12.63
CA PRO B 203 -7.89 -14.67 12.26
C PRO B 203 -8.29 -15.44 11.01
N GLN B 204 -9.58 -15.75 10.88
CA GLN B 204 -10.06 -16.48 9.71
C GLN B 204 -9.92 -15.66 8.45
N ILE B 205 -10.24 -14.37 8.51
CA ILE B 205 -10.09 -13.52 7.33
C ILE B 205 -8.63 -13.33 6.98
N LYS B 206 -7.76 -13.24 7.99
CA LYS B 206 -6.33 -13.17 7.73
C LYS B 206 -5.85 -14.41 7.02
N CYS B 207 -6.33 -15.59 7.45
CA CYS B 207 -5.96 -16.82 6.77
C CYS B 207 -6.51 -16.86 5.35
N TYR B 208 -7.74 -16.40 5.15
CA TYR B 208 -8.34 -16.39 3.82
C TYR B 208 -7.55 -15.49 2.87
N LEU B 209 -7.20 -14.29 3.32
CA LEU B 209 -6.40 -13.39 2.49
C LEU B 209 -4.98 -13.92 2.32
N ASN B 210 -4.47 -14.67 3.29
CA ASN B 210 -3.19 -15.34 3.13
C ASN B 210 -3.25 -16.39 2.04
N GLY B 211 -4.41 -17.04 1.88
CA GLY B 211 -4.62 -17.97 0.80
C GLY B 211 -5.11 -19.34 1.25
N VAL B 212 -5.48 -19.46 2.51
CA VAL B 212 -5.93 -20.72 3.09
C VAL B 212 -7.44 -20.65 3.30
N LYS B 213 -8.12 -21.75 3.01
CA LYS B 213 -9.58 -21.80 3.05
C LYS B 213 -10.02 -22.56 4.29
N ILE B 214 -10.44 -21.82 5.31
CA ILE B 214 -11.02 -22.40 6.52
C ILE B 214 -12.46 -22.75 6.18
N PRO B 215 -13.00 -23.88 6.69
CA PRO B 215 -14.17 -24.48 6.05
C PRO B 215 -15.36 -23.56 5.81
N HIS B 216 -15.93 -22.95 6.87
CA HIS B 216 -17.22 -22.27 6.75
C HIS B 216 -17.09 -20.77 7.02
N VAL B 217 -15.95 -20.17 6.67
CA VAL B 217 -15.73 -18.77 7.02
C VAL B 217 -16.69 -17.87 6.27
N VAL B 218 -16.90 -18.12 4.99
CA VAL B 218 -17.81 -17.29 4.19
C VAL B 218 -19.08 -18.07 3.90
N ARG B 219 -20.07 -17.96 4.77
CA ARG B 219 -21.36 -18.64 4.55
C ARG B 219 -22.44 -17.72 5.09
N LEU B 220 -23.65 -17.79 4.58
CA LEU B 220 -24.79 -17.00 5.03
C LEU B 220 -25.12 -17.32 6.48
N LYS B 221 -25.12 -18.61 6.83
CA LYS B 221 -25.38 -19.01 8.20
C LYS B 221 -24.36 -18.42 9.16
N THR B 222 -23.08 -18.44 8.76
CA THR B 222 -22.04 -17.90 9.62
C THR B 222 -22.23 -16.40 9.85
N LEU B 223 -22.56 -15.65 8.80
CA LEU B 223 -22.79 -14.21 8.98
C LEU B 223 -23.99 -13.95 9.89
N VAL B 224 -25.09 -14.66 9.67
CA VAL B 224 -26.28 -14.46 10.49
C VAL B 224 -25.95 -14.73 11.95
N ILE B 225 -25.29 -15.86 12.22
CA ILE B 225 -24.95 -16.23 13.58
C ILE B 225 -24.00 -15.20 14.18
N LYS B 226 -23.05 -14.73 13.40
CA LYS B 226 -22.07 -13.76 13.91
C LYS B 226 -22.76 -12.48 14.37
N VAL B 227 -23.63 -11.93 13.52
CA VAL B 227 -24.29 -10.68 13.88
C VAL B 227 -25.20 -10.88 15.09
N CYS B 228 -26.02 -11.92 15.07
CA CYS B 228 -26.91 -12.16 16.20
C CYS B 228 -26.11 -12.36 17.49
N GLY B 229 -25.02 -13.14 17.41
CA GLY B 229 -24.23 -13.42 18.59
C GLY B 229 -23.51 -12.22 19.14
N VAL B 230 -23.00 -11.35 18.26
CA VAL B 230 -22.36 -10.14 18.76
C VAL B 230 -23.37 -9.25 19.45
N ILE B 231 -24.58 -9.13 18.88
CA ILE B 231 -25.63 -8.36 19.53
C ILE B 231 -25.91 -8.94 20.92
N LEU B 232 -26.07 -10.26 20.99
CA LEU B 232 -26.45 -10.89 22.25
C LEU B 232 -25.33 -10.80 23.28
N SER B 233 -24.07 -10.89 22.83
CA SER B 233 -22.94 -10.78 23.74
C SER B 233 -22.83 -9.38 24.32
N VAL B 234 -22.96 -8.36 23.47
CA VAL B 234 -22.87 -6.99 23.96
C VAL B 234 -24.04 -6.69 24.90
N VAL B 235 -25.24 -7.11 24.53
CA VAL B 235 -26.40 -6.92 25.41
C VAL B 235 -26.26 -7.74 26.68
N GLY B 236 -25.51 -8.84 26.66
CA GLY B 236 -25.31 -9.69 27.81
C GLY B 236 -24.21 -9.24 28.75
N GLY B 237 -23.58 -8.11 28.49
CA GLY B 237 -22.59 -7.57 29.40
C GLY B 237 -21.32 -8.39 29.53
N LEU B 238 -20.80 -8.90 28.42
CA LEU B 238 -19.49 -9.50 28.42
C LEU B 238 -18.43 -8.45 28.07
N ALA B 239 -17.20 -8.72 28.49
CA ALA B 239 -16.07 -7.84 28.21
C ALA B 239 -15.66 -8.02 26.74
N VAL B 240 -16.52 -7.54 25.85
CA VAL B 240 -16.39 -7.76 24.43
C VAL B 240 -16.67 -6.47 23.68
N GLY B 241 -16.31 -6.47 22.40
CA GLY B 241 -16.59 -5.35 21.52
C GLY B 241 -17.24 -5.82 20.24
N LYS B 242 -17.92 -4.89 19.58
CA LYS B 242 -18.65 -5.17 18.35
C LYS B 242 -17.87 -4.82 17.08
N GLU B 243 -16.63 -4.34 17.22
CA GLU B 243 -15.89 -3.89 16.04
C GLU B 243 -15.38 -5.07 15.22
N GLY B 244 -14.82 -6.09 15.88
CA GLY B 244 -14.16 -7.18 15.19
C GLY B 244 -15.02 -7.95 14.21
N PRO B 245 -16.26 -8.31 14.58
CA PRO B 245 -17.09 -9.07 13.63
C PRO B 245 -17.39 -8.32 12.34
N MET B 246 -17.19 -7.01 12.30
CA MET B 246 -17.50 -6.26 11.10
C MET B 246 -16.60 -6.67 9.93
N ILE B 247 -15.33 -6.95 10.21
CA ILE B 247 -14.41 -7.38 9.15
C ILE B 247 -14.91 -8.68 8.53
N HIS B 248 -15.26 -9.65 9.37
CA HIS B 248 -15.75 -10.93 8.89
C HIS B 248 -17.07 -10.76 8.12
N SER B 249 -17.97 -9.92 8.63
CA SER B 249 -19.24 -9.71 7.94
C SER B 249 -19.04 -9.10 6.57
N GLY B 250 -18.15 -8.10 6.47
CA GLY B 250 -17.84 -7.54 5.18
C GLY B 250 -17.24 -8.55 4.22
N ALA B 251 -16.35 -9.40 4.73
CA ALA B 251 -15.76 -10.44 3.88
C ALA B 251 -16.83 -11.38 3.35
N VAL B 252 -17.75 -11.81 4.22
CA VAL B 252 -18.80 -12.73 3.79
C VAL B 252 -19.70 -12.06 2.75
N ILE B 253 -20.08 -10.80 2.98
CA ILE B 253 -20.92 -10.10 2.02
C ILE B 253 -20.20 -10.02 0.67
N ALA B 254 -18.92 -9.67 0.69
CA ALA B 254 -18.16 -9.55 -0.54
C ALA B 254 -18.11 -10.87 -1.29
N ALA B 255 -17.87 -11.97 -0.57
CA ALA B 255 -17.88 -13.28 -1.22
C ALA B 255 -19.26 -13.59 -1.80
N GLY B 256 -20.31 -13.24 -1.07
CA GLY B 256 -21.64 -13.64 -1.50
C GLY B 256 -22.13 -12.87 -2.71
N ILE B 257 -22.26 -11.54 -2.59
CA ILE B 257 -22.93 -10.79 -3.64
C ILE B 257 -22.14 -10.81 -4.95
N SER B 258 -20.84 -11.06 -4.87
CA SER B 258 -20.04 -11.09 -6.09
C SER B 258 -20.42 -12.27 -6.98
N GLN B 259 -20.88 -13.38 -6.38
CA GLN B 259 -21.19 -14.57 -7.15
C GLN B 259 -22.44 -14.39 -7.99
N GLY B 260 -23.41 -13.63 -7.49
CA GLY B 260 -24.69 -13.53 -8.14
C GLY B 260 -25.64 -14.66 -7.86
N ARG B 261 -25.27 -15.57 -6.96
CA ARG B 261 -26.13 -16.72 -6.62
C ARG B 261 -25.87 -17.13 -5.18
N SER B 262 -26.87 -17.72 -4.53
CA SER B 262 -26.78 -18.17 -3.15
C SER B 262 -26.82 -19.70 -3.12
N THR B 263 -25.69 -20.31 -2.75
CA THR B 263 -25.65 -21.75 -2.61
C THR B 263 -26.54 -22.22 -1.46
N SER B 264 -26.54 -21.48 -0.35
CA SER B 264 -27.32 -21.90 0.81
C SER B 264 -28.81 -21.88 0.50
N LEU B 265 -29.30 -20.83 -0.15
CA LEU B 265 -30.70 -20.70 -0.51
C LEU B 265 -31.03 -21.37 -1.83
N LYS B 266 -30.03 -21.88 -2.54
CA LYS B 266 -30.24 -22.58 -3.82
C LYS B 266 -31.01 -21.70 -4.79
N ARG B 267 -30.63 -20.42 -4.85
CA ARG B 267 -31.22 -19.45 -5.77
C ARG B 267 -30.11 -18.85 -6.62
N ASP B 268 -30.31 -18.86 -7.93
CA ASP B 268 -29.32 -18.33 -8.87
C ASP B 268 -29.90 -17.11 -9.58
N PHE B 269 -29.29 -15.96 -9.32
CA PHE B 269 -29.58 -14.76 -10.08
C PHE B 269 -28.56 -14.66 -11.21
N LYS B 270 -29.05 -14.64 -12.45
CA LYS B 270 -28.20 -14.82 -13.63
C LYS B 270 -27.38 -13.55 -13.85
N ILE B 271 -26.41 -13.34 -12.96
CA ILE B 271 -25.55 -12.17 -12.99
C ILE B 271 -24.19 -12.55 -12.43
N PHE B 272 -23.18 -11.76 -12.78
CA PHE B 272 -21.84 -11.88 -12.21
C PHE B 272 -21.31 -13.31 -12.35
N GLU B 273 -21.51 -13.91 -13.52
CA GLU B 273 -21.01 -15.25 -13.77
C GLU B 273 -19.51 -15.24 -14.03
N TYR B 274 -18.99 -14.15 -14.59
CA TYR B 274 -17.55 -14.06 -14.88
C TYR B 274 -16.71 -14.06 -13.62
N PHE B 275 -17.28 -13.72 -12.47
CA PHE B 275 -16.53 -13.57 -11.23
C PHE B 275 -16.61 -14.81 -10.35
N ARG B 276 -17.05 -15.95 -10.90
CA ARG B 276 -17.10 -17.20 -10.14
C ARG B 276 -15.74 -17.92 -10.23
N ARG B 277 -14.72 -17.24 -9.73
CA ARG B 277 -13.38 -17.79 -9.65
C ARG B 277 -12.70 -17.21 -8.43
N ASP B 278 -11.70 -17.95 -7.92
CA ASP B 278 -11.11 -17.61 -6.63
C ASP B 278 -10.34 -16.30 -6.67
N THR B 279 -9.75 -15.95 -7.82
CA THR B 279 -9.04 -14.68 -7.93
C THR B 279 -9.96 -13.50 -7.65
N GLU B 280 -11.08 -13.44 -8.37
CA GLU B 280 -12.03 -12.35 -8.17
C GLU B 280 -12.62 -12.38 -6.77
N LYS B 281 -12.88 -13.58 -6.25
CA LYS B 281 -13.45 -13.70 -4.91
C LYS B 281 -12.50 -13.16 -3.86
N ARG B 282 -11.20 -13.42 -4.02
CA ARG B 282 -10.18 -12.99 -3.04
C ARG B 282 -10.01 -11.48 -3.16
N ASP B 283 -10.14 -10.89 -4.35
CA ASP B 283 -10.12 -9.44 -4.50
C ASP B 283 -11.33 -8.81 -3.80
N PHE B 284 -12.52 -9.36 -4.03
CA PHE B 284 -13.72 -8.80 -3.42
C PHE B 284 -13.68 -8.95 -1.91
N VAL B 285 -13.12 -10.05 -1.40
CA VAL B 285 -13.03 -10.24 0.04
C VAL B 285 -12.06 -9.25 0.65
N SER B 286 -10.98 -8.91 -0.06
CA SER B 286 -10.10 -7.84 0.40
C SER B 286 -10.87 -6.53 0.52
N ALA B 287 -11.66 -6.21 -0.51
CA ALA B 287 -12.47 -5.01 -0.46
C ALA B 287 -13.42 -5.04 0.73
N GLY B 288 -14.04 -6.19 0.98
CA GLY B 288 -15.00 -6.28 2.07
C GLY B 288 -14.35 -6.14 3.44
N ALA B 289 -13.18 -6.74 3.62
CA ALA B 289 -12.45 -6.58 4.87
C ALA B 289 -12.06 -5.13 5.11
N ALA B 290 -11.60 -4.45 4.07
CA ALA B 290 -11.29 -3.03 4.21
C ALA B 290 -12.54 -2.24 4.57
N ALA B 291 -13.66 -2.55 3.94
CA ALA B 291 -14.91 -1.86 4.26
C ALA B 291 -15.31 -2.11 5.71
N GLY B 292 -15.13 -3.33 6.19
CA GLY B 292 -15.44 -3.63 7.57
C GLY B 292 -14.60 -2.82 8.54
N VAL B 293 -13.29 -2.74 8.28
CA VAL B 293 -12.43 -1.92 9.13
C VAL B 293 -12.89 -0.47 9.10
N SER B 294 -13.21 0.04 7.91
CA SER B 294 -13.61 1.44 7.78
C SER B 294 -14.89 1.72 8.54
N ALA B 295 -15.88 0.83 8.44
CA ALA B 295 -17.13 1.02 9.16
C ALA B 295 -16.92 0.87 10.67
N ALA B 296 -15.97 0.02 11.07
CA ALA B 296 -15.73 -0.20 12.49
C ALA B 296 -15.08 1.02 13.14
N PHE B 297 -14.04 1.56 12.53
CA PHE B 297 -13.27 2.65 13.14
C PHE B 297 -13.36 3.96 12.37
N GLY B 298 -14.15 4.02 11.30
CA GLY B 298 -14.16 5.22 10.48
C GLY B 298 -12.80 5.51 9.86
N ALA B 299 -12.10 4.47 9.43
CA ALA B 299 -10.72 4.56 8.96
C ALA B 299 -10.62 3.90 7.58
N PRO B 300 -10.92 4.63 6.51
CA PRO B 300 -10.83 4.03 5.17
C PRO B 300 -9.42 3.63 4.77
N VAL B 301 -8.47 4.56 4.86
CA VAL B 301 -7.10 4.26 4.45
C VAL B 301 -6.52 3.16 5.32
N GLY B 302 -6.86 3.15 6.61
CA GLY B 302 -6.41 2.08 7.47
C GLY B 302 -6.92 0.73 7.03
N GLY B 303 -8.18 0.67 6.59
CA GLY B 303 -8.71 -0.59 6.07
C GLY B 303 -8.01 -1.03 4.80
N VAL B 304 -7.76 -0.09 3.90
CA VAL B 304 -7.02 -0.42 2.68
C VAL B 304 -5.66 -1.00 3.03
N LEU B 305 -4.97 -0.38 4.00
CA LEU B 305 -3.65 -0.86 4.39
C LEU B 305 -3.73 -2.21 5.08
N PHE B 306 -4.79 -2.45 5.86
CA PHE B 306 -4.98 -3.76 6.48
C PHE B 306 -5.11 -4.84 5.41
N SER B 307 -5.93 -4.59 4.39
CA SER B 307 -6.09 -5.55 3.30
C SER B 307 -4.77 -5.76 2.57
N LEU B 308 -4.04 -4.68 2.30
CA LEU B 308 -2.76 -4.82 1.62
C LEU B 308 -1.78 -5.65 2.44
N GLU B 309 -1.71 -5.41 3.73
CA GLU B 309 -0.84 -6.20 4.60
C GLU B 309 -1.22 -7.68 4.54
N GLU B 310 -2.50 -7.99 4.69
CA GLU B 310 -2.91 -9.38 4.73
C GLU B 310 -2.63 -10.08 3.41
N GLY B 311 -2.93 -9.42 2.29
CA GLY B 311 -2.69 -10.03 1.00
C GLY B 311 -1.23 -10.27 0.71
N ALA B 312 -0.38 -9.26 0.96
CA ALA B 312 1.05 -9.36 0.71
C ALA B 312 1.33 -9.87 -0.71
N SER B 313 0.77 -9.17 -1.69
CA SER B 313 0.83 -9.57 -3.08
C SER B 313 1.47 -8.47 -3.92
N PHE B 314 1.60 -8.76 -5.20
CA PHE B 314 2.05 -7.76 -6.16
C PHE B 314 1.09 -6.58 -6.17
N TRP B 315 1.63 -5.39 -6.40
CA TRP B 315 0.83 -4.18 -6.36
C TRP B 315 -0.09 -4.11 -7.58
N ASN B 316 -1.38 -3.92 -7.32
CA ASN B 316 -2.37 -3.67 -8.37
C ASN B 316 -3.07 -2.36 -8.05
N GLN B 317 -2.79 -1.34 -8.87
CA GLN B 317 -3.36 -0.02 -8.64
C GLN B 317 -4.87 -0.05 -8.71
N PHE B 318 -5.40 -0.78 -9.69
CA PHE B 318 -6.84 -0.87 -9.90
C PHE B 318 -7.55 -1.49 -8.70
N LEU B 319 -7.02 -2.60 -8.19
CA LEU B 319 -7.65 -3.26 -7.05
C LEU B 319 -7.58 -2.41 -5.80
N THR B 320 -6.44 -1.75 -5.57
CA THR B 320 -6.30 -0.90 -4.40
C THR B 320 -7.28 0.27 -4.48
N TRP B 321 -7.45 0.84 -5.67
CA TRP B 321 -8.38 1.95 -5.85
C TRP B 321 -9.82 1.48 -5.61
N ARG B 322 -10.17 0.28 -6.06
CA ARG B 322 -11.50 -0.25 -5.79
C ARG B 322 -11.71 -0.50 -4.30
N ILE B 323 -10.69 -1.01 -3.60
CA ILE B 323 -10.79 -1.24 -2.16
C ILE B 323 -11.00 0.09 -1.44
N PHE B 324 -10.26 1.12 -1.85
CA PHE B 324 -10.45 2.46 -1.29
C PHE B 324 -11.87 2.95 -1.51
N PHE B 325 -12.39 2.75 -2.71
CA PHE B 325 -13.76 3.13 -3.04
C PHE B 325 -14.76 2.44 -2.12
N ALA B 326 -14.58 1.14 -1.92
CA ALA B 326 -15.48 0.39 -1.03
C ALA B 326 -15.42 0.90 0.40
N SER B 327 -14.20 1.12 0.91
CA SER B 327 -14.05 1.60 2.29
C SER B 327 -14.71 2.96 2.47
N MET B 328 -14.48 3.87 1.53
CA MET B 328 -15.09 5.19 1.62
C MET B 328 -16.61 5.09 1.63
N ILE B 329 -17.18 4.28 0.75
CA ILE B 329 -18.63 4.15 0.73
C ILE B 329 -19.14 3.52 2.02
N SER B 330 -18.39 2.57 2.58
CA SER B 330 -18.82 1.96 3.83
C SER B 330 -18.95 3.00 4.92
N THR B 331 -17.89 3.79 5.14
CA THR B 331 -17.95 4.79 6.20
C THR B 331 -19.02 5.85 5.89
N PHE B 332 -19.15 6.24 4.63
CA PHE B 332 -20.14 7.24 4.26
C PHE B 332 -21.55 6.74 4.56
N THR B 333 -21.85 5.51 4.17
CA THR B 333 -23.19 4.95 4.39
C THR B 333 -23.48 4.85 5.88
N LEU B 334 -22.53 4.33 6.66
CA LEU B 334 -22.74 4.23 8.10
C LEU B 334 -23.05 5.60 8.69
N ASN B 335 -22.21 6.59 8.37
CA ASN B 335 -22.39 7.91 8.95
C ASN B 335 -23.72 8.52 8.55
N SER B 336 -24.08 8.44 7.27
CA SER B 336 -25.31 9.06 6.79
C SER B 336 -26.53 8.42 7.44
N VAL B 337 -26.59 7.08 7.44
CA VAL B 337 -27.76 6.41 8.01
C VAL B 337 -27.87 6.71 9.50
N LEU B 338 -26.74 6.66 10.22
CA LEU B 338 -26.80 6.94 11.65
C LEU B 338 -27.23 8.38 11.92
N SER B 339 -26.74 9.32 11.12
CA SER B 339 -27.15 10.72 11.28
C SER B 339 -28.64 10.87 11.08
N VAL B 340 -29.20 10.22 10.05
CA VAL B 340 -30.63 10.31 9.84
C VAL B 340 -31.39 9.65 10.99
N TYR B 341 -30.82 8.60 11.58
CA TYR B 341 -31.49 7.92 12.68
C TYR B 341 -31.38 8.70 13.98
N HIS B 342 -30.14 8.88 14.47
CA HIS B 342 -29.97 9.50 15.77
C HIS B 342 -30.36 10.98 15.74
N GLY B 343 -29.87 11.72 14.75
CA GLY B 343 -30.36 13.05 14.47
C GLY B 343 -31.43 13.02 13.39
N ASN B 344 -32.01 14.19 13.14
CA ASN B 344 -32.99 14.36 12.07
C ASN B 344 -32.39 15.04 10.85
N ALA B 345 -31.06 15.07 10.73
CA ALA B 345 -30.37 15.69 9.61
C ALA B 345 -29.25 14.78 9.15
N TRP B 346 -28.80 14.99 7.91
CA TRP B 346 -27.78 14.17 7.29
C TRP B 346 -26.37 14.60 7.65
N ASP B 347 -26.20 15.61 8.50
CA ASP B 347 -24.87 16.08 8.87
C ASP B 347 -24.04 14.92 9.41
N LEU B 348 -22.81 14.81 8.92
CA LEU B 348 -21.98 13.64 9.19
C LEU B 348 -21.25 13.83 10.51
N SER B 349 -21.58 12.98 11.48
CA SER B 349 -20.94 13.03 12.79
C SER B 349 -20.67 11.65 13.39
N SER B 350 -20.91 10.57 12.66
CA SER B 350 -20.74 9.21 13.17
C SER B 350 -19.93 8.39 12.17
N PRO B 351 -18.63 8.68 12.03
CA PRO B 351 -17.84 7.94 11.03
C PRO B 351 -17.81 6.43 11.25
N GLY B 352 -17.74 5.98 12.50
CA GLY B 352 -17.56 4.56 12.77
C GLY B 352 -18.36 4.12 13.98
N LEU B 353 -18.32 2.81 14.22
CA LEU B 353 -19.01 2.23 15.37
C LEU B 353 -18.44 2.77 16.67
N ILE B 354 -17.12 2.85 16.77
CA ILE B 354 -16.44 3.52 17.88
C ILE B 354 -15.87 4.83 17.36
N ASN B 355 -16.09 5.90 18.12
CA ASN B 355 -15.57 7.22 17.79
C ASN B 355 -14.86 7.77 19.01
N PHE B 356 -13.54 7.96 18.90
CA PHE B 356 -12.76 8.43 20.04
C PHE B 356 -13.20 9.82 20.47
N GLY B 357 -13.34 10.75 19.52
CA GLY B 357 -13.67 12.13 19.79
C GLY B 357 -12.73 13.05 19.04
N ARG B 358 -12.67 14.29 19.50
CA ARG B 358 -11.81 15.32 18.92
C ARG B 358 -10.68 15.62 19.89
N PHE B 359 -9.44 15.56 19.39
CA PHE B 359 -8.26 15.77 20.21
C PHE B 359 -7.52 17.05 19.85
N ASP B 360 -8.15 17.96 19.11
CA ASP B 360 -7.51 19.19 18.65
C ASP B 360 -7.60 20.24 19.76
N SER B 361 -6.67 20.15 20.70
CA SER B 361 -6.60 21.08 21.82
C SER B 361 -5.16 21.24 22.25
N GLU B 362 -4.88 22.35 22.94
CA GLU B 362 -3.52 22.63 23.38
C GLU B 362 -3.03 21.60 24.37
N LYS B 363 -3.89 21.18 25.31
CA LYS B 363 -3.47 20.20 26.30
C LYS B 363 -2.99 18.92 25.65
N MET B 364 -3.58 18.56 24.51
CA MET B 364 -3.21 17.35 23.79
C MET B 364 -2.20 17.71 22.68
N GLY B 365 -1.02 18.13 23.13
CA GLY B 365 0.08 18.48 22.25
C GLY B 365 1.39 18.05 22.90
N TYR B 366 2.14 17.22 22.18
CA TYR B 366 3.33 16.54 22.74
C TYR B 366 4.59 17.28 22.39
N THR B 367 5.57 17.24 23.29
CA THR B 367 6.87 17.84 23.00
C THR B 367 7.94 16.78 22.78
N ILE B 368 9.08 17.21 22.23
CA ILE B 368 10.17 16.26 22.02
C ILE B 368 10.58 15.64 23.34
N GLN B 369 10.58 16.43 24.41
CA GLN B 369 10.95 15.87 25.71
C GLN B 369 10.07 14.70 26.09
N GLU B 370 8.82 14.69 25.61
CA GLU B 370 7.87 13.63 25.91
C GLU B 370 8.02 12.40 25.04
N ILE B 371 8.77 12.49 23.93
CA ILE B 371 8.93 11.33 23.05
C ILE B 371 9.50 10.14 23.80
N PRO B 372 10.58 10.28 24.59
CA PRO B 372 11.03 9.11 25.36
C PRO B 372 9.97 8.52 26.26
N ILE B 373 9.19 9.37 26.93
CA ILE B 373 8.17 8.87 27.85
C ILE B 373 7.22 7.93 27.11
N PHE B 374 6.69 8.37 25.97
CA PHE B 374 5.83 7.52 25.17
C PHE B 374 6.49 6.17 24.93
N ILE B 375 7.75 6.18 24.53
CA ILE B 375 8.45 4.93 24.23
C ILE B 375 8.38 4.00 25.44
N PHE B 376 8.62 4.54 26.64
CA PHE B 376 8.58 3.70 27.83
C PHE B 376 7.22 3.03 27.97
N MET B 377 6.14 3.78 27.75
CA MET B 377 4.82 3.16 27.86
C MET B 377 4.68 2.02 26.87
N GLY B 378 5.22 2.18 25.66
CA GLY B 378 5.22 1.07 24.73
C GLY B 378 5.78 -0.19 25.36
N VAL B 379 6.92 -0.06 26.03
CA VAL B 379 7.51 -1.21 26.71
C VAL B 379 6.49 -1.82 27.65
N VAL B 380 5.85 -0.99 28.47
CA VAL B 380 4.83 -1.50 29.38
C VAL B 380 3.75 -2.22 28.60
N GLY B 381 3.23 -1.58 27.55
CA GLY B 381 2.19 -2.22 26.76
C GLY B 381 2.69 -3.51 26.12
N GLY B 382 3.97 -3.56 25.79
CA GLY B 382 4.53 -4.78 25.26
C GLY B 382 4.56 -5.90 26.30
N ILE B 383 4.87 -5.56 27.55
CA ILE B 383 4.95 -6.58 28.59
C ILE B 383 3.56 -7.05 28.98
N LEU B 384 2.71 -6.12 29.38
CA LEU B 384 1.35 -6.49 29.77
C LEU B 384 0.66 -7.29 28.69
N GLY B 385 0.73 -6.81 27.44
CA GLY B 385 0.16 -7.57 26.34
C GLY B 385 0.62 -9.01 26.33
N ALA B 386 1.94 -9.22 26.46
CA ALA B 386 2.44 -10.58 26.53
C ALA B 386 1.76 -11.35 27.65
N LEU B 387 1.72 -10.78 28.85
CA LEU B 387 1.07 -11.45 29.97
C LEU B 387 -0.37 -11.80 29.62
N PHE B 388 -1.04 -10.93 28.88
CA PHE B 388 -2.36 -11.26 28.36
C PHE B 388 -2.28 -12.52 27.50
N ASN B 389 -1.55 -12.45 26.39
CA ASN B 389 -1.53 -13.56 25.45
C ASN B 389 -1.16 -14.86 26.14
N ALA B 390 -0.04 -14.87 26.86
CA ALA B 390 0.40 -16.09 27.52
C ALA B 390 -0.73 -16.69 28.33
N LEU B 391 -1.39 -15.89 29.17
CA LEU B 391 -2.46 -16.43 29.99
C LEU B 391 -3.50 -17.09 29.12
N ASN B 392 -3.99 -16.38 28.09
CA ASN B 392 -4.99 -16.97 27.21
C ASN B 392 -4.51 -18.31 26.68
N TYR B 393 -3.25 -18.39 26.24
CA TYR B 393 -2.75 -19.66 25.73
C TYR B 393 -3.08 -20.78 26.69
N TRP B 394 -2.68 -20.64 27.95
CA TRP B 394 -2.95 -21.68 28.92
C TRP B 394 -4.45 -21.93 29.02
N LEU B 395 -5.24 -20.87 29.17
CA LEU B 395 -6.68 -21.01 29.18
C LEU B 395 -7.15 -21.80 27.97
N THR B 396 -6.69 -21.40 26.78
CA THR B 396 -7.11 -22.11 25.58
C THR B 396 -6.88 -23.60 25.72
N MET B 397 -5.70 -23.99 26.19
CA MET B 397 -5.41 -25.41 26.34
C MET B 397 -6.44 -26.09 27.23
N PHE B 398 -6.72 -25.49 28.38
CA PHE B 398 -7.74 -26.07 29.25
C PHE B 398 -9.03 -26.28 28.48
N ARG B 399 -9.43 -25.27 27.70
CA ARG B 399 -10.68 -25.37 26.95
C ARG B 399 -10.62 -26.48 25.91
N ILE B 400 -9.45 -26.68 25.30
CA ILE B 400 -9.30 -27.78 24.35
C ILE B 400 -9.39 -29.12 25.08
N ARG B 401 -8.91 -29.16 26.32
CA ARG B 401 -8.82 -30.45 27.03
C ARG B 401 -10.16 -30.82 27.67
N TYR B 402 -10.83 -29.85 28.28
CA TYR B 402 -11.93 -30.14 29.18
C TYR B 402 -13.24 -29.45 28.81
N ILE B 403 -13.21 -28.40 28.01
CA ILE B 403 -14.42 -27.68 27.63
C ILE B 403 -14.59 -27.83 26.12
N HIS B 404 -14.18 -29.00 25.60
CA HIS B 404 -14.47 -29.33 24.21
C HIS B 404 -15.97 -29.44 23.92
N ARG B 405 -16.78 -29.87 24.89
CA ARG B 405 -18.17 -30.16 24.54
C ARG B 405 -18.95 -28.87 24.35
N PRO B 406 -19.90 -28.84 23.41
CA PRO B 406 -20.73 -27.64 23.24
C PRO B 406 -21.51 -27.27 24.48
N CYS B 407 -22.08 -28.25 25.18
CA CYS B 407 -22.85 -27.94 26.38
C CYS B 407 -21.97 -27.32 27.45
N LEU B 408 -20.79 -27.89 27.68
CA LEU B 408 -19.86 -27.30 28.62
C LEU B 408 -19.43 -25.91 28.17
N GLN B 409 -19.34 -25.69 26.85
CA GLN B 409 -18.99 -24.36 26.35
C GLN B 409 -20.06 -23.35 26.70
N VAL B 410 -21.33 -23.71 26.50
CA VAL B 410 -22.43 -22.82 26.86
C VAL B 410 -22.40 -22.54 28.35
N ILE B 411 -22.18 -23.58 29.16
CA ILE B 411 -22.14 -23.40 30.61
C ILE B 411 -20.99 -22.48 31.00
N GLU B 412 -19.83 -22.63 30.37
CA GLU B 412 -18.69 -21.78 30.69
C GLU B 412 -18.97 -20.33 30.32
N ALA B 413 -19.60 -20.10 29.17
CA ALA B 413 -19.96 -18.73 28.80
C ALA B 413 -20.91 -18.13 29.82
N MET B 414 -21.90 -18.92 30.26
CA MET B 414 -22.83 -18.42 31.28
C MET B 414 -22.09 -18.09 32.58
N LEU B 415 -21.16 -18.97 32.98
CA LEU B 415 -20.42 -18.73 34.21
C LEU B 415 -19.58 -17.47 34.11
N VAL B 416 -18.92 -17.26 32.98
CA VAL B 416 -18.13 -16.05 32.78
C VAL B 416 -19.02 -14.82 32.86
N ALA B 417 -20.18 -14.87 32.22
CA ALA B 417 -21.09 -13.73 32.27
C ALA B 417 -21.54 -13.45 33.70
N ALA B 418 -21.86 -14.49 34.45
CA ALA B 418 -22.30 -14.30 35.84
C ALA B 418 -21.20 -13.70 36.69
N VAL B 419 -19.97 -14.18 36.53
CA VAL B 419 -18.86 -13.64 37.30
C VAL B 419 -18.60 -12.19 36.91
N THR B 420 -18.71 -11.87 35.62
CA THR B 420 -18.56 -10.49 35.19
C THR B 420 -19.61 -9.60 35.84
N ALA B 421 -20.86 -10.06 35.87
CA ALA B 421 -21.92 -9.28 36.51
C ALA B 421 -21.63 -9.08 38.00
N ALA B 422 -21.20 -10.14 38.68
CA ALA B 422 -20.91 -10.04 40.10
C ALA B 422 -19.77 -9.07 40.37
N VAL B 423 -18.72 -9.12 39.55
CA VAL B 423 -17.62 -8.18 39.68
C VAL B 423 -18.16 -6.77 39.50
N GLY B 424 -19.02 -6.56 38.52
CA GLY B 424 -19.63 -5.25 38.34
C GLY B 424 -20.39 -4.78 39.56
N PHE B 425 -21.20 -5.65 40.16
CA PHE B 425 -21.98 -5.24 41.33
C PHE B 425 -21.06 -4.88 42.49
N VAL B 426 -20.09 -5.74 42.77
CA VAL B 426 -19.14 -5.47 43.85
C VAL B 426 -18.46 -4.13 43.62
N MET B 427 -17.97 -3.93 42.40
CA MET B 427 -17.47 -2.63 41.93
C MET B 427 -18.40 -1.48 42.32
N ILE B 428 -19.65 -1.54 41.85
CA ILE B 428 -20.53 -0.38 41.92
C ILE B 428 -20.87 -0.05 43.37
N TYR B 429 -21.06 -1.08 44.20
CA TYR B 429 -21.45 -0.81 45.58
C TYR B 429 -20.23 -0.48 46.45
N CYS B 430 -19.03 -0.90 46.04
CA CYS B 430 -17.84 -0.52 46.78
C CYS B 430 -17.45 0.93 46.48
N SER B 431 -17.61 1.36 45.23
CA SER B 431 -17.15 2.69 44.84
C SER B 431 -17.86 3.78 45.63
N ARG B 432 -19.18 3.65 45.79
CA ARG B 432 -19.96 4.65 46.51
C ARG B 432 -19.93 4.38 48.01
N ALA B 461 -19.17 1.56 35.07
CA ALA B 461 -18.72 1.43 33.69
C ALA B 461 -19.08 0.05 33.12
N PHE B 462 -19.25 -0.92 34.01
CA PHE B 462 -19.67 -2.26 33.59
C PHE B 462 -21.05 -2.19 32.93
N PHE B 463 -21.97 -1.42 33.51
CA PHE B 463 -23.28 -1.25 32.90
C PHE B 463 -23.17 -0.44 31.60
N ASN B 464 -22.22 0.50 31.55
CA ASN B 464 -22.05 1.35 30.39
C ASN B 464 -21.29 0.62 29.29
N THR B 465 -21.35 1.18 28.08
CA THR B 465 -20.64 0.60 26.96
C THR B 465 -19.13 0.82 27.11
N PRO B 466 -18.32 -0.15 26.66
CA PRO B 466 -16.86 0.06 26.71
C PRO B 466 -16.39 1.28 25.93
N GLU B 467 -17.03 1.56 24.79
CA GLU B 467 -16.56 2.66 23.95
C GLU B 467 -16.75 4.00 24.65
N LYS B 468 -17.89 4.19 25.32
CA LYS B 468 -18.12 5.43 26.06
C LYS B 468 -17.11 5.58 27.19
N SER B 469 -16.78 4.48 27.86
CA SER B 469 -15.76 4.54 28.90
C SER B 469 -14.40 4.93 28.32
N VAL B 470 -14.05 4.39 27.17
CA VAL B 470 -12.79 4.74 26.53
C VAL B 470 -12.78 6.24 26.20
N VAL B 471 -13.88 6.73 25.64
CA VAL B 471 -13.96 8.14 25.27
C VAL B 471 -13.82 9.03 26.49
N ASN B 472 -14.54 8.68 27.57
CA ASN B 472 -14.47 9.49 28.79
C ASN B 472 -13.06 9.46 29.37
N LEU B 473 -12.40 8.30 29.35
CA LEU B 473 -11.02 8.23 29.81
C LEU B 473 -10.13 9.13 28.96
N PHE B 474 -10.38 9.20 27.66
CA PHE B 474 -9.56 10.03 26.79
C PHE B 474 -9.77 11.51 27.07
N HIS B 475 -11.01 11.94 27.27
CA HIS B 475 -11.34 13.36 27.17
C HIS B 475 -11.78 14.02 28.47
N ASP B 476 -12.05 13.26 29.52
CA ASP B 476 -12.55 13.87 30.75
C ASP B 476 -11.47 14.73 31.39
N PRO B 477 -11.87 15.70 32.21
CA PRO B 477 -10.89 16.65 32.79
C PRO B 477 -9.94 15.94 33.75
N PRO B 478 -8.86 16.63 34.15
CA PRO B 478 -7.78 15.94 34.88
C PRO B 478 -8.21 15.27 36.17
N GLY B 479 -9.09 15.89 36.95
CA GLY B 479 -9.44 15.38 38.26
C GLY B 479 -10.61 14.42 38.29
N SER B 480 -10.89 13.75 37.17
CA SER B 480 -12.14 13.01 37.04
C SER B 480 -12.10 11.71 37.83
N TYR B 481 -10.98 10.99 37.82
CA TYR B 481 -10.91 9.63 38.32
C TYR B 481 -10.00 9.54 39.54
N ASN B 482 -10.45 8.78 40.53
CA ASN B 482 -9.58 8.43 41.66
C ASN B 482 -8.64 7.31 41.24
N PRO B 483 -7.32 7.45 41.47
CA PRO B 483 -6.40 6.41 40.96
C PRO B 483 -6.69 5.00 41.43
N MET B 484 -7.06 4.85 42.71
CA MET B 484 -7.29 3.52 43.34
C MET B 484 -8.34 2.75 42.56
N THR B 485 -9.54 3.31 42.32
CA THR B 485 -10.64 2.62 41.64
C THR B 485 -10.30 2.37 40.18
N LEU B 486 -9.61 3.32 39.54
CA LEU B 486 -9.20 3.13 38.15
C LEU B 486 -8.26 1.94 38.02
N GLY B 487 -7.31 1.80 38.94
CA GLY B 487 -6.42 0.65 38.91
C GLY B 487 -7.14 -0.66 39.18
N MET B 488 -8.08 -0.66 40.13
CA MET B 488 -8.87 -1.85 40.38
C MET B 488 -9.62 -2.27 39.13
N PHE B 489 -10.25 -1.31 38.45
CA PHE B 489 -10.93 -1.60 37.19
C PHE B 489 -9.95 -2.14 36.16
N THR B 490 -8.77 -1.53 36.06
CA THR B 490 -7.79 -2.00 35.09
C THR B 490 -7.48 -3.47 35.31
N LEU B 491 -7.14 -3.84 36.54
CA LEU B 491 -6.76 -5.22 36.84
C LEU B 491 -7.92 -6.17 36.58
N MET B 492 -9.10 -5.85 37.12
CA MET B 492 -10.25 -6.75 36.97
C MET B 492 -10.64 -6.91 35.52
N TYR B 493 -10.68 -5.82 34.76
CA TYR B 493 -11.06 -5.90 33.35
C TYR B 493 -10.00 -6.64 32.54
N PHE B 494 -8.72 -6.46 32.89
CA PHE B 494 -7.66 -7.24 32.24
C PHE B 494 -7.95 -8.73 32.38
N PHE B 495 -8.19 -9.18 33.61
CA PHE B 495 -8.37 -10.62 33.82
C PHE B 495 -9.69 -11.10 33.25
N LEU B 496 -10.72 -10.24 33.23
CA LEU B 496 -12.00 -10.65 32.66
C LEU B 496 -11.93 -10.75 31.15
N ALA B 497 -11.29 -9.78 30.49
CA ALA B 497 -11.12 -9.84 29.04
C ALA B 497 -10.28 -11.04 28.63
N CYS B 498 -9.22 -11.34 29.40
CA CYS B 498 -8.44 -12.53 29.11
C CYS B 498 -9.28 -13.80 29.20
N TRP B 499 -10.19 -13.86 30.16
CA TRP B 499 -11.05 -15.02 30.38
C TRP B 499 -12.26 -15.05 29.45
N THR B 500 -12.41 -14.04 28.58
CA THR B 500 -13.56 -13.95 27.71
C THR B 500 -13.23 -14.10 26.23
N TYR B 501 -11.97 -13.91 25.83
CA TYR B 501 -11.64 -13.88 24.41
C TYR B 501 -11.94 -15.20 23.71
N GLY B 502 -11.58 -16.31 24.34
CA GLY B 502 -11.71 -17.61 23.71
C GLY B 502 -13.05 -18.28 23.88
N LEU B 503 -14.02 -17.61 24.48
CA LEU B 503 -15.33 -18.21 24.68
C LEU B 503 -16.03 -18.45 23.34
N THR B 504 -16.97 -19.39 23.35
CA THR B 504 -17.77 -19.69 22.17
C THR B 504 -18.87 -18.64 22.01
N VAL B 505 -18.43 -17.40 21.84
CA VAL B 505 -19.31 -16.25 21.69
C VAL B 505 -18.70 -15.32 20.65
N SER B 506 -19.56 -14.71 19.84
CA SER B 506 -19.09 -13.78 18.82
C SER B 506 -18.68 -12.47 19.49
N ALA B 507 -17.39 -12.16 19.43
CA ALA B 507 -16.86 -11.03 20.19
C ALA B 507 -15.53 -10.61 19.59
N GLY B 508 -15.09 -9.41 19.98
CA GLY B 508 -13.79 -8.91 19.57
C GLY B 508 -12.99 -8.47 20.78
N VAL B 509 -11.69 -8.23 20.53
CA VAL B 509 -10.74 -7.88 21.59
C VAL B 509 -10.15 -6.50 21.40
N PHE B 510 -10.53 -5.78 20.34
CA PHE B 510 -9.97 -4.45 20.12
C PHE B 510 -10.38 -3.48 21.22
N ILE B 511 -11.68 -3.29 21.41
CA ILE B 511 -12.18 -2.31 22.36
C ILE B 511 -11.77 -2.68 23.78
N PRO B 512 -11.85 -3.95 24.20
CA PRO B 512 -11.32 -4.29 25.52
C PRO B 512 -9.85 -3.91 25.71
N SER B 513 -9.02 -4.18 24.70
CA SER B 513 -7.61 -3.82 24.78
C SER B 513 -7.44 -2.31 24.89
N LEU B 514 -8.19 -1.56 24.09
CA LEU B 514 -8.11 -0.10 24.15
C LEU B 514 -8.54 0.41 25.51
N LEU B 515 -9.57 -0.20 26.10
CA LEU B 515 -10.03 0.24 27.42
C LEU B 515 -8.97 -0.04 28.48
N ILE B 516 -8.36 -1.22 28.46
CA ILE B 516 -7.31 -1.53 29.43
C ILE B 516 -6.16 -0.55 29.29
N GLY B 517 -5.72 -0.32 28.05
CA GLY B 517 -4.62 0.59 27.82
C GLY B 517 -4.95 2.00 28.23
N ALA B 518 -6.18 2.46 27.95
CA ALA B 518 -6.58 3.79 28.34
C ALA B 518 -6.58 3.94 29.84
N ALA B 519 -7.04 2.91 30.56
CA ALA B 519 -7.07 3.00 32.02
C ALA B 519 -5.67 3.13 32.59
N TRP B 520 -4.76 2.24 32.21
CA TRP B 520 -3.44 2.35 32.84
C TRP B 520 -2.64 3.52 32.28
N GLY B 521 -2.98 3.98 31.07
CA GLY B 521 -2.37 5.20 30.57
C GLY B 521 -2.81 6.43 31.33
N ARG B 522 -4.09 6.47 31.74
CA ARG B 522 -4.65 7.60 32.52
C ARG B 522 -4.07 7.52 33.92
N LEU B 523 -3.74 6.34 34.45
CA LEU B 523 -3.02 6.26 35.71
C LEU B 523 -1.60 6.80 35.58
N PHE B 524 -0.93 6.45 34.49
CA PHE B 524 0.40 6.99 34.22
C PHE B 524 0.36 8.51 34.13
N GLY B 525 -0.65 9.05 33.46
CA GLY B 525 -0.78 10.49 33.34
C GLY B 525 -1.02 11.17 34.67
N ILE B 526 -1.85 10.55 35.52
CA ILE B 526 -2.09 11.09 36.85
C ILE B 526 -0.78 11.13 37.65
N SER B 527 -0.01 10.04 37.58
CA SER B 527 1.27 10.01 38.29
C SER B 527 2.22 11.08 37.76
N LEU B 528 2.26 11.25 36.43
CA LEU B 528 3.11 12.29 35.85
C LEU B 528 2.68 13.67 36.32
N SER B 529 1.37 13.93 36.34
CA SER B 529 0.87 15.23 36.78
C SER B 529 1.26 15.50 38.22
N TYR B 530 1.16 14.48 39.09
CA TYR B 530 1.61 14.66 40.46
C TYR B 530 3.10 14.95 40.51
N LEU B 531 3.89 14.19 39.76
CA LEU B 531 5.34 14.31 39.84
C LEU B 531 5.84 15.61 39.22
N SER B 532 5.12 16.13 38.22
CA SER B 532 5.51 17.35 37.52
C SER B 532 4.70 18.56 37.95
N LYS B 533 3.98 18.46 39.06
CA LYS B 533 3.22 19.58 39.64
C LYS B 533 2.22 20.14 38.63
N GLY B 534 1.32 19.28 38.17
CA GLY B 534 0.20 19.70 37.35
C GLY B 534 0.60 20.44 36.08
N SER B 535 1.60 19.94 35.37
CA SER B 535 2.04 20.59 34.16
C SER B 535 1.03 20.39 33.03
N ILE B 536 1.03 21.34 32.09
CA ILE B 536 0.14 21.22 30.93
C ILE B 536 0.56 20.04 30.07
N TRP B 537 1.88 19.78 29.97
CA TRP B 537 2.35 18.67 29.17
C TRP B 537 1.94 17.33 29.78
N ALA B 538 1.73 17.30 31.09
CA ALA B 538 1.30 16.08 31.78
C ALA B 538 -0.23 16.07 31.86
N ASP B 539 -0.86 15.79 30.72
CA ASP B 539 -2.31 15.71 30.64
C ASP B 539 -2.74 14.25 30.59
N PRO B 540 -3.61 13.79 31.48
CA PRO B 540 -3.92 12.35 31.54
C PRO B 540 -4.53 11.78 30.26
N GLY B 541 -5.32 12.57 29.51
CA GLY B 541 -6.02 12.01 28.36
C GLY B 541 -5.09 11.62 27.23
N LYS B 542 -4.09 12.46 26.96
CA LYS B 542 -3.11 12.15 25.94
C LYS B 542 -2.38 10.84 26.26
N TYR B 543 -1.97 10.68 27.50
CA TYR B 543 -1.32 9.45 27.91
C TYR B 543 -2.29 8.28 27.89
N ALA B 544 -3.59 8.53 28.10
CA ALA B 544 -4.57 7.47 27.97
C ALA B 544 -4.64 6.96 26.54
N LEU B 545 -4.65 7.88 25.57
CA LEU B 545 -4.63 7.46 24.17
C LEU B 545 -3.37 6.67 23.85
N MET B 546 -2.22 7.16 24.31
CA MET B 546 -0.97 6.43 24.06
C MET B 546 -1.01 5.04 24.68
N GLY B 547 -1.54 4.92 25.90
CA GLY B 547 -1.61 3.63 26.55
C GLY B 547 -2.57 2.68 25.84
N ALA B 548 -3.69 3.22 25.34
CA ALA B 548 -4.58 2.40 24.54
C ALA B 548 -3.85 1.82 23.34
N ALA B 549 -3.14 2.67 22.61
CA ALA B 549 -2.37 2.20 21.46
C ALA B 549 -1.37 1.13 21.88
N ALA B 550 -0.64 1.38 22.96
CA ALA B 550 0.40 0.45 23.38
C ALA B 550 -0.16 -0.90 23.79
N GLN B 551 -1.26 -0.90 24.55
CA GLN B 551 -1.86 -2.16 24.98
C GLN B 551 -2.41 -2.94 23.80
N LEU B 552 -3.07 -2.25 22.87
CA LEU B 552 -3.57 -2.94 21.68
C LEU B 552 -2.43 -3.51 20.85
N GLY B 553 -1.33 -2.77 20.75
CA GLY B 553 -0.17 -3.29 20.03
C GLY B 553 0.44 -4.50 20.71
N GLY B 554 0.54 -4.47 22.03
CA GLY B 554 1.07 -5.61 22.74
C GLY B 554 0.21 -6.84 22.60
N ILE B 555 -1.10 -6.70 22.75
CA ILE B 555 -1.99 -7.84 22.59
C ILE B 555 -2.03 -8.29 21.13
N VAL B 556 -2.19 -7.35 20.21
CA VAL B 556 -2.21 -7.64 18.79
C VAL B 556 -1.09 -6.83 18.14
N ARG B 557 -0.25 -7.51 17.36
CA ARG B 557 0.97 -6.91 16.83
C ARG B 557 0.72 -6.31 15.44
N MET B 558 -0.13 -5.29 15.41
CA MET B 558 -0.45 -4.57 14.18
C MET B 558 0.32 -3.26 14.15
N THR B 559 0.95 -2.95 13.01
CA THR B 559 1.90 -1.84 12.96
C THR B 559 1.47 -0.67 12.07
N LEU B 560 1.26 -0.92 10.77
CA LEU B 560 0.92 0.17 9.85
C LEU B 560 -0.57 0.45 9.88
N SER B 561 -1.38 -0.58 9.65
CA SER B 561 -2.82 -0.39 9.58
C SER B 561 -3.35 0.17 10.89
N LEU B 562 -2.82 -0.32 12.01
CA LEU B 562 -3.27 0.20 13.30
C LEU B 562 -2.86 1.64 13.51
N THR B 563 -1.65 2.01 13.07
CA THR B 563 -1.21 3.39 13.20
C THR B 563 -2.13 4.31 12.40
N VAL B 564 -2.43 3.94 11.16
CA VAL B 564 -3.29 4.78 10.32
C VAL B 564 -4.71 4.83 10.89
N ILE B 565 -5.20 3.70 11.40
CA ILE B 565 -6.53 3.65 12.00
C ILE B 565 -6.60 4.57 13.20
N MET B 566 -5.59 4.51 14.07
CA MET B 566 -5.56 5.37 15.25
C MET B 566 -5.48 6.84 14.85
N MET B 567 -4.69 7.15 13.83
CA MET B 567 -4.62 8.53 13.36
C MET B 567 -5.97 9.02 12.88
N GLU B 568 -6.67 8.20 12.09
CA GLU B 568 -7.94 8.63 11.53
C GLU B 568 -9.03 8.73 12.59
N ALA B 569 -9.11 7.73 13.48
CA ALA B 569 -10.10 7.78 14.55
C ALA B 569 -9.83 8.96 15.47
N THR B 570 -8.56 9.21 15.79
CA THR B 570 -8.19 10.38 16.58
C THR B 570 -8.51 11.66 15.83
N GLY B 571 -8.35 11.65 14.50
CA GLY B 571 -8.58 12.81 13.69
C GLY B 571 -7.37 13.70 13.48
N ASN B 572 -6.25 13.40 14.13
CA ASN B 572 -5.04 14.21 14.04
C ASN B 572 -3.95 13.41 13.35
N VAL B 573 -3.24 14.06 12.43
CA VAL B 573 -2.14 13.40 11.73
C VAL B 573 -0.85 13.53 12.54
N THR B 574 -0.76 14.57 13.36
CA THR B 574 0.48 14.79 14.11
C THR B 574 0.69 13.74 15.19
N TYR B 575 -0.39 13.22 15.76
CA TYR B 575 -0.26 12.20 16.80
C TYR B 575 0.22 10.87 16.25
N GLY B 576 0.29 10.72 14.93
CA GLY B 576 0.74 9.47 14.36
C GLY B 576 2.17 9.12 14.74
N PHE B 577 3.06 10.11 14.71
CA PHE B 577 4.47 9.82 14.98
C PHE B 577 4.67 9.24 16.37
N PRO B 578 4.08 9.78 17.44
CA PRO B 578 4.15 9.10 18.73
C PRO B 578 3.45 7.76 18.74
N ILE B 579 2.23 7.71 18.20
CA ILE B 579 1.49 6.46 18.17
C ILE B 579 2.31 5.38 17.47
N MET B 580 3.05 5.78 16.43
CA MET B 580 3.97 4.86 15.78
C MET B 580 4.99 4.32 16.77
N LEU B 581 5.69 5.21 17.47
CA LEU B 581 6.82 4.79 18.30
C LEU B 581 6.39 3.82 19.39
N VAL B 582 5.25 4.08 20.04
CA VAL B 582 4.74 3.12 21.01
C VAL B 582 4.41 1.80 20.33
N LEU B 583 3.69 1.86 19.21
CA LEU B 583 3.28 0.63 18.54
C LEU B 583 4.50 -0.16 18.09
N MET B 584 5.54 0.52 17.62
CA MET B 584 6.82 -0.13 17.40
C MET B 584 7.27 -0.87 18.65
N THR B 585 7.49 -0.13 19.74
CA THR B 585 8.10 -0.73 20.93
C THR B 585 7.25 -1.88 21.46
N ALA B 586 5.93 -1.68 21.55
CA ALA B 586 5.06 -2.73 22.03
C ALA B 586 5.29 -4.03 21.26
N LYS B 587 5.44 -3.94 19.94
CA LYS B 587 5.75 -5.14 19.17
C LYS B 587 7.11 -5.69 19.54
N ILE B 588 8.14 -4.84 19.51
CA ILE B 588 9.50 -5.33 19.66
C ILE B 588 9.66 -6.01 21.02
N VAL B 589 9.14 -5.40 22.07
CA VAL B 589 9.16 -6.03 23.37
C VAL B 589 8.25 -7.24 23.39
N GLY B 590 7.04 -7.11 22.84
CA GLY B 590 6.10 -8.22 22.90
C GLY B 590 6.61 -9.46 22.21
N ASP B 591 7.15 -9.30 20.99
CA ASP B 591 7.68 -10.43 20.25
C ASP B 591 8.81 -11.11 21.02
N TYR B 592 9.44 -10.40 21.96
CA TYR B 592 10.50 -11.02 22.74
C TYR B 592 9.95 -12.12 23.62
N PHE B 593 8.74 -11.94 24.16
CA PHE B 593 8.18 -12.90 25.10
C PHE B 593 7.30 -13.95 24.43
N VAL B 594 6.26 -13.53 23.71
CA VAL B 594 5.27 -14.44 23.15
C VAL B 594 4.83 -13.89 21.79
N GLU B 595 4.09 -14.71 21.03
CA GLU B 595 3.58 -14.25 19.75
C GLU B 595 2.22 -13.58 19.93
N GLY B 596 1.75 -12.96 18.85
CA GLY B 596 0.49 -12.24 18.90
C GLY B 596 -0.69 -13.16 19.06
N LEU B 597 -1.82 -12.55 19.47
CA LEU B 597 -3.01 -13.31 19.79
C LEU B 597 -3.55 -14.04 18.56
N TYR B 598 -3.77 -13.31 17.47
CA TYR B 598 -4.29 -13.94 16.26
C TYR B 598 -3.32 -14.98 15.73
N ASP B 599 -2.03 -14.65 15.69
CA ASP B 599 -1.05 -15.65 15.32
C ASP B 599 -1.17 -16.86 16.23
N MET B 600 -1.13 -16.64 17.54
CA MET B 600 -1.17 -17.74 18.50
C MET B 600 -2.33 -18.68 18.20
N HIS B 601 -3.51 -18.13 17.96
CA HIS B 601 -4.66 -18.98 17.69
C HIS B 601 -4.52 -19.67 16.33
N ILE B 602 -3.86 -19.02 15.37
CA ILE B 602 -3.62 -19.67 14.09
C ILE B 602 -2.70 -20.87 14.26
N GLN B 603 -1.60 -20.72 15.02
CA GLN B 603 -0.78 -21.89 15.30
C GLN B 603 -1.59 -22.97 15.99
N LEU B 604 -2.40 -22.61 16.98
CA LEU B 604 -3.14 -23.63 17.71
C LEU B 604 -4.12 -24.37 16.80
N GLN B 605 -4.71 -23.66 15.83
CA GLN B 605 -5.59 -24.32 14.88
C GLN B 605 -4.82 -25.12 13.84
N SER B 606 -3.50 -24.96 13.80
CA SER B 606 -2.63 -25.71 12.90
C SER B 606 -2.89 -25.39 11.44
N VAL B 607 -3.28 -24.14 11.18
CA VAL B 607 -3.49 -23.72 9.78
C VAL B 607 -2.14 -23.49 9.13
N PRO B 608 -1.94 -23.91 7.88
CA PRO B 608 -0.68 -23.59 7.19
C PRO B 608 -0.63 -22.11 6.81
N PHE B 609 0.13 -21.32 7.55
CA PHE B 609 0.12 -19.87 7.42
C PHE B 609 1.51 -19.40 6.98
N LEU B 610 1.55 -18.63 5.90
CA LEU B 610 2.79 -18.08 5.39
C LEU B 610 2.97 -16.67 5.95
N HIS B 611 4.15 -16.42 6.52
CA HIS B 611 4.47 -15.11 7.06
C HIS B 611 4.95 -14.20 5.94
N TRP B 612 5.32 -12.97 6.31
CA TRP B 612 5.69 -11.99 5.29
C TRP B 612 6.95 -12.42 4.56
N GLU B 613 7.93 -12.95 5.28
CA GLU B 613 9.17 -13.43 4.67
C GLU B 613 9.59 -14.71 5.35
N ALA B 614 10.53 -15.40 4.73
CA ALA B 614 11.03 -16.66 5.25
C ALA B 614 11.93 -16.41 6.45
N PRO B 615 12.21 -17.44 7.23
CA PRO B 615 13.14 -17.29 8.35
C PRO B 615 14.46 -16.72 7.87
N VAL B 616 15.06 -15.87 8.70
CA VAL B 616 16.20 -15.06 8.26
C VAL B 616 17.35 -15.97 7.82
N THR B 617 17.61 -17.03 8.58
CA THR B 617 18.65 -17.99 8.23
C THR B 617 18.10 -19.06 7.28
N SER B 618 17.72 -18.61 6.08
CA SER B 618 17.14 -19.48 5.08
C SER B 618 17.85 -19.43 3.74
N HIS B 619 18.77 -18.50 3.54
CA HIS B 619 19.58 -18.55 2.32
C HIS B 619 20.39 -19.84 2.26
N SER B 620 20.67 -20.45 3.41
CA SER B 620 21.32 -21.75 3.42
C SER B 620 20.45 -22.80 2.76
N LEU B 621 19.14 -22.76 3.00
CA LEU B 621 18.23 -23.74 2.43
C LEU B 621 17.94 -23.42 0.97
N THR B 622 17.66 -24.47 0.20
CA THR B 622 17.37 -24.36 -1.22
C THR B 622 16.12 -25.18 -1.52
N ALA B 623 15.57 -24.97 -2.73
CA ALA B 623 14.34 -25.64 -3.11
C ALA B 623 14.46 -27.15 -2.99
N ARG B 624 15.66 -27.70 -3.18
CA ARG B 624 15.92 -29.16 -3.08
C ARG B 624 15.49 -29.66 -1.71
N GLU B 625 15.72 -28.91 -0.63
CA GLU B 625 15.26 -29.29 0.70
C GLU B 625 13.76 -29.10 0.83
N VAL B 626 13.25 -27.97 0.33
CA VAL B 626 11.85 -27.63 0.53
C VAL B 626 10.94 -28.52 -0.32
N MET B 627 11.36 -28.89 -1.52
CA MET B 627 10.47 -29.56 -2.46
C MET B 627 10.16 -30.97 -1.99
N SER B 628 9.02 -31.47 -2.45
CA SER B 628 8.53 -32.81 -2.11
C SER B 628 8.79 -33.75 -3.27
N THR B 629 9.39 -34.90 -2.98
CA THR B 629 9.69 -35.94 -3.96
C THR B 629 9.31 -37.30 -3.40
N PRO B 630 8.96 -38.26 -4.25
CA PRO B 630 8.76 -38.16 -5.70
C PRO B 630 7.47 -37.46 -6.07
N VAL B 631 7.32 -37.02 -7.31
CA VAL B 631 6.17 -36.25 -7.76
C VAL B 631 5.26 -37.12 -8.60
N THR B 632 3.95 -37.00 -8.38
CA THR B 632 2.96 -37.72 -9.15
C THR B 632 2.53 -36.85 -10.33
N CYS B 633 2.91 -37.26 -11.54
CA CYS B 633 2.67 -36.47 -12.74
C CYS B 633 1.78 -37.25 -13.70
N LEU B 634 1.17 -36.52 -14.62
CA LEU B 634 0.28 -37.08 -15.62
C LEU B 634 0.82 -36.79 -17.02
N ARG B 635 0.82 -37.81 -17.86
CA ARG B 635 1.19 -37.60 -19.25
C ARG B 635 0.13 -36.75 -19.95
N ARG B 636 0.55 -36.01 -20.97
CA ARG B 636 -0.37 -35.12 -21.67
C ARG B 636 -1.57 -35.90 -22.20
N ILE B 637 -1.30 -37.03 -22.84
CA ILE B 637 -2.35 -37.97 -23.24
C ILE B 637 -2.26 -39.14 -22.28
N GLU B 638 -3.25 -39.26 -21.40
CA GLU B 638 -3.19 -40.19 -20.28
C GLU B 638 -4.39 -41.12 -20.29
N ARG B 639 -4.15 -42.38 -19.94
CA ARG B 639 -5.24 -43.33 -19.81
C ARG B 639 -6.24 -42.86 -18.76
N VAL B 640 -7.53 -43.04 -19.05
CA VAL B 640 -8.55 -42.64 -18.10
C VAL B 640 -8.41 -43.42 -16.80
N GLY B 641 -8.06 -44.70 -16.90
CA GLY B 641 -7.84 -45.50 -15.71
C GLY B 641 -6.75 -44.93 -14.83
N THR B 642 -5.67 -44.44 -15.45
CA THR B 642 -4.57 -43.88 -14.67
C THR B 642 -5.01 -42.64 -13.89
N VAL B 643 -5.75 -41.75 -14.55
CA VAL B 643 -6.24 -40.55 -13.88
C VAL B 643 -7.18 -40.93 -12.75
N VAL B 644 -8.09 -41.87 -13.02
CA VAL B 644 -9.04 -42.30 -11.99
C VAL B 644 -8.32 -42.91 -10.81
N ASP B 645 -7.26 -43.68 -11.07
CA ASP B 645 -6.50 -44.29 -9.98
C ASP B 645 -5.75 -43.24 -9.18
N ILE B 646 -5.14 -42.27 -9.86
CA ILE B 646 -4.38 -41.23 -9.17
C ILE B 646 -5.31 -40.42 -8.27
N LEU B 647 -6.50 -40.07 -8.77
CA LEU B 647 -7.42 -39.26 -7.99
C LEU B 647 -8.11 -40.08 -6.91
N SER B 648 -8.33 -41.37 -7.16
CA SER B 648 -9.04 -42.22 -6.22
C SER B 648 -8.18 -42.62 -5.03
N ASP B 649 -6.86 -42.47 -5.12
CA ASP B 649 -5.98 -42.85 -4.03
C ASP B 649 -6.37 -42.11 -2.76
N THR B 650 -6.53 -42.86 -1.67
CA THR B 650 -6.82 -42.28 -0.37
C THR B 650 -5.57 -42.09 0.47
N SER B 651 -4.42 -42.57 0.01
CA SER B 651 -3.16 -42.29 0.72
C SER B 651 -2.85 -40.81 0.71
N SER B 652 -3.09 -40.14 -0.42
CA SER B 652 -2.84 -38.72 -0.57
C SER B 652 -4.03 -38.06 -1.26
N ASN B 653 -4.13 -36.75 -1.10
CA ASN B 653 -5.22 -35.97 -1.68
C ASN B 653 -4.63 -34.76 -2.40
N HIS B 654 -3.62 -35.01 -3.24
CA HIS B 654 -3.02 -33.93 -4.01
C HIS B 654 -4.05 -33.32 -4.95
N ASN B 655 -4.05 -31.99 -5.02
CA ASN B 655 -4.97 -31.26 -5.87
C ASN B 655 -4.30 -30.59 -7.06
N GLY B 656 -3.01 -30.82 -7.26
CA GLY B 656 -2.30 -30.27 -8.40
C GLY B 656 -1.29 -31.25 -8.94
N PHE B 657 -1.30 -31.48 -10.25
CA PHE B 657 -0.47 -32.50 -10.88
C PHE B 657 0.29 -31.88 -12.04
N PRO B 658 1.61 -31.95 -12.05
CA PRO B 658 2.34 -31.54 -13.26
C PRO B 658 2.05 -32.47 -14.42
N VAL B 659 2.04 -31.89 -15.61
CA VAL B 659 1.77 -32.60 -16.85
C VAL B 659 3.06 -32.66 -17.65
N VAL B 660 3.54 -33.88 -17.89
CA VAL B 660 4.85 -34.13 -18.46
C VAL B 660 4.69 -34.61 -19.89
N GLU B 661 5.82 -34.69 -20.59
CA GLU B 661 5.83 -35.17 -21.96
C GLU B 661 5.28 -36.58 -22.05
N SER B 662 4.46 -36.83 -23.07
CA SER B 662 3.92 -38.15 -23.35
C SER B 662 4.53 -38.80 -24.56
N ASN B 663 4.98 -38.01 -25.54
CA ASN B 663 5.56 -38.57 -26.74
C ASN B 663 6.89 -39.26 -26.42
N PRO B 664 7.18 -40.41 -27.04
CA PRO B 664 8.47 -41.06 -26.78
C PRO B 664 9.64 -40.36 -27.44
N ASN B 665 9.40 -39.43 -28.36
CA ASN B 665 10.48 -38.84 -29.14
C ASN B 665 11.44 -38.04 -28.26
N THR B 666 10.90 -37.25 -27.34
CA THR B 666 11.73 -36.33 -26.57
C THR B 666 12.69 -37.08 -25.65
N THR B 667 13.88 -36.50 -25.45
CA THR B 667 14.84 -37.09 -24.54
C THR B 667 14.40 -36.96 -23.09
N GLN B 668 13.68 -35.89 -22.77
CA GLN B 668 13.28 -35.63 -21.40
C GLN B 668 12.49 -36.81 -20.82
N VAL B 669 12.87 -37.22 -19.61
CA VAL B 669 12.11 -38.26 -18.92
C VAL B 669 10.78 -37.71 -18.41
N ALA B 670 10.80 -36.51 -17.84
CA ALA B 670 9.62 -35.90 -17.25
C ALA B 670 9.52 -34.43 -17.62
N GLY B 671 9.72 -34.12 -18.90
CA GLY B 671 9.70 -32.75 -19.35
C GLY B 671 8.41 -32.04 -19.01
N LEU B 672 8.51 -30.88 -18.38
CA LEU B 672 7.33 -30.16 -17.90
C LEU B 672 6.61 -29.52 -19.08
N ARG B 673 5.36 -29.89 -19.28
CA ARG B 673 4.50 -29.27 -20.28
C ARG B 673 3.39 -28.42 -19.68
N GLY B 674 2.92 -28.76 -18.49
CA GLY B 674 1.88 -27.95 -17.88
C GLY B 674 1.62 -28.35 -16.45
N LEU B 675 0.50 -27.85 -15.93
CA LEU B 675 -0.02 -28.26 -14.63
C LEU B 675 -1.54 -28.30 -14.73
N ILE B 676 -2.14 -29.36 -14.18
CA ILE B 676 -3.58 -29.51 -14.17
C ILE B 676 -4.02 -29.72 -12.73
N LEU B 677 -5.30 -29.55 -12.48
CA LEU B 677 -5.85 -29.62 -11.14
C LEU B 677 -6.85 -30.78 -11.03
N ARG B 678 -7.05 -31.23 -9.80
CA ARG B 678 -8.01 -32.30 -9.55
C ARG B 678 -9.41 -31.89 -9.99
N SER B 679 -9.78 -30.63 -9.75
CA SER B 679 -11.11 -30.16 -10.12
C SER B 679 -11.32 -30.23 -11.63
N GLN B 680 -10.34 -29.78 -12.40
CA GLN B 680 -10.45 -29.80 -13.86
C GLN B 680 -10.55 -31.23 -14.37
N LEU B 681 -9.73 -32.12 -13.83
CA LEU B 681 -9.79 -33.53 -14.22
C LEU B 681 -11.15 -34.12 -13.88
N ILE B 682 -11.71 -33.75 -12.73
CA ILE B 682 -13.02 -34.26 -12.33
C ILE B 682 -14.09 -33.79 -13.30
N VAL B 683 -14.05 -32.51 -13.69
CA VAL B 683 -15.00 -32.01 -14.67
C VAL B 683 -14.87 -32.78 -15.98
N LEU B 684 -13.64 -32.97 -16.45
CA LEU B 684 -13.44 -33.67 -17.72
C LEU B 684 -13.94 -35.09 -17.66
N LEU B 685 -13.66 -35.80 -16.56
CA LEU B 685 -14.13 -37.16 -16.41
C LEU B 685 -15.65 -37.21 -16.35
N LYS B 686 -16.27 -36.24 -15.66
CA LYS B 686 -17.72 -36.19 -15.56
C LYS B 686 -18.34 -36.03 -16.94
N HIS B 687 -17.80 -35.12 -17.74
CA HIS B 687 -18.33 -34.89 -19.08
C HIS B 687 -17.79 -35.88 -20.11
N LYS B 688 -16.97 -36.83 -19.68
CA LYS B 688 -16.45 -37.88 -20.55
C LYS B 688 -15.80 -37.27 -21.80
N VAL B 689 -14.92 -36.31 -21.58
CA VAL B 689 -14.17 -35.66 -22.65
C VAL B 689 -12.95 -36.51 -22.96
N PHE B 690 -13.11 -37.49 -23.84
CA PHE B 690 -12.05 -38.41 -24.20
C PHE B 690 -11.76 -38.30 -25.69
N VAL B 691 -10.50 -38.56 -26.05
CA VAL B 691 -10.12 -38.55 -27.46
C VAL B 691 -10.90 -39.63 -28.21
N GLU B 692 -11.12 -40.77 -27.56
CA GLU B 692 -11.88 -41.86 -28.17
C GLU B 692 -13.37 -41.60 -28.05
N ARG B 701 -20.25 -31.97 -28.25
CA ARG B 701 -20.20 -30.75 -27.44
C ARG B 701 -18.82 -30.57 -26.81
N ARG B 702 -18.21 -29.43 -27.09
CA ARG B 702 -16.90 -29.10 -26.54
C ARG B 702 -17.07 -28.21 -25.32
N LEU B 703 -16.26 -28.47 -24.29
CA LEU B 703 -16.42 -27.75 -23.04
C LEU B 703 -16.10 -26.27 -23.21
N LYS B 704 -16.74 -25.46 -22.38
CA LYS B 704 -16.49 -24.03 -22.27
C LYS B 704 -16.07 -23.72 -20.85
N LEU B 705 -15.39 -22.59 -20.68
CA LEU B 705 -14.88 -22.23 -19.37
C LEU B 705 -16.00 -22.13 -18.34
N LYS B 706 -17.23 -21.88 -18.80
CA LYS B 706 -18.37 -21.86 -17.88
C LYS B 706 -18.61 -23.23 -17.26
N ASP B 707 -18.46 -24.29 -18.06
CA ASP B 707 -18.73 -25.64 -17.57
C ASP B 707 -17.92 -25.94 -16.31
N PHE B 708 -16.68 -25.44 -16.25
CA PHE B 708 -15.89 -25.58 -15.04
C PHE B 708 -16.42 -24.69 -13.93
N ARG B 709 -16.91 -23.50 -14.29
CA ARG B 709 -17.40 -22.57 -13.28
C ARG B 709 -18.72 -23.04 -12.68
N ASP B 710 -19.44 -23.91 -13.38
CA ASP B 710 -20.68 -24.45 -12.83
C ASP B 710 -20.42 -25.27 -11.57
N ALA B 711 -19.38 -26.11 -11.60
CA ALA B 711 -19.04 -26.89 -10.42
C ALA B 711 -18.62 -26.00 -9.26
N TYR B 712 -17.88 -24.94 -9.55
CA TYR B 712 -17.43 -24.03 -8.51
C TYR B 712 -18.62 -23.51 -7.71
N PRO B 713 -18.48 -23.39 -6.38
CA PRO B 713 -17.28 -23.60 -5.56
C PRO B 713 -16.99 -25.07 -5.24
N ARG B 714 -18.06 -25.87 -5.11
CA ARG B 714 -17.99 -27.28 -4.63
C ARG B 714 -17.92 -28.27 -5.79
N PHE B 715 -16.81 -28.99 -5.93
CA PHE B 715 -16.47 -29.97 -6.94
C PHE B 715 -16.81 -31.38 -6.47
N PRO B 716 -17.47 -32.19 -7.29
CA PRO B 716 -17.83 -33.53 -6.84
C PRO B 716 -16.59 -34.35 -6.57
N PRO B 717 -16.66 -35.29 -5.62
CA PRO B 717 -15.51 -36.15 -5.35
C PRO B 717 -15.28 -37.15 -6.48
N ILE B 718 -14.05 -37.64 -6.54
CA ILE B 718 -13.71 -38.67 -7.53
C ILE B 718 -14.60 -39.90 -7.36
N GLN B 719 -15.00 -40.19 -6.12
CA GLN B 719 -15.87 -41.34 -5.88
C GLN B 719 -17.17 -41.21 -6.65
N SER B 720 -17.66 -39.98 -6.83
CA SER B 720 -18.95 -39.78 -7.49
C SER B 720 -18.87 -40.16 -8.96
N ILE B 721 -17.77 -39.82 -9.63
CA ILE B 721 -17.66 -40.11 -11.06
C ILE B 721 -17.65 -41.61 -11.27
N HIS B 722 -18.37 -42.05 -12.30
CA HIS B 722 -18.37 -43.45 -12.71
C HIS B 722 -17.65 -43.57 -14.04
N VAL B 723 -16.70 -44.51 -14.11
CA VAL B 723 -15.90 -44.75 -15.29
C VAL B 723 -15.96 -46.26 -15.55
N SER B 724 -16.54 -46.64 -16.68
CA SER B 724 -16.67 -48.05 -16.99
C SER B 724 -15.35 -48.61 -17.49
N GLN B 725 -15.18 -49.93 -17.34
CA GLN B 725 -13.93 -50.56 -17.73
C GLN B 725 -13.59 -50.26 -19.19
N ASP B 726 -14.60 -50.20 -20.05
CA ASP B 726 -14.35 -49.77 -21.42
C ASP B 726 -13.85 -48.34 -21.46
N GLU B 727 -14.43 -47.47 -20.64
CA GLU B 727 -13.98 -46.08 -20.61
C GLU B 727 -12.60 -45.97 -19.97
N ARG B 728 -12.29 -46.86 -19.02
CA ARG B 728 -10.98 -46.83 -18.38
C ARG B 728 -9.84 -47.04 -19.36
N GLU B 729 -10.12 -47.65 -20.50
CA GLU B 729 -9.12 -47.90 -21.52
C GLU B 729 -8.96 -46.74 -22.49
N CYS B 730 -9.79 -45.71 -22.39
CA CYS B 730 -9.71 -44.56 -23.27
C CYS B 730 -8.59 -43.63 -22.80
N MET B 731 -8.47 -42.50 -23.49
CA MET B 731 -7.42 -41.53 -23.21
C MET B 731 -8.02 -40.14 -23.06
N ILE B 732 -7.31 -39.30 -22.31
CA ILE B 732 -7.66 -37.90 -22.10
C ILE B 732 -6.47 -37.06 -22.56
N ASP B 733 -6.75 -36.07 -23.41
CA ASP B 733 -5.74 -35.10 -23.83
C ASP B 733 -5.90 -33.86 -22.97
N LEU B 734 -4.89 -33.57 -22.17
CA LEU B 734 -4.94 -32.48 -21.21
C LEU B 734 -4.38 -31.17 -21.74
N SER B 735 -3.98 -31.13 -23.01
CA SER B 735 -3.34 -29.93 -23.54
C SER B 735 -4.30 -28.74 -23.57
N GLU B 736 -5.54 -28.96 -23.97
CA GLU B 736 -6.48 -27.86 -24.09
C GLU B 736 -6.89 -27.31 -22.73
N PHE B 737 -6.70 -28.09 -21.67
CA PHE B 737 -7.20 -27.73 -20.35
C PHE B 737 -6.09 -27.46 -19.35
N MET B 738 -4.88 -27.98 -19.57
CA MET B 738 -3.80 -27.76 -18.63
C MET B 738 -3.35 -26.31 -18.68
N ASN B 739 -2.71 -25.87 -17.60
CA ASN B 739 -2.07 -24.58 -17.59
C ASN B 739 -0.78 -24.68 -18.40
N PRO B 740 -0.73 -24.11 -19.60
CA PRO B 740 0.43 -24.36 -20.47
C PRO B 740 1.73 -23.87 -19.89
N SER B 741 1.69 -22.93 -18.96
CA SER B 741 2.86 -22.23 -18.46
C SER B 741 2.85 -22.21 -16.94
N PRO B 742 3.33 -23.28 -16.30
CA PRO B 742 3.39 -23.27 -14.84
C PRO B 742 4.60 -22.47 -14.35
N TYR B 743 4.42 -21.79 -13.22
CA TYR B 743 5.54 -21.13 -12.58
C TYR B 743 6.54 -22.18 -12.09
N THR B 744 7.82 -21.89 -12.27
CA THR B 744 8.87 -22.87 -12.05
C THR B 744 10.07 -22.19 -11.40
N VAL B 745 10.81 -22.98 -10.62
CA VAL B 745 12.07 -22.50 -10.03
C VAL B 745 13.13 -23.55 -10.20
N PRO B 746 14.39 -23.12 -10.30
CA PRO B 746 15.49 -24.10 -10.32
C PRO B 746 15.63 -24.83 -9.01
N ARG B 747 16.17 -26.04 -9.09
CA ARG B 747 16.42 -26.83 -7.89
C ARG B 747 17.43 -26.15 -6.98
N GLU B 748 18.39 -25.43 -7.57
CA GLU B 748 19.41 -24.72 -6.80
C GLU B 748 19.04 -23.24 -6.64
N ALA B 749 17.91 -23.02 -5.96
CA ALA B 749 17.39 -21.69 -5.72
C ALA B 749 17.19 -21.48 -4.22
N SER B 750 17.55 -20.28 -3.75
CA SER B 750 17.47 -19.98 -2.33
C SER B 750 16.03 -19.98 -1.86
N LEU B 751 15.83 -20.46 -0.64
CA LEU B 751 14.48 -20.48 -0.06
C LEU B 751 13.82 -19.11 -0.04
N PRO B 752 14.52 -18.02 0.30
CA PRO B 752 13.87 -16.71 0.25
C PRO B 752 13.24 -16.38 -1.09
N ARG B 753 13.89 -16.75 -2.19
CA ARG B 753 13.34 -16.48 -3.51
C ARG B 753 12.07 -17.29 -3.77
N VAL B 754 12.11 -18.59 -3.45
CA VAL B 754 10.92 -19.42 -3.61
C VAL B 754 9.78 -18.84 -2.80
N PHE B 755 10.05 -18.45 -1.56
CA PHE B 755 9.03 -17.88 -0.69
C PHE B 755 8.47 -16.58 -1.27
N LYS B 756 9.36 -15.71 -1.76
CA LYS B 756 8.92 -14.43 -2.31
C LYS B 756 8.02 -14.63 -3.52
N LEU B 757 8.44 -15.48 -4.46
CA LEU B 757 7.63 -15.75 -5.63
C LEU B 757 6.30 -16.39 -5.26
N PHE B 758 6.33 -17.33 -4.30
CA PHE B 758 5.12 -18.03 -3.89
C PHE B 758 4.11 -17.09 -3.27
N ARG B 759 4.59 -16.19 -2.39
CA ARG B 759 3.67 -15.30 -1.68
C ARG B 759 3.18 -14.18 -2.58
N ALA B 760 4.07 -13.61 -3.39
CA ALA B 760 3.70 -12.45 -4.20
C ALA B 760 2.61 -12.79 -5.21
N LEU B 761 2.75 -13.92 -5.89
CA LEU B 761 1.83 -14.29 -6.96
C LEU B 761 0.66 -15.13 -6.48
N GLY B 762 0.58 -15.43 -5.20
CA GLY B 762 -0.51 -16.24 -4.68
C GLY B 762 -0.55 -17.63 -5.28
N LEU B 763 0.61 -18.26 -5.43
CA LEU B 763 0.66 -19.57 -6.07
C LEU B 763 0.18 -20.65 -5.11
N ARG B 764 -0.48 -21.66 -5.67
CA ARG B 764 -0.86 -22.86 -4.94
C ARG B 764 0.14 -23.99 -5.15
N HIS B 765 0.73 -24.07 -6.34
CA HIS B 765 1.71 -25.09 -6.68
C HIS B 765 2.90 -24.44 -7.36
N LEU B 766 4.10 -24.88 -7.00
CA LEU B 766 5.32 -24.47 -7.66
C LEU B 766 6.11 -25.72 -8.04
N VAL B 767 6.61 -25.77 -9.27
CA VAL B 767 7.30 -26.94 -9.77
C VAL B 767 8.79 -26.67 -9.78
N VAL B 768 9.56 -27.57 -9.17
CA VAL B 768 11.01 -27.52 -9.16
C VAL B 768 11.53 -28.50 -10.20
N VAL B 769 12.36 -28.00 -11.12
CA VAL B 769 12.77 -28.73 -12.31
C VAL B 769 14.28 -28.80 -12.38
N ASN B 770 14.76 -29.68 -13.27
CA ASN B 770 16.17 -29.85 -13.54
C ASN B 770 16.65 -28.80 -14.52
N ASN B 771 17.95 -28.82 -14.84
CA ASN B 771 18.47 -27.97 -15.91
C ASN B 771 17.78 -28.26 -17.23
N HIS B 772 17.36 -29.50 -17.45
CA HIS B 772 16.72 -29.91 -18.68
C HIS B 772 15.20 -29.74 -18.63
N ASN B 773 14.69 -29.04 -17.61
CA ASN B 773 13.25 -28.79 -17.46
C ASN B 773 12.50 -30.10 -17.26
N GLU B 774 13.06 -30.97 -16.42
CA GLU B 774 12.43 -32.20 -16.00
C GLU B 774 11.96 -32.05 -14.56
N VAL B 775 10.71 -32.40 -14.31
CA VAL B 775 10.12 -32.20 -12.99
C VAL B 775 10.90 -33.02 -11.96
N VAL B 776 11.33 -32.37 -10.89
CA VAL B 776 12.04 -33.04 -9.81
C VAL B 776 11.34 -32.88 -8.47
N GLY B 777 10.51 -31.85 -8.30
CA GLY B 777 9.84 -31.68 -7.03
C GLY B 777 8.68 -30.71 -7.11
N MET B 778 7.92 -30.68 -6.01
CA MET B 778 6.77 -29.80 -5.88
C MET B 778 6.87 -29.04 -4.56
N VAL B 779 6.74 -27.73 -4.63
CA VAL B 779 6.72 -26.87 -3.46
C VAL B 779 5.30 -26.30 -3.32
N THR B 780 4.71 -26.47 -2.15
CA THR B 780 3.39 -25.97 -1.84
C THR B 780 3.45 -25.11 -0.58
N ARG B 781 2.28 -24.66 -0.14
CA ARG B 781 2.14 -23.82 1.07
C ARG B 781 2.73 -24.52 2.30
N LYS B 782 2.46 -25.80 2.53
CA LYS B 782 2.96 -26.50 3.72
C LYS B 782 4.46 -26.69 3.64
N ASP B 783 5.02 -26.75 2.43
CA ASP B 783 6.46 -26.88 2.29
C ASP B 783 7.18 -25.64 2.81
N LEU B 784 6.60 -24.46 2.58
CA LEU B 784 7.26 -23.22 2.99
C LEU B 784 6.88 -22.83 4.41
N ALA B 785 5.72 -23.28 4.88
CA ALA B 785 5.29 -22.93 6.23
C ALA B 785 6.01 -23.76 7.30
N ARG B 786 6.61 -24.89 6.90
CA ARG B 786 7.21 -25.77 7.91
C ARG B 786 8.36 -25.09 8.63
N TYR B 787 9.19 -24.35 7.91
CA TYR B 787 10.39 -23.76 8.48
C TYR B 787 10.03 -22.55 9.33
N ARG B 788 10.46 -22.57 10.59
CA ARG B 788 10.17 -21.49 11.51
C ARG B 788 10.97 -21.65 12.81
#